data_6JKS
#
_entry.id   6JKS
#
_cell.length_a   88.325
_cell.length_b   157.305
_cell.length_c   88.592
_cell.angle_alpha   90.00
_cell.angle_beta   119.73
_cell.angle_gamma   90.00
#
_symmetry.space_group_name_H-M   'P 1 21 1'
#
loop_
_entity.id
_entity.type
_entity.pdbx_description
1 polymer 'Aspartate carbamoyltransferase, putative'
2 non-polymer 'PHOSPHORIC ACID MONO(FORMAMIDE)ESTER'
3 non-polymer 'ASPARTIC ACID'
4 water water
#
_entity_poly.entity_id   1
_entity_poly.type   'polypeptide(L)'
_entity_poly.pdbx_seq_one_letter_code
;GSMLELPPVASLKGKSITSAEQFSRADIYALIHLASAMQRKIDAGEVLNLLQGRIMTPLFFEDSSRTFSSFCAAMIRLGG
SVVNFKVEASSINKGETLADTIRTLDSYSDVLVMRHPRQDAIEEALSVAQHPILNAGNGAGEHPTQALLDTLTIHSELGS
VDGITIALIGDLKMGRTVHSLLKLLVRNFSIKCVFLVAPDALQMPQDVLEPLQHEIATKGVIIHRTHALTDEVMQKSDVL
YTTRLQKERFMASTSDDAAALQSFAAKADITIDAARMRLAKEKMIVMHPLPRNDELSTTVDADPRAAYFRQMRYGMFMRM
AILWSVLA
;
_entity_poly.pdbx_strand_id   A,B,C,D,E,F
#
# COMPACT_ATOMS: atom_id res chain seq x y z
N GLU A 5 33.63 -16.12 -29.10
CA GLU A 5 33.45 -16.65 -27.72
C GLU A 5 32.10 -16.27 -27.07
N LEU A 6 31.44 -15.27 -27.63
CA LEU A 6 30.11 -14.89 -27.13
C LEU A 6 29.11 -14.85 -28.28
N PRO A 7 28.78 -16.03 -28.85
CA PRO A 7 27.91 -15.97 -30.01
C PRO A 7 26.49 -15.65 -29.56
N PRO A 8 25.87 -14.66 -30.19
CA PRO A 8 24.47 -14.33 -29.83
C PRO A 8 23.51 -15.48 -30.19
N VAL A 9 22.41 -15.59 -29.45
CA VAL A 9 21.35 -16.54 -29.77
C VAL A 9 20.55 -16.00 -30.95
N ALA A 10 20.75 -16.62 -32.12
CA ALA A 10 20.29 -16.06 -33.42
C ALA A 10 18.78 -15.89 -33.50
N SER A 11 18.04 -16.80 -32.87
CA SER A 11 16.58 -16.77 -32.89
C SER A 11 16.00 -15.51 -32.21
N LEU A 12 16.78 -14.85 -31.36
CA LEU A 12 16.28 -13.65 -30.67
C LEU A 12 16.54 -12.35 -31.45
N LYS A 13 17.33 -12.43 -32.52
CA LYS A 13 17.78 -11.20 -33.17
C LYS A 13 16.60 -10.35 -33.62
N GLY A 14 16.63 -9.05 -33.23
CA GLY A 14 15.65 -8.08 -33.68
C GLY A 14 14.23 -8.29 -33.17
N LYS A 15 14.05 -9.20 -32.21
CA LYS A 15 12.71 -9.53 -31.75
C LYS A 15 12.35 -9.01 -30.36
N SER A 16 11.09 -8.60 -30.22
CA SER A 16 10.50 -8.27 -28.92
C SER A 16 10.37 -9.52 -28.04
N ILE A 17 10.43 -9.29 -26.74
CA ILE A 17 10.25 -10.37 -25.80
C ILE A 17 9.04 -10.04 -24.94
N THR A 18 7.95 -10.77 -25.16
CA THR A 18 6.73 -10.50 -24.40
C THR A 18 6.25 -11.65 -23.50
N SER A 19 6.59 -12.90 -23.81
CA SER A 19 6.01 -14.06 -23.11
C SER A 19 7.02 -15.20 -23.00
N ALA A 20 6.96 -15.97 -21.89
CA ALA A 20 7.73 -17.19 -21.78
C ALA A 20 7.46 -18.17 -22.94
N GLU A 21 6.29 -18.07 -23.56
CA GLU A 21 5.84 -19.03 -24.59
C GLU A 21 6.63 -18.96 -25.88
N GLN A 22 7.36 -17.87 -26.08
CA GLN A 22 8.01 -17.67 -27.37
C GLN A 22 9.37 -18.37 -27.45
N PHE A 23 9.81 -18.95 -26.33
CA PHE A 23 11.10 -19.58 -26.27
C PHE A 23 10.99 -21.10 -26.42
N SER A 24 11.92 -21.66 -27.18
CA SER A 24 12.13 -23.11 -27.27
C SER A 24 13.18 -23.50 -26.22
N ARG A 25 13.24 -24.81 -25.92
CA ARG A 25 14.26 -25.37 -25.04
C ARG A 25 15.68 -25.05 -25.49
N ALA A 26 15.94 -25.20 -26.80
CA ALA A 26 17.26 -24.88 -27.38
C ALA A 26 17.58 -23.40 -27.12
N ASP A 27 16.57 -22.54 -27.27
CA ASP A 27 16.74 -21.08 -26.98
C ASP A 27 17.16 -20.88 -25.55
N ILE A 28 16.51 -21.59 -24.63
CA ILE A 28 16.77 -21.41 -23.19
C ILE A 28 18.19 -21.84 -22.84
N TYR A 29 18.60 -23.02 -23.32
CA TYR A 29 19.96 -23.48 -23.09
C TYR A 29 21.01 -22.59 -23.75
N ALA A 30 20.78 -22.13 -24.98
CA ALA A 30 21.75 -21.26 -25.62
C ALA A 30 21.89 -19.95 -24.78
N LEU A 31 20.78 -19.45 -24.23
CA LEU A 31 20.83 -18.25 -23.37
C LEU A 31 21.61 -18.48 -22.09
N ILE A 32 21.31 -19.60 -21.41
CA ILE A 32 22.04 -20.06 -20.23
C ILE A 32 23.56 -20.14 -20.48
N HIS A 33 23.97 -20.77 -21.58
CA HIS A 33 25.40 -20.95 -21.87
C HIS A 33 26.05 -19.61 -22.21
N LEU A 34 25.34 -18.79 -22.98
CA LEU A 34 25.81 -17.44 -23.23
C LEU A 34 25.89 -16.59 -21.94
N ALA A 35 24.86 -16.66 -21.10
CA ALA A 35 24.88 -16.01 -19.78
C ALA A 35 26.11 -16.46 -18.92
N SER A 36 26.38 -17.76 -18.86
CA SER A 36 27.52 -18.25 -18.07
C SER A 36 28.84 -17.76 -18.62
N ALA A 37 28.94 -17.67 -19.95
CA ALA A 37 30.12 -17.12 -20.58
C ALA A 37 30.29 -15.63 -20.29
N MET A 38 29.21 -14.84 -20.34
CA MET A 38 29.26 -13.43 -19.94
C MET A 38 29.79 -13.31 -18.50
N GLN A 39 29.23 -14.13 -17.61
CA GLN A 39 29.63 -14.15 -16.20
C GLN A 39 31.14 -14.44 -16.02
N ARG A 40 31.68 -15.43 -16.74
CA ARG A 40 33.12 -15.74 -16.65
C ARG A 40 33.98 -14.55 -17.06
N LYS A 41 33.60 -13.89 -18.14
CA LYS A 41 34.35 -12.74 -18.60
C LYS A 41 34.22 -11.52 -17.68
N ILE A 42 33.00 -11.24 -17.23
CA ILE A 42 32.81 -10.10 -16.34
C ILE A 42 33.55 -10.32 -15.02
N ASP A 43 33.46 -11.53 -14.48
CA ASP A 43 34.12 -11.86 -13.21
C ASP A 43 35.65 -11.86 -13.26
N ALA A 44 36.19 -12.18 -14.42
CA ALA A 44 37.61 -12.05 -14.68
C ALA A 44 38.01 -10.59 -14.96
N GLY A 45 37.05 -9.66 -14.92
CA GLY A 45 37.38 -8.24 -15.14
C GLY A 45 37.48 -7.78 -16.58
N GLU A 46 37.10 -8.64 -17.53
CA GLU A 46 37.14 -8.23 -18.95
C GLU A 46 36.08 -7.19 -19.27
N VAL A 47 36.43 -6.25 -20.12
CA VAL A 47 35.55 -5.19 -20.53
C VAL A 47 34.95 -5.50 -21.90
N LEU A 48 33.63 -5.52 -22.01
CA LEU A 48 32.99 -5.82 -23.30
C LEU A 48 32.54 -4.56 -24.04
N ASN A 49 32.75 -4.54 -25.37
CA ASN A 49 32.35 -3.39 -26.19
C ASN A 49 31.37 -3.71 -27.35
N LEU A 50 30.63 -4.79 -27.15
CA LEU A 50 29.69 -5.35 -28.11
C LEU A 50 28.53 -4.45 -28.54
N LEU A 51 28.00 -3.61 -27.64
CA LEU A 51 26.88 -2.74 -28.02
C LEU A 51 27.22 -1.24 -27.94
N GLN A 52 28.49 -0.90 -28.12
CA GLN A 52 28.87 0.51 -28.18
C GLN A 52 27.97 1.22 -29.18
N GLY A 53 27.45 2.37 -28.77
CA GLY A 53 26.63 3.23 -29.63
C GLY A 53 25.16 2.82 -29.72
N ARG A 54 24.76 1.77 -28.98
CA ARG A 54 23.35 1.36 -28.90
C ARG A 54 22.69 1.87 -27.60
N ILE A 55 21.39 2.18 -27.68
CA ILE A 55 20.68 2.80 -26.61
C ILE A 55 19.45 1.99 -26.19
N MET A 56 19.38 1.76 -24.89
CA MET A 56 18.24 1.20 -24.26
C MET A 56 17.54 2.31 -23.47
N THR A 57 16.21 2.35 -23.61
CA THR A 57 15.39 3.25 -22.87
C THR A 57 14.40 2.48 -21.99
N PRO A 58 14.56 2.65 -20.68
CA PRO A 58 13.62 2.06 -19.76
C PRO A 58 12.34 2.90 -19.78
N LEU A 59 11.23 2.20 -19.87
CA LEU A 59 9.93 2.80 -19.78
C LEU A 59 9.17 2.11 -18.66
N PHE A 60 9.35 2.60 -17.44
CA PHE A 60 8.75 1.98 -16.27
C PHE A 60 7.58 2.82 -15.77
N PHE A 61 6.37 2.30 -15.93
CA PHE A 61 5.15 2.93 -15.39
C PHE A 61 4.79 2.43 -13.97
N GLU A 62 5.57 1.50 -13.43
CA GLU A 62 5.52 1.16 -12.02
C GLU A 62 6.94 0.99 -11.46
N ASP A 63 7.03 0.81 -10.14
CA ASP A 63 8.27 0.72 -9.41
C ASP A 63 9.10 -0.50 -9.72
N SER A 64 10.43 -0.32 -9.64
CA SER A 64 11.37 -1.41 -9.81
C SER A 64 12.74 -1.11 -9.18
N SER A 65 13.29 -2.12 -8.50
CA SER A 65 14.70 -2.07 -8.14
C SER A 65 15.51 -2.99 -9.02
N ARG A 66 15.20 -4.29 -8.97
CA ARG A 66 16.02 -5.27 -9.66
C ARG A 66 15.99 -5.13 -11.18
N THR A 67 14.79 -5.08 -11.74
CA THR A 67 14.60 -5.23 -13.17
C THR A 67 15.16 -4.02 -13.91
N PHE A 68 14.80 -2.85 -13.45
CA PHE A 68 15.35 -1.63 -14.02
C PHE A 68 16.88 -1.60 -13.93
N SER A 69 17.42 -1.86 -12.73
CA SER A 69 18.86 -1.67 -12.50
C SER A 69 19.63 -2.70 -13.23
N SER A 70 19.12 -3.92 -13.18
CA SER A 70 19.72 -5.07 -13.82
C SER A 70 19.84 -4.86 -15.32
N PHE A 71 18.76 -4.40 -15.96
CA PHE A 71 18.78 -4.13 -17.42
C PHE A 71 19.77 -3.01 -17.77
N CYS A 72 19.83 -1.96 -16.95
CA CYS A 72 20.74 -0.84 -17.20
C CYS A 72 22.18 -1.34 -17.06
N ALA A 73 22.45 -1.99 -15.93
CA ALA A 73 23.77 -2.59 -15.67
C ALA A 73 24.18 -3.58 -16.78
N ALA A 74 23.24 -4.41 -17.22
CA ALA A 74 23.54 -5.38 -18.29
C ALA A 74 23.89 -4.63 -19.57
N MET A 75 23.09 -3.60 -19.92
CA MET A 75 23.34 -2.78 -21.11
C MET A 75 24.75 -2.16 -21.07
N ILE A 76 25.09 -1.56 -19.93
CA ILE A 76 26.38 -0.91 -19.71
C ILE A 76 27.57 -1.87 -19.79
N ARG A 77 27.41 -3.04 -19.19
CA ARG A 77 28.49 -4.00 -19.17
C ARG A 77 28.72 -4.63 -20.55
N LEU A 78 27.80 -4.33 -21.48
CA LEU A 78 27.95 -4.77 -22.87
C LEU A 78 28.54 -3.63 -23.71
N GLY A 79 28.76 -2.48 -23.05
CA GLY A 79 29.36 -1.32 -23.68
C GLY A 79 28.29 -0.40 -24.25
N GLY A 80 27.03 -0.74 -23.99
CA GLY A 80 25.86 0.04 -24.45
C GLY A 80 25.54 1.20 -23.53
N SER A 81 24.49 1.95 -23.85
CA SER A 81 24.17 3.17 -23.11
C SER A 81 22.69 3.21 -22.82
N VAL A 82 22.32 4.03 -21.84
CA VAL A 82 20.95 4.15 -21.38
C VAL A 82 20.49 5.60 -21.50
N VAL A 83 19.27 5.83 -22.01
CA VAL A 83 18.60 7.13 -21.90
C VAL A 83 17.56 6.99 -20.81
N ASN A 84 17.78 7.75 -19.72
CA ASN A 84 17.05 7.61 -18.48
C ASN A 84 15.74 8.36 -18.48
N PHE A 85 14.80 7.87 -19.28
CA PHE A 85 13.51 8.49 -19.40
C PHE A 85 12.68 8.30 -18.15
N LYS A 86 12.07 9.38 -17.65
CA LYS A 86 11.21 9.32 -16.44
C LYS A 86 9.77 9.61 -16.78
N VAL A 87 8.91 8.64 -16.53
CA VAL A 87 7.48 8.77 -16.75
C VAL A 87 6.84 9.96 -16.00
N GLU A 88 7.17 10.13 -14.72
CA GLU A 88 6.50 11.19 -13.91
C GLU A 88 6.91 12.61 -14.34
N ALA A 89 8.05 12.74 -15.02
CA ALA A 89 8.60 14.03 -15.50
C ALA A 89 8.46 14.24 -17.03
N SER A 90 7.49 13.53 -17.64
CA SER A 90 7.30 13.52 -19.08
C SER A 90 6.04 14.29 -19.56
N SER A 91 5.89 14.36 -20.88
CA SER A 91 4.73 14.97 -21.53
C SER A 91 3.39 14.25 -21.24
N ILE A 92 3.43 13.09 -20.57
CA ILE A 92 2.21 12.38 -20.10
C ILE A 92 1.34 13.27 -19.16
N ASN A 93 1.99 14.18 -18.44
CA ASN A 93 1.31 15.19 -17.61
C ASN A 93 0.51 16.21 -18.43
N LYS A 94 0.89 16.38 -19.67
CA LYS A 94 0.26 17.28 -20.60
C LYS A 94 -0.74 16.58 -21.49
N GLY A 95 -1.02 15.33 -21.19
CA GLY A 95 -2.03 14.52 -21.90
C GLY A 95 -1.53 13.55 -22.96
N GLU A 96 -0.21 13.46 -23.18
CA GLU A 96 0.31 12.50 -24.17
C GLU A 96 -0.10 11.05 -23.91
N THR A 97 -0.60 10.39 -24.97
CA THR A 97 -1.06 9.00 -24.93
C THR A 97 0.12 8.00 -24.82
N LEU A 98 -0.19 6.77 -24.39
CA LEU A 98 0.82 5.71 -24.33
C LEU A 98 1.47 5.51 -25.71
N ALA A 99 0.65 5.40 -26.76
CA ALA A 99 1.16 5.15 -28.12
C ALA A 99 2.12 6.25 -28.60
N ASP A 100 1.78 7.51 -28.32
CA ASP A 100 2.64 8.59 -28.73
C ASP A 100 3.96 8.56 -27.93
N THR A 101 3.88 8.18 -26.66
CA THR A 101 5.08 8.06 -25.81
C THR A 101 6.04 6.99 -26.41
N ILE A 102 5.45 5.83 -26.74
CA ILE A 102 6.19 4.75 -27.36
C ILE A 102 6.86 5.22 -28.65
N ARG A 103 6.10 5.89 -29.51
CA ARG A 103 6.67 6.39 -30.77
C ARG A 103 7.82 7.34 -30.51
N THR A 104 7.71 8.12 -29.44
CA THR A 104 8.74 9.09 -29.10
C THR A 104 10.06 8.40 -28.74
N LEU A 105 10.05 7.49 -27.77
CA LEU A 105 11.27 6.87 -27.33
C LEU A 105 11.83 5.95 -28.42
N ASP A 106 10.92 5.40 -29.21
CA ASP A 106 11.29 4.58 -30.35
C ASP A 106 12.04 5.36 -31.45
N SER A 107 11.92 6.69 -31.45
CA SER A 107 12.66 7.51 -32.43
C SER A 107 14.16 7.60 -32.15
N TYR A 108 14.56 7.30 -30.91
CA TYR A 108 15.94 7.55 -30.45
C TYR A 108 16.68 6.30 -29.97
N SER A 109 15.91 5.27 -29.66
CA SER A 109 16.41 4.08 -28.96
C SER A 109 16.63 2.88 -29.88
N ASP A 110 17.47 1.94 -29.45
CA ASP A 110 17.62 0.64 -30.13
C ASP A 110 16.72 -0.46 -29.50
N VAL A 111 16.36 -0.30 -28.23
CA VAL A 111 15.54 -1.28 -27.49
C VAL A 111 14.83 -0.53 -26.37
N LEU A 112 13.54 -0.86 -26.17
CA LEU A 112 12.75 -0.35 -25.07
C LEU A 112 12.54 -1.43 -24.05
N VAL A 113 12.66 -1.08 -22.77
CA VAL A 113 12.37 -2.04 -21.69
C VAL A 113 11.15 -1.50 -20.95
N MET A 114 10.03 -2.21 -21.05
CA MET A 114 8.75 -1.63 -20.67
C MET A 114 8.06 -2.38 -19.53
N ARG A 115 7.77 -1.69 -18.44
CA ARG A 115 6.95 -2.28 -17.37
C ARG A 115 5.70 -1.41 -17.23
N HIS A 116 4.53 -2.04 -17.17
CA HIS A 116 3.28 -1.25 -17.12
C HIS A 116 2.21 -1.98 -16.30
N PRO A 117 1.41 -1.23 -15.50
CA PRO A 117 0.42 -1.92 -14.67
C PRO A 117 -0.75 -2.59 -15.43
N ARG A 118 -0.96 -2.24 -16.71
CA ARG A 118 -2.04 -2.83 -17.51
C ARG A 118 -1.46 -4.00 -18.33
N GLN A 119 -2.09 -5.15 -18.27
CA GLN A 119 -1.66 -6.32 -19.03
C GLN A 119 -1.59 -6.14 -20.55
N ASP A 120 -2.51 -5.37 -21.11
CA ASP A 120 -2.57 -5.17 -22.55
C ASP A 120 -1.70 -4.00 -23.05
N ALA A 121 -1.05 -3.27 -22.15
CA ALA A 121 -0.18 -2.13 -22.57
C ALA A 121 1.02 -2.53 -23.47
N ILE A 122 1.61 -3.69 -23.19
CA ILE A 122 2.69 -4.22 -24.00
C ILE A 122 2.29 -4.47 -25.49
N GLU A 123 1.11 -5.06 -25.71
CA GLU A 123 0.57 -5.25 -27.07
C GLU A 123 0.35 -3.94 -27.82
N GLU A 124 -0.19 -2.95 -27.13
CA GLU A 124 -0.40 -1.62 -27.71
C GLU A 124 0.93 -0.98 -28.08
N ALA A 125 1.93 -1.12 -27.21
CA ALA A 125 3.28 -0.65 -27.51
C ALA A 125 3.83 -1.34 -28.79
N LEU A 126 3.74 -2.67 -28.83
CA LEU A 126 4.18 -3.43 -29.99
C LEU A 126 3.56 -2.97 -31.30
N SER A 127 2.27 -2.59 -31.31
CA SER A 127 1.61 -2.24 -32.56
C SER A 127 2.16 -0.95 -33.17
N VAL A 128 2.83 -0.13 -32.37
CA VAL A 128 3.41 1.12 -32.88
C VAL A 128 4.94 1.16 -32.88
N ALA A 129 5.62 0.29 -32.15
CA ALA A 129 7.09 0.39 -32.08
C ALA A 129 7.78 -0.30 -33.26
N GLN A 130 8.82 0.34 -33.79
CA GLN A 130 9.69 -0.29 -34.78
C GLN A 130 10.80 -1.12 -34.11
N HIS A 131 11.27 -0.71 -32.93
CA HIS A 131 12.40 -1.39 -32.31
C HIS A 131 11.86 -2.41 -31.33
N PRO A 132 12.69 -3.39 -30.96
CA PRO A 132 12.24 -4.42 -30.04
C PRO A 132 11.84 -3.84 -28.68
N ILE A 133 10.75 -4.38 -28.14
CA ILE A 133 10.35 -4.08 -26.74
C ILE A 133 10.55 -5.32 -25.88
N LEU A 134 11.10 -5.13 -24.69
CA LEU A 134 11.27 -6.24 -23.74
C LEU A 134 10.29 -6.04 -22.62
N ASN A 135 9.40 -7.00 -22.42
CA ASN A 135 8.39 -6.97 -21.36
C ASN A 135 9.06 -7.15 -20.00
N ALA A 136 9.14 -6.07 -19.24
CA ALA A 136 9.69 -6.13 -17.88
C ALA A 136 8.58 -6.32 -16.84
N GLY A 137 7.37 -6.70 -17.29
CA GLY A 137 6.24 -6.84 -16.39
C GLY A 137 5.02 -6.14 -16.94
N ASN A 138 3.98 -6.90 -17.28
CA ASN A 138 2.73 -6.28 -17.77
C ASN A 138 1.55 -6.64 -16.84
N GLY A 139 1.26 -5.77 -15.88
CA GLY A 139 0.22 -6.05 -14.86
C GLY A 139 0.50 -7.38 -14.15
N ALA A 140 -0.56 -8.15 -13.91
CA ALA A 140 -0.45 -9.47 -13.35
C ALA A 140 -0.26 -10.53 -14.44
N GLY A 141 0.21 -10.13 -15.62
CA GLY A 141 0.37 -11.06 -16.74
C GLY A 141 1.63 -11.91 -16.66
N GLU A 142 2.70 -11.38 -17.20
CA GLU A 142 3.99 -12.02 -17.31
C GLU A 142 5.24 -11.17 -17.06
N HIS A 143 6.35 -11.87 -16.77
CA HIS A 143 7.68 -11.36 -16.51
C HIS A 143 8.65 -12.37 -17.17
N PRO A 144 8.67 -12.35 -18.56
CA PRO A 144 9.44 -13.40 -19.20
C PRO A 144 10.92 -13.45 -18.90
N THR A 145 11.55 -12.33 -18.80
CA THR A 145 12.98 -12.36 -18.49
C THR A 145 13.24 -12.78 -17.04
N GLN A 146 12.29 -12.59 -16.14
CA GLN A 146 12.41 -13.24 -14.84
C GLN A 146 12.41 -14.75 -14.97
N ALA A 147 11.57 -15.28 -15.82
CA ALA A 147 11.46 -16.73 -15.94
C ALA A 147 12.80 -17.30 -16.47
N LEU A 148 13.40 -16.61 -17.44
CA LEU A 148 14.71 -17.00 -17.97
C LEU A 148 15.83 -16.97 -16.92
N LEU A 149 15.93 -15.89 -16.16
CA LEU A 149 17.00 -15.78 -15.15
C LEU A 149 16.78 -16.81 -14.01
N ASP A 150 15.50 -17.09 -13.68
CA ASP A 150 15.13 -18.12 -12.70
C ASP A 150 15.59 -19.52 -13.16
N THR A 151 15.39 -19.81 -14.45
CA THR A 151 15.79 -21.11 -14.99
C THR A 151 17.32 -21.18 -15.03
N LEU A 152 17.96 -20.06 -15.39
CA LEU A 152 19.42 -19.98 -15.27
C LEU A 152 19.88 -20.31 -13.83
N THR A 153 19.19 -19.75 -12.83
CA THR A 153 19.48 -19.98 -11.41
C THR A 153 19.30 -21.48 -11.06
N ILE A 154 18.18 -22.07 -11.44
CA ILE A 154 17.98 -23.48 -11.12
C ILE A 154 19.09 -24.32 -11.77
N HIS A 155 19.36 -24.08 -13.06
CA HIS A 155 20.40 -24.78 -13.78
C HIS A 155 21.77 -24.65 -13.06
N SER A 156 22.20 -23.43 -12.75
CA SER A 156 23.51 -23.19 -12.14
C SER A 156 23.62 -23.76 -10.73
N GLU A 157 22.55 -23.67 -9.95
CA GLU A 157 22.59 -24.09 -8.54
C GLU A 157 22.46 -25.61 -8.36
N LEU A 158 21.55 -26.23 -9.13
CA LEU A 158 21.25 -27.66 -8.92
C LEU A 158 21.85 -28.54 -9.99
N GLY A 159 22.16 -27.92 -11.15
CA GLY A 159 22.84 -28.61 -12.25
C GLY A 159 21.91 -29.23 -13.27
N SER A 160 20.62 -29.19 -13.04
CA SER A 160 19.63 -29.79 -13.94
C SER A 160 18.26 -29.16 -13.70
N VAL A 161 17.44 -29.08 -14.75
CA VAL A 161 16.08 -28.57 -14.68
C VAL A 161 15.10 -29.71 -14.86
N ASP A 162 15.37 -30.59 -15.83
CA ASP A 162 14.58 -31.81 -16.01
C ASP A 162 14.58 -32.60 -14.69
N GLY A 163 13.43 -33.18 -14.35
CA GLY A 163 13.32 -34.05 -13.18
C GLY A 163 13.01 -33.36 -11.85
N ILE A 164 13.05 -32.02 -11.82
CA ILE A 164 12.89 -31.35 -10.52
C ILE A 164 11.48 -31.40 -10.04
N THR A 165 11.35 -31.31 -8.73
CA THR A 165 10.12 -30.99 -8.06
C THR A 165 10.21 -29.54 -7.58
N ILE A 166 9.24 -28.75 -7.97
CA ILE A 166 9.24 -27.32 -7.62
C ILE A 166 7.94 -26.88 -6.96
N ALA A 167 8.05 -26.17 -5.84
CA ALA A 167 6.89 -25.54 -5.21
C ALA A 167 6.81 -24.08 -5.65
N LEU A 168 5.64 -23.65 -6.12
CA LEU A 168 5.42 -22.23 -6.44
C LEU A 168 4.52 -21.75 -5.32
N ILE A 169 4.99 -20.76 -4.57
CA ILE A 169 4.36 -20.43 -3.28
C ILE A 169 3.98 -18.95 -3.22
N GLY A 170 2.78 -18.68 -2.73
CA GLY A 170 2.40 -17.34 -2.31
C GLY A 170 1.22 -16.82 -3.11
N ASP A 171 1.40 -15.66 -3.71
CA ASP A 171 0.34 -15.04 -4.46
C ASP A 171 0.46 -15.49 -5.90
N LEU A 172 -0.19 -16.60 -6.22
CA LEU A 172 -0.01 -17.23 -7.50
C LEU A 172 -0.94 -16.59 -8.51
N LYS A 173 -2.00 -15.97 -7.99
CA LYS A 173 -2.99 -15.31 -8.82
C LYS A 173 -2.39 -14.03 -9.50
N MET A 174 -1.76 -13.16 -8.72
CA MET A 174 -1.23 -11.90 -9.24
C MET A 174 0.27 -11.98 -9.57
N GLY A 175 0.91 -13.11 -9.30
CA GLY A 175 2.35 -13.27 -9.50
C GLY A 175 2.71 -13.49 -10.97
N ARG A 176 3.05 -12.41 -11.68
CA ARG A 176 3.51 -12.52 -13.07
C ARG A 176 4.80 -13.34 -13.22
N THR A 177 5.60 -13.41 -12.17
CA THR A 177 6.82 -14.25 -12.17
C THR A 177 6.50 -15.75 -12.26
N VAL A 178 5.59 -16.23 -11.40
CA VAL A 178 5.21 -17.63 -11.40
C VAL A 178 4.37 -17.99 -12.64
N HIS A 179 3.65 -17.01 -13.17
CA HIS A 179 2.98 -17.21 -14.48
C HIS A 179 3.99 -17.55 -15.57
N SER A 180 4.99 -16.70 -15.74
CA SER A 180 6.03 -16.95 -16.73
C SER A 180 6.85 -18.20 -16.42
N LEU A 181 7.22 -18.41 -15.16
CA LEU A 181 8.08 -19.56 -14.81
C LEU A 181 7.38 -20.90 -15.06
N LEU A 182 6.13 -21.02 -14.60
CA LEU A 182 5.34 -22.21 -14.84
C LEU A 182 5.26 -22.49 -16.36
N LYS A 183 4.99 -21.45 -17.15
CA LYS A 183 4.90 -21.66 -18.60
C LYS A 183 6.25 -22.13 -19.17
N LEU A 184 7.34 -21.46 -18.78
CA LEU A 184 8.65 -21.82 -19.30
C LEU A 184 9.11 -23.24 -18.94
N LEU A 185 8.95 -23.65 -17.67
CA LEU A 185 9.34 -24.97 -17.22
C LEU A 185 8.53 -26.09 -17.86
N VAL A 186 7.22 -25.96 -17.85
CA VAL A 186 6.34 -27.03 -18.35
C VAL A 186 6.43 -27.24 -19.85
N ARG A 187 6.51 -26.14 -20.61
CA ARG A 187 6.64 -26.28 -22.06
C ARG A 187 7.99 -26.86 -22.51
N ASN A 188 9.04 -26.63 -21.75
CA ASN A 188 10.36 -26.86 -22.29
C ASN A 188 11.18 -27.89 -21.55
N PHE A 189 10.65 -28.37 -20.42
CA PHE A 189 11.36 -29.29 -19.56
C PHE A 189 10.44 -30.44 -19.13
N SER A 190 11.03 -31.50 -18.63
CA SER A 190 10.26 -32.60 -18.04
C SER A 190 10.27 -32.42 -16.56
N ILE A 191 9.31 -31.63 -16.05
CA ILE A 191 9.21 -31.40 -14.62
C ILE A 191 8.56 -32.64 -13.98
N LYS A 192 9.11 -33.11 -12.86
CA LYS A 192 8.51 -34.27 -12.21
C LYS A 192 7.21 -33.88 -11.51
N CYS A 193 7.25 -32.78 -10.77
CA CYS A 193 6.12 -32.42 -9.93
C CYS A 193 6.08 -30.91 -9.67
N VAL A 194 4.88 -30.31 -9.71
CA VAL A 194 4.69 -28.90 -9.28
C VAL A 194 3.72 -28.82 -8.08
N PHE A 195 4.20 -28.26 -6.98
CA PHE A 195 3.30 -27.92 -5.87
C PHE A 195 2.83 -26.50 -6.06
N LEU A 196 1.52 -26.27 -6.17
CA LEU A 196 0.95 -24.92 -6.20
C LEU A 196 0.47 -24.56 -4.79
N VAL A 197 1.28 -23.76 -4.08
CA VAL A 197 1.12 -23.55 -2.63
C VAL A 197 0.61 -22.15 -2.42
N ALA A 198 -0.69 -22.05 -2.13
CA ALA A 198 -1.34 -20.75 -2.04
C ALA A 198 -2.69 -20.91 -1.36
N PRO A 199 -3.19 -19.85 -0.70
CA PRO A 199 -4.63 -19.89 -0.36
C PRO A 199 -5.46 -20.00 -1.62
N ASP A 200 -6.62 -20.67 -1.50
CA ASP A 200 -7.57 -20.76 -2.62
C ASP A 200 -7.78 -19.44 -3.39
N ALA A 201 -7.85 -18.34 -2.67
CA ALA A 201 -8.17 -17.03 -3.29
C ALA A 201 -7.02 -16.48 -4.14
N LEU A 202 -5.84 -17.05 -3.97
CA LEU A 202 -4.64 -16.60 -4.67
C LEU A 202 -3.99 -17.73 -5.48
N GLN A 203 -4.79 -18.72 -5.84
CA GLN A 203 -4.28 -19.89 -6.53
C GLN A 203 -3.87 -19.56 -7.98
N MET A 204 -3.03 -20.40 -8.57
CA MET A 204 -2.64 -20.25 -9.96
C MET A 204 -3.89 -20.15 -10.84
N PRO A 205 -4.02 -19.10 -11.69
CA PRO A 205 -5.25 -18.95 -12.48
C PRO A 205 -5.48 -20.03 -13.55
N GLN A 206 -6.75 -20.24 -13.89
CA GLN A 206 -7.11 -21.16 -14.95
C GLN A 206 -6.56 -20.77 -16.31
N ASP A 207 -6.49 -19.46 -16.59
CA ASP A 207 -5.89 -18.99 -17.87
C ASP A 207 -4.39 -19.24 -18.04
N VAL A 208 -3.73 -19.66 -16.96
CA VAL A 208 -2.36 -20.14 -17.03
C VAL A 208 -2.32 -21.68 -17.17
N LEU A 209 -3.09 -22.38 -16.35
CA LEU A 209 -3.06 -23.84 -16.31
C LEU A 209 -3.63 -24.53 -17.56
N GLU A 210 -4.76 -24.04 -18.06
CA GLU A 210 -5.43 -24.66 -19.21
C GLU A 210 -4.60 -24.70 -20.49
N PRO A 211 -3.99 -23.56 -20.89
CA PRO A 211 -3.13 -23.71 -22.08
C PRO A 211 -1.98 -24.71 -21.86
N LEU A 212 -1.66 -25.03 -20.59
CA LEU A 212 -0.57 -25.97 -20.25
C LEU A 212 -1.06 -27.40 -20.07
N GLN A 213 -2.36 -27.62 -20.13
CA GLN A 213 -2.94 -28.89 -19.77
C GLN A 213 -2.47 -30.03 -20.69
N HIS A 214 -2.30 -29.75 -21.97
CA HIS A 214 -1.80 -30.75 -22.90
C HIS A 214 -0.39 -31.21 -22.53
N GLU A 215 0.54 -30.25 -22.35
CA GLU A 215 1.90 -30.57 -21.96
C GLU A 215 1.98 -31.29 -20.59
N ILE A 216 1.20 -30.83 -19.61
CA ILE A 216 1.16 -31.45 -18.29
C ILE A 216 0.78 -32.95 -18.40
N ALA A 217 -0.27 -33.22 -19.15
CA ALA A 217 -0.76 -34.56 -19.32
C ALA A 217 0.22 -35.46 -20.06
N THR A 218 0.69 -35.01 -21.23
CA THR A 218 1.53 -35.86 -22.10
C THR A 218 2.96 -36.04 -21.56
N LYS A 219 3.44 -35.10 -20.73
CA LYS A 219 4.70 -35.29 -20.00
C LYS A 219 4.53 -35.98 -18.63
N GLY A 220 3.28 -36.24 -18.23
CA GLY A 220 3.04 -36.84 -16.92
C GLY A 220 3.49 -35.99 -15.72
N VAL A 221 3.46 -34.65 -15.87
CA VAL A 221 3.83 -33.77 -14.74
C VAL A 221 2.76 -33.90 -13.66
N ILE A 222 3.19 -34.16 -12.44
CA ILE A 222 2.28 -34.18 -11.30
C ILE A 222 2.00 -32.73 -10.85
N ILE A 223 0.72 -32.35 -10.73
CA ILE A 223 0.37 -31.06 -10.14
C ILE A 223 -0.38 -31.29 -8.83
N HIS A 224 0.09 -30.70 -7.74
CA HIS A 224 -0.67 -30.70 -6.49
C HIS A 224 -0.98 -29.28 -6.07
N ARG A 225 -2.19 -29.05 -5.59
CA ARG A 225 -2.48 -27.80 -4.86
C ARG A 225 -2.50 -28.06 -3.36
N THR A 226 -1.94 -27.15 -2.58
CA THR A 226 -2.05 -27.19 -1.13
C THR A 226 -2.17 -25.73 -0.66
N HIS A 227 -2.53 -25.51 0.59
CA HIS A 227 -2.52 -24.15 1.12
C HIS A 227 -1.44 -24.04 2.19
N ALA A 228 -0.50 -24.98 2.22
CA ALA A 228 0.50 -25.00 3.28
C ALA A 228 1.80 -25.61 2.81
N LEU A 229 2.88 -25.12 3.39
CA LEU A 229 4.15 -25.82 3.31
C LEU A 229 4.16 -27.08 4.23
N THR A 230 3.46 -28.11 3.81
CA THR A 230 3.37 -29.37 4.54
C THR A 230 4.73 -30.08 4.48
N ASP A 231 4.85 -31.14 5.29
CA ASP A 231 6.07 -31.95 5.35
C ASP A 231 6.40 -32.52 3.99
N GLU A 232 5.38 -32.95 3.28
CA GLU A 232 5.53 -33.45 1.94
C GLU A 232 6.19 -32.40 1.01
N VAL A 233 5.66 -31.17 0.98
CA VAL A 233 6.24 -30.10 0.13
C VAL A 233 7.71 -29.86 0.48
N MET A 234 7.99 -29.77 1.78
CA MET A 234 9.33 -29.49 2.28
C MET A 234 10.33 -30.61 1.99
N GLN A 235 9.87 -31.84 2.10
CA GLN A 235 10.73 -32.98 1.89
C GLN A 235 10.96 -33.32 0.43
N LYS A 236 10.00 -33.04 -0.43
CA LYS A 236 10.14 -33.42 -1.84
C LYS A 236 10.71 -32.34 -2.76
N SER A 237 10.58 -31.08 -2.37
CA SER A 237 10.91 -30.00 -3.33
C SER A 237 12.41 -29.81 -3.50
N ASP A 238 12.84 -29.78 -4.76
CA ASP A 238 14.19 -29.39 -5.13
C ASP A 238 14.32 -27.87 -5.13
N VAL A 239 13.22 -27.20 -5.41
CA VAL A 239 13.16 -25.74 -5.31
C VAL A 239 11.89 -25.25 -4.64
N LEU A 240 12.09 -24.34 -3.69
CA LEU A 240 10.98 -23.60 -3.12
C LEU A 240 11.02 -22.18 -3.70
N TYR A 241 10.07 -21.85 -4.56
CA TYR A 241 10.06 -20.55 -5.23
C TYR A 241 8.89 -19.80 -4.61
N THR A 242 9.22 -18.83 -3.76
CA THR A 242 8.19 -18.12 -3.03
C THR A 242 8.07 -16.65 -3.50
N THR A 243 6.90 -16.05 -3.25
CA THR A 243 6.59 -14.75 -3.80
C THR A 243 5.95 -13.88 -2.74
N ARG A 244 5.92 -12.60 -3.05
CA ARG A 244 5.34 -11.58 -2.24
C ARG A 244 3.84 -11.47 -2.55
N LEU A 245 3.05 -11.15 -1.55
CA LEU A 245 1.66 -10.74 -1.75
C LEU A 245 1.58 -9.42 -2.58
N GLN A 246 0.93 -9.48 -3.72
CA GLN A 246 0.88 -8.33 -4.63
C GLN A 246 -0.18 -7.30 -4.26
N LYS A 247 0.01 -6.67 -3.12
CA LYS A 247 -0.97 -5.74 -2.56
C LYS A 247 -1.47 -4.68 -3.53
N GLU A 248 -0.56 -4.13 -4.34
CA GLU A 248 -0.87 -3.06 -5.29
C GLU A 248 -1.85 -3.48 -6.39
N ARG A 249 -2.12 -4.78 -6.49
CA ARG A 249 -3.16 -5.28 -7.40
C ARG A 249 -4.50 -5.36 -6.69
N PHE A 250 -4.51 -5.09 -5.39
CA PHE A 250 -5.71 -5.20 -4.56
C PHE A 250 -6.02 -3.89 -3.81
N THR A 254 -12.37 -3.18 -1.82
CA THR A 254 -13.58 -3.99 -1.94
C THR A 254 -13.41 -5.21 -1.05
N SER A 255 -14.50 -5.90 -0.72
CA SER A 255 -14.47 -7.10 0.13
C SER A 255 -13.75 -8.28 -0.53
N ASP A 256 -13.88 -8.38 -1.86
CA ASP A 256 -13.08 -9.27 -2.71
C ASP A 256 -11.58 -9.09 -2.48
N ASP A 257 -11.12 -7.85 -2.65
CA ASP A 257 -9.73 -7.48 -2.43
C ASP A 257 -9.28 -7.84 -1.02
N ALA A 258 -10.03 -7.37 -0.03
CA ALA A 258 -9.78 -7.67 1.36
C ALA A 258 -9.75 -9.17 1.67
N ALA A 259 -10.65 -9.95 1.09
CA ALA A 259 -10.62 -11.42 1.24
C ALA A 259 -9.31 -12.00 0.67
N ALA A 260 -8.94 -11.59 -0.54
CA ALA A 260 -7.72 -12.09 -1.20
C ALA A 260 -6.46 -11.74 -0.36
N LEU A 261 -6.35 -10.47 0.01
CA LEU A 261 -5.24 -9.94 0.81
C LEU A 261 -4.98 -10.68 2.13
N GLN A 262 -6.01 -10.81 2.96
CA GLN A 262 -5.83 -11.52 4.23
C GLN A 262 -5.74 -13.06 4.12
N SER A 263 -6.16 -13.65 2.99
CA SER A 263 -6.06 -15.11 2.79
C SER A 263 -4.60 -15.57 2.84
N PHE A 264 -3.70 -14.68 2.44
CA PHE A 264 -2.27 -14.97 2.36
C PHE A 264 -1.71 -15.43 3.72
N ALA A 265 -2.08 -14.74 4.79
CA ALA A 265 -1.70 -15.15 6.16
C ALA A 265 -2.81 -15.97 6.83
N ALA A 266 -4.07 -15.63 6.52
CA ALA A 266 -5.23 -16.22 7.26
C ALA A 266 -5.63 -17.63 6.78
N LYS A 267 -5.46 -17.89 5.49
CA LYS A 267 -5.94 -19.14 4.91
C LYS A 267 -4.81 -19.98 4.27
N ALA A 268 -3.60 -19.72 4.72
CA ALA A 268 -2.42 -20.43 4.23
C ALA A 268 -1.38 -20.49 5.33
N ASP A 269 -0.44 -21.44 5.22
CA ASP A 269 0.65 -21.49 6.18
C ASP A 269 1.91 -21.67 5.35
N ILE A 270 2.48 -20.54 4.93
CA ILE A 270 3.44 -20.56 3.84
C ILE A 270 4.73 -19.76 4.09
N THR A 271 4.95 -19.31 5.32
CA THR A 271 6.20 -18.67 5.70
C THR A 271 7.39 -19.65 5.65
N ILE A 272 8.50 -19.17 5.09
CA ILE A 272 9.76 -19.91 5.11
C ILE A 272 10.70 -19.23 6.08
N ASP A 273 11.01 -19.91 7.17
CA ASP A 273 11.98 -19.43 8.17
C ASP A 273 12.98 -20.56 8.47
N ALA A 274 14.03 -20.29 9.25
CA ALA A 274 15.05 -21.31 9.57
C ALA A 274 14.43 -22.59 10.14
N ALA A 275 13.39 -22.41 10.95
CA ALA A 275 12.73 -23.57 11.58
C ALA A 275 12.12 -24.45 10.49
N ARG A 276 11.32 -23.85 9.61
CA ARG A 276 10.77 -24.57 8.44
C ARG A 276 11.84 -25.28 7.60
N MET A 277 13.00 -24.65 7.46
CA MET A 277 14.06 -25.18 6.61
C MET A 277 14.70 -26.46 7.15
N ARG A 278 14.50 -26.72 8.43
CA ARG A 278 14.95 -27.97 9.08
C ARG A 278 14.30 -29.18 8.41
N LEU A 279 13.16 -28.97 7.74
CA LEU A 279 12.50 -30.03 6.98
C LEU A 279 12.98 -30.21 5.54
N ALA A 280 13.65 -29.19 4.99
CA ALA A 280 14.07 -29.22 3.56
C ALA A 280 15.14 -30.26 3.27
N LYS A 281 15.18 -30.74 2.03
CA LYS A 281 16.30 -31.55 1.52
C LYS A 281 17.63 -30.85 1.72
N GLU A 282 18.70 -31.63 1.70
CA GLU A 282 20.06 -31.07 1.75
C GLU A 282 20.40 -30.33 0.44
N LYS A 283 20.12 -30.98 -0.69
CA LYS A 283 20.41 -30.42 -2.00
C LYS A 283 19.13 -29.80 -2.59
N MET A 284 18.94 -28.50 -2.31
CA MET A 284 17.80 -27.75 -2.86
C MET A 284 18.09 -26.26 -2.76
N ILE A 285 17.24 -25.47 -3.38
CA ILE A 285 17.34 -24.01 -3.22
C ILE A 285 16.01 -23.38 -2.90
N VAL A 286 16.09 -22.27 -2.18
CA VAL A 286 14.99 -21.40 -1.94
C VAL A 286 15.19 -20.21 -2.88
N MET A 287 14.14 -19.86 -3.63
CA MET A 287 14.17 -18.72 -4.55
C MET A 287 13.05 -17.73 -4.21
N HIS A 288 13.23 -16.49 -4.66
CA HIS A 288 12.24 -15.43 -4.54
C HIS A 288 12.64 -14.36 -5.57
N PRO A 289 11.73 -13.98 -6.48
CA PRO A 289 12.06 -12.92 -7.44
C PRO A 289 12.38 -11.60 -6.78
N LEU A 290 11.86 -11.40 -5.55
CA LEU A 290 12.06 -10.16 -4.79
C LEU A 290 11.27 -8.97 -5.40
N PRO A 291 10.91 -7.95 -4.58
CA PRO A 291 11.22 -7.83 -3.15
C PRO A 291 10.37 -8.76 -2.34
N ARG A 292 10.86 -9.06 -1.13
CA ARG A 292 10.13 -9.87 -0.15
C ARG A 292 9.60 -9.02 0.99
N ASN A 293 8.46 -9.45 1.55
CA ASN A 293 8.04 -9.01 2.88
C ASN A 293 8.26 -10.16 3.85
N ASP A 294 7.36 -10.37 4.80
CA ASP A 294 7.60 -11.36 5.84
C ASP A 294 7.44 -12.84 5.46
N GLU A 295 7.06 -13.14 4.21
CA GLU A 295 6.89 -14.55 3.79
C GLU A 295 8.22 -15.32 3.74
N LEU A 296 9.34 -14.59 3.67
CA LEU A 296 10.67 -15.20 3.62
C LEU A 296 11.57 -14.52 4.65
N SER A 297 11.80 -15.22 5.75
CA SER A 297 12.41 -14.63 6.91
C SER A 297 13.91 -14.41 6.68
N THR A 298 14.44 -13.34 7.28
CA THR A 298 15.88 -13.08 7.28
C THR A 298 16.70 -14.19 7.97
N THR A 299 16.05 -15.05 8.74
CA THR A 299 16.71 -16.19 9.37
C THR A 299 17.14 -17.23 8.32
N VAL A 300 16.60 -17.13 7.11
CA VAL A 300 17.04 -18.02 6.03
C VAL A 300 18.30 -17.54 5.30
N ASP A 301 18.60 -16.23 5.37
CA ASP A 301 19.66 -15.63 4.52
C ASP A 301 21.05 -16.27 4.65
N ALA A 302 21.41 -16.75 5.84
CA ALA A 302 22.74 -17.38 6.04
C ALA A 302 22.81 -18.82 5.49
N ASP A 303 21.67 -19.42 5.21
CA ASP A 303 21.60 -20.78 4.68
C ASP A 303 22.26 -20.92 3.27
N PRO A 304 23.15 -21.91 3.09
CA PRO A 304 23.71 -22.15 1.74
C PRO A 304 22.63 -22.35 0.66
N ARG A 305 21.46 -22.88 1.03
CA ARG A 305 20.36 -23.14 0.09
C ARG A 305 19.55 -21.89 -0.31
N ALA A 306 19.78 -20.77 0.39
CA ALA A 306 19.12 -19.50 0.05
C ALA A 306 19.81 -18.88 -1.18
N ALA A 307 19.14 -18.97 -2.34
CA ALA A 307 19.76 -18.60 -3.62
C ALA A 307 19.24 -17.28 -4.15
N TYR A 308 18.35 -16.63 -3.39
CA TYR A 308 17.59 -15.47 -3.87
C TYR A 308 18.43 -14.19 -3.99
N PHE A 309 19.59 -14.17 -3.34
CA PHE A 309 20.54 -13.07 -3.65
C PHE A 309 21.39 -13.36 -4.89
N ARG A 310 21.95 -14.57 -5.00
CA ARG A 310 22.68 -15.01 -6.20
C ARG A 310 21.79 -14.90 -7.42
N GLN A 311 20.50 -15.20 -7.23
CA GLN A 311 19.48 -15.05 -8.28
C GLN A 311 19.51 -13.66 -8.96
N MET A 312 19.65 -12.59 -8.19
CA MET A 312 19.77 -11.24 -8.80
C MET A 312 20.98 -11.10 -9.70
N ARG A 313 22.14 -11.64 -9.27
CA ARG A 313 23.32 -11.57 -10.09
C ARG A 313 23.18 -12.42 -11.38
N TYR A 314 22.63 -13.63 -11.28
CA TYR A 314 22.29 -14.40 -12.51
C TYR A 314 21.40 -13.59 -13.43
N GLY A 315 20.46 -12.85 -12.84
CA GLY A 315 19.59 -11.91 -13.57
C GLY A 315 20.36 -10.96 -14.49
N MET A 316 21.44 -10.38 -13.99
CA MET A 316 22.25 -9.46 -14.79
C MET A 316 22.90 -10.17 -15.99
N PHE A 317 23.46 -11.36 -15.74
CA PHE A 317 24.06 -12.10 -16.82
C PHE A 317 23.09 -12.63 -17.86
N MET A 318 21.89 -13.06 -17.43
CA MET A 318 20.85 -13.45 -18.36
C MET A 318 20.44 -12.23 -19.20
N ARG A 319 20.28 -11.08 -18.55
CA ARG A 319 19.90 -9.89 -19.31
C ARG A 319 20.96 -9.42 -20.29
N MET A 320 22.25 -9.66 -19.98
CA MET A 320 23.33 -9.40 -20.98
C MET A 320 23.19 -10.34 -22.17
N ALA A 321 22.97 -11.62 -21.89
CA ALA A 321 22.83 -12.61 -22.98
C ALA A 321 21.63 -12.23 -23.85
N ILE A 322 20.53 -11.84 -23.20
CA ILE A 322 19.33 -11.41 -23.91
C ILE A 322 19.58 -10.15 -24.76
N LEU A 323 20.12 -9.09 -24.15
CA LEU A 323 20.31 -7.83 -24.88
C LEU A 323 21.23 -7.99 -26.09
N TRP A 324 22.34 -8.69 -25.86
CA TRP A 324 23.27 -8.99 -26.92
C TRP A 324 22.57 -9.81 -28.02
N SER A 325 21.77 -10.81 -27.64
CA SER A 325 21.11 -11.65 -28.62
C SER A 325 20.08 -10.86 -29.44
N VAL A 326 19.35 -9.98 -28.78
CA VAL A 326 18.36 -9.16 -29.48
C VAL A 326 19.03 -8.13 -30.39
N LEU A 327 20.16 -7.56 -29.97
CA LEU A 327 20.73 -6.44 -30.72
C LEU A 327 21.95 -6.75 -31.60
N ALA A 328 22.47 -7.98 -31.55
CA ALA A 328 23.65 -8.37 -32.33
C ALA A 328 23.49 -8.15 -33.85
N SER B 2 50.62 6.60 -16.73
CA SER B 2 49.36 6.27 -15.99
C SER B 2 49.66 6.03 -14.52
N MET B 3 50.46 5.00 -14.23
CA MET B 3 51.00 4.80 -12.88
C MET B 3 52.02 5.89 -12.52
N LEU B 4 52.51 6.60 -13.53
CA LEU B 4 53.36 7.78 -13.30
C LEU B 4 52.49 9.02 -13.05
N GLU B 5 51.54 9.26 -13.95
CA GLU B 5 50.78 10.52 -13.98
C GLU B 5 49.64 10.54 -12.96
N LEU B 6 48.96 9.40 -12.83
CA LEU B 6 47.79 9.26 -11.98
C LEU B 6 47.91 8.02 -11.09
N PRO B 7 48.94 8.00 -10.21
CA PRO B 7 49.07 6.80 -9.37
C PRO B 7 47.89 6.73 -8.35
N PRO B 8 47.17 5.61 -8.33
CA PRO B 8 46.08 5.46 -7.36
C PRO B 8 46.64 5.50 -5.92
N VAL B 9 45.87 5.98 -4.94
CA VAL B 9 46.32 5.94 -3.56
C VAL B 9 46.05 4.51 -3.03
N ALA B 10 47.11 3.70 -2.94
CA ALA B 10 47.00 2.26 -2.64
C ALA B 10 46.16 1.91 -1.40
N SER B 11 46.31 2.71 -0.35
CA SER B 11 45.60 2.48 0.91
C SER B 11 44.08 2.48 0.75
N LEU B 12 43.54 3.15 -0.29
CA LEU B 12 42.06 3.19 -0.44
C LEU B 12 41.49 2.04 -1.25
N LYS B 13 42.34 1.17 -1.78
CA LYS B 13 41.89 0.16 -2.76
C LYS B 13 40.89 -0.82 -2.13
N GLY B 14 39.72 -0.95 -2.77
CA GLY B 14 38.66 -1.87 -2.32
C GLY B 14 38.05 -1.46 -0.99
N LYS B 15 38.34 -0.27 -0.49
CA LYS B 15 37.81 0.10 0.84
C LYS B 15 36.61 1.06 0.84
N SER B 16 35.70 0.86 1.77
CA SER B 16 34.57 1.75 1.96
C SER B 16 35.04 3.01 2.65
N ILE B 17 34.37 4.12 2.35
CA ILE B 17 34.76 5.40 2.95
C ILE B 17 33.60 5.90 3.79
N THR B 18 33.78 5.88 5.11
CA THR B 18 32.69 6.23 6.02
C THR B 18 32.96 7.43 6.93
N SER B 19 34.24 7.70 7.20
CA SER B 19 34.61 8.71 8.21
C SER B 19 35.91 9.40 7.85
N ALA B 20 36.00 10.72 8.12
CA ALA B 20 37.27 11.45 8.04
C ALA B 20 38.38 10.82 8.86
N GLU B 21 38.00 10.07 9.89
CA GLU B 21 38.97 9.41 10.78
C GLU B 21 39.82 8.35 10.12
N GLN B 22 39.32 7.73 9.04
CA GLN B 22 40.07 6.63 8.44
C GLN B 22 41.31 7.05 7.61
N PHE B 23 41.54 8.35 7.42
CA PHE B 23 42.63 8.81 6.56
C PHE B 23 43.84 9.31 7.34
N SER B 24 45.03 9.00 6.83
CA SER B 24 46.24 9.61 7.39
C SER B 24 46.61 10.87 6.63
N ARG B 25 47.55 11.63 7.18
CA ARG B 25 48.07 12.84 6.55
C ARG B 25 48.64 12.49 5.16
N ALA B 26 49.36 11.37 5.10
CA ALA B 26 49.95 10.89 3.85
C ALA B 26 48.86 10.53 2.82
N ASP B 27 47.77 9.90 3.28
CA ASP B 27 46.58 9.62 2.44
C ASP B 27 46.02 10.90 1.80
N ILE B 28 45.82 11.91 2.65
CA ILE B 28 45.24 13.18 2.22
C ILE B 28 46.12 13.88 1.19
N TYR B 29 47.43 13.98 1.44
CA TYR B 29 48.34 14.58 0.47
C TYR B 29 48.41 13.82 -0.82
N ALA B 30 48.36 12.49 -0.76
CA ALA B 30 48.38 11.68 -1.98
C ALA B 30 47.08 11.90 -2.79
N LEU B 31 45.96 11.99 -2.09
CA LEU B 31 44.68 12.35 -2.73
C LEU B 31 44.70 13.75 -3.35
N ILE B 32 45.29 14.69 -2.63
CA ILE B 32 45.35 16.08 -3.09
C ILE B 32 46.17 16.13 -4.36
N HIS B 33 47.35 15.47 -4.34
CA HIS B 33 48.20 15.49 -5.52
C HIS B 33 47.58 14.73 -6.69
N LEU B 34 46.87 13.64 -6.41
CA LEU B 34 46.15 12.91 -7.46
C LEU B 34 45.04 13.78 -8.07
N ALA B 35 44.29 14.48 -7.21
CA ALA B 35 43.22 15.40 -7.63
C ALA B 35 43.73 16.56 -8.52
N SER B 36 44.87 17.17 -8.15
CA SER B 36 45.49 18.20 -9.05
C SER B 36 45.94 17.64 -10.39
N ALA B 37 46.44 16.40 -10.41
CA ALA B 37 46.83 15.78 -11.68
C ALA B 37 45.60 15.44 -12.54
N MET B 38 44.53 14.88 -11.93
CA MET B 38 43.24 14.73 -12.62
C MET B 38 42.79 16.11 -13.21
N GLN B 39 42.76 17.15 -12.37
CA GLN B 39 42.47 18.51 -12.82
C GLN B 39 43.26 18.94 -14.08
N ARG B 40 44.57 18.77 -14.02
CA ARG B 40 45.46 19.19 -15.10
C ARG B 40 45.09 18.44 -16.38
N LYS B 41 44.90 17.12 -16.30
CA LYS B 41 44.53 16.33 -17.48
C LYS B 41 43.16 16.68 -18.04
N ILE B 42 42.13 16.84 -17.19
CA ILE B 42 40.80 17.21 -17.68
C ILE B 42 40.78 18.62 -18.30
N ASP B 43 41.47 19.58 -17.67
CA ASP B 43 41.44 20.98 -18.12
C ASP B 43 42.20 21.12 -19.43
N ALA B 44 43.14 20.21 -19.68
CA ALA B 44 43.82 20.16 -20.97
C ALA B 44 43.05 19.39 -22.03
N GLY B 45 41.86 18.89 -21.69
CA GLY B 45 41.01 18.22 -22.67
C GLY B 45 41.29 16.74 -22.88
N GLU B 46 42.22 16.17 -22.13
CA GLU B 46 42.52 14.73 -22.22
C GLU B 46 41.38 13.84 -21.73
N VAL B 47 41.19 12.72 -22.41
CA VAL B 47 40.11 11.79 -22.12
C VAL B 47 40.68 10.63 -21.31
N LEU B 48 40.05 10.29 -20.18
CA LEU B 48 40.55 9.21 -19.30
C LEU B 48 39.72 7.96 -19.49
N ASN B 49 40.38 6.81 -19.63
CA ASN B 49 39.69 5.54 -19.84
C ASN B 49 39.86 4.51 -18.71
N LEU B 50 40.27 4.98 -17.55
CA LEU B 50 40.67 4.14 -16.42
C LEU B 50 39.64 3.19 -15.86
N LEU B 51 38.34 3.57 -15.87
CA LEU B 51 37.30 2.73 -15.25
C LEU B 51 36.21 2.28 -16.21
N GLN B 52 36.56 2.08 -17.46
CA GLN B 52 35.63 1.54 -18.45
C GLN B 52 35.12 0.22 -17.96
N GLY B 53 33.82 -0.01 -18.11
CA GLY B 53 33.20 -1.24 -17.64
C GLY B 53 32.90 -1.33 -16.15
N ARG B 54 33.21 -0.28 -15.38
CA ARG B 54 32.87 -0.31 -13.94
C ARG B 54 31.67 0.56 -13.65
N ILE B 55 30.88 0.18 -12.65
CA ILE B 55 29.61 0.83 -12.42
C ILE B 55 29.56 1.42 -11.02
N MET B 56 29.26 2.71 -10.96
CA MET B 56 28.85 3.31 -9.72
C MET B 56 27.32 3.40 -9.65
N THR B 57 26.75 3.08 -8.50
CA THR B 57 25.32 3.29 -8.29
C THR B 57 25.09 4.24 -7.10
N PRO B 58 24.40 5.36 -7.32
CA PRO B 58 24.02 6.24 -6.23
C PRO B 58 22.80 5.71 -5.49
N LEU B 59 22.80 5.85 -4.16
CA LEU B 59 21.66 5.44 -3.31
C LEU B 59 21.38 6.62 -2.42
N PHE B 60 20.55 7.52 -2.92
CA PHE B 60 20.29 8.79 -2.24
C PHE B 60 18.86 8.77 -1.65
N PHE B 61 18.82 8.61 -0.33
CA PHE B 61 17.57 8.62 0.40
C PHE B 61 17.19 10.02 0.83
N GLU B 62 18.05 10.99 0.51
CA GLU B 62 17.68 12.41 0.61
C GLU B 62 18.30 13.16 -0.56
N ASP B 63 17.84 14.39 -0.75
CA ASP B 63 18.24 15.22 -1.88
C ASP B 63 19.71 15.62 -1.86
N SER B 64 20.24 15.83 -3.06
CA SER B 64 21.58 16.30 -3.26
C SER B 64 21.67 16.94 -4.64
N SER B 65 22.39 18.05 -4.73
CA SER B 65 22.65 18.72 -5.99
C SER B 65 24.10 18.54 -6.34
N ARG B 66 24.97 19.00 -5.45
CA ARG B 66 26.40 18.83 -5.61
C ARG B 66 26.95 17.43 -5.51
N THR B 67 26.58 16.72 -4.46
CA THR B 67 27.28 15.47 -4.14
C THR B 67 26.91 14.40 -5.14
N PHE B 68 25.62 14.24 -5.42
CA PHE B 68 25.20 13.31 -6.45
C PHE B 68 25.87 13.62 -7.83
N SER B 69 25.76 14.88 -8.27
CA SER B 69 26.17 15.26 -9.63
C SER B 69 27.66 15.11 -9.75
N SER B 70 28.34 15.57 -8.70
CA SER B 70 29.79 15.57 -8.59
C SER B 70 30.36 14.16 -8.72
N PHE B 71 29.75 13.22 -8.01
CA PHE B 71 30.16 11.82 -8.04
C PHE B 71 29.88 11.21 -9.40
N CYS B 72 28.71 11.52 -9.99
CA CYS B 72 28.39 10.99 -11.29
C CYS B 72 29.41 11.51 -12.31
N ALA B 73 29.67 12.82 -12.29
CA ALA B 73 30.65 13.41 -13.19
C ALA B 73 32.06 12.82 -13.07
N ALA B 74 32.51 12.62 -11.84
CA ALA B 74 33.81 12.09 -11.57
C ALA B 74 33.91 10.65 -12.11
N MET B 75 32.84 9.85 -11.93
CA MET B 75 32.83 8.48 -12.45
C MET B 75 32.94 8.53 -13.99
N ILE B 76 32.11 9.36 -14.61
CA ILE B 76 32.12 9.48 -16.06
C ILE B 76 33.49 9.95 -16.61
N ARG B 77 34.08 10.96 -15.98
CA ARG B 77 35.33 11.50 -16.42
C ARG B 77 36.49 10.52 -16.22
N LEU B 78 36.25 9.44 -15.47
CA LEU B 78 37.22 8.37 -15.34
C LEU B 78 36.95 7.29 -16.40
N GLY B 79 35.90 7.45 -17.20
CA GLY B 79 35.52 6.42 -18.16
C GLY B 79 34.55 5.35 -17.64
N GLY B 80 34.09 5.51 -16.41
CA GLY B 80 33.15 4.57 -15.79
C GLY B 80 31.70 4.95 -16.05
N SER B 81 30.78 4.16 -15.48
CA SER B 81 29.38 4.35 -15.77
C SER B 81 28.55 4.44 -14.50
N VAL B 82 27.33 4.93 -14.65
CA VAL B 82 26.45 5.22 -13.55
C VAL B 82 25.11 4.51 -13.83
N VAL B 83 24.61 3.71 -12.88
CA VAL B 83 23.24 3.20 -12.99
C VAL B 83 22.38 4.11 -12.16
N ASN B 84 21.44 4.79 -12.81
CA ASN B 84 20.68 5.87 -12.16
C ASN B 84 19.47 5.37 -11.32
N PHE B 85 19.77 4.69 -10.23
CA PHE B 85 18.75 4.21 -9.29
C PHE B 85 18.12 5.39 -8.55
N LYS B 86 16.79 5.43 -8.47
CA LYS B 86 16.04 6.41 -7.68
C LYS B 86 15.26 5.68 -6.61
N VAL B 87 15.51 6.07 -5.35
CA VAL B 87 14.82 5.48 -4.20
C VAL B 87 13.29 5.65 -4.29
N GLU B 88 12.85 6.81 -4.77
CA GLU B 88 11.41 7.12 -4.90
C GLU B 88 10.66 6.27 -5.97
N ALA B 89 11.38 5.72 -6.95
CA ALA B 89 10.76 4.88 -7.98
C ALA B 89 11.09 3.39 -7.77
N SER B 90 11.43 3.04 -6.54
CA SER B 90 11.98 1.72 -6.24
C SER B 90 11.02 0.77 -5.49
N SER B 91 11.48 -0.47 -5.32
CA SER B 91 10.77 -1.47 -4.54
C SER B 91 10.72 -1.18 -3.04
N ILE B 92 11.46 -0.17 -2.56
CA ILE B 92 11.23 0.35 -1.19
C ILE B 92 9.74 0.69 -0.99
N ASN B 93 9.04 1.10 -2.05
CA ASN B 93 7.59 1.37 -1.95
C ASN B 93 6.74 0.09 -1.75
N LYS B 94 7.32 -1.08 -2.01
CA LYS B 94 6.64 -2.37 -1.84
C LYS B 94 7.05 -3.07 -0.54
N GLY B 95 7.72 -2.33 0.35
CA GLY B 95 8.16 -2.86 1.64
C GLY B 95 9.58 -3.44 1.70
N GLU B 96 10.38 -3.25 0.64
CA GLU B 96 11.76 -3.76 0.64
C GLU B 96 12.60 -3.04 1.70
N THR B 97 13.32 -3.78 2.53
CA THR B 97 14.19 -3.19 3.55
C THR B 97 15.42 -2.51 2.95
N LEU B 98 16.12 -1.75 3.78
CA LEU B 98 17.37 -1.12 3.42
C LEU B 98 18.44 -2.16 3.08
N ALA B 99 18.63 -3.14 3.97
CA ALA B 99 19.59 -4.23 3.75
C ALA B 99 19.35 -4.95 2.39
N ASP B 100 18.09 -5.26 2.07
CA ASP B 100 17.79 -5.94 0.80
C ASP B 100 18.04 -5.02 -0.41
N THR B 101 17.73 -3.73 -0.27
CA THR B 101 18.05 -2.73 -1.32
C THR B 101 19.55 -2.73 -1.59
N ILE B 102 20.33 -2.74 -0.52
CA ILE B 102 21.79 -2.74 -0.63
C ILE B 102 22.30 -3.96 -1.35
N ARG B 103 21.82 -5.14 -0.96
CA ARG B 103 22.21 -6.38 -1.61
C ARG B 103 21.84 -6.35 -3.10
N THR B 104 20.73 -5.72 -3.42
CA THR B 104 20.28 -5.60 -4.79
C THR B 104 21.28 -4.78 -5.63
N LEU B 105 21.60 -3.57 -5.21
CA LEU B 105 22.48 -2.73 -6.05
C LEU B 105 23.93 -3.26 -6.04
N ASP B 106 24.28 -3.92 -4.96
CA ASP B 106 25.55 -4.59 -4.81
C ASP B 106 25.71 -5.78 -5.78
N SER B 107 24.61 -6.34 -6.29
CA SER B 107 24.68 -7.43 -7.27
C SER B 107 25.09 -6.94 -8.64
N TYR B 108 24.99 -5.63 -8.89
CA TYR B 108 25.24 -5.09 -10.23
C TYR B 108 26.43 -4.17 -10.32
N SER B 109 26.88 -3.65 -9.16
CA SER B 109 27.72 -2.46 -9.10
C SER B 109 29.14 -2.78 -8.63
N ASP B 110 30.06 -1.86 -8.87
CA ASP B 110 31.42 -1.95 -8.36
C ASP B 110 31.62 -1.06 -7.12
N VAL B 111 30.81 -0.01 -7.00
CA VAL B 111 30.90 0.95 -5.90
C VAL B 111 29.50 1.55 -5.69
N LEU B 112 29.13 1.71 -4.43
CA LEU B 112 27.87 2.35 -4.08
C LEU B 112 28.14 3.71 -3.44
N VAL B 113 27.34 4.71 -3.79
CA VAL B 113 27.48 6.03 -3.15
C VAL B 113 26.21 6.30 -2.38
N MET B 114 26.31 6.36 -1.07
CA MET B 114 25.10 6.35 -0.27
C MET B 114 24.93 7.56 0.61
N ARG B 115 23.75 8.18 0.54
CA ARG B 115 23.37 9.29 1.44
C ARG B 115 22.06 8.89 2.13
N HIS B 116 22.00 9.05 3.46
CA HIS B 116 20.81 8.58 4.19
C HIS B 116 20.55 9.51 5.39
N PRO B 117 19.25 9.82 5.70
CA PRO B 117 19.00 10.69 6.88
C PRO B 117 19.29 10.06 8.26
N ARG B 118 19.48 8.74 8.36
CA ARG B 118 19.80 8.08 9.62
C ARG B 118 21.29 7.85 9.73
N GLN B 119 21.85 8.21 10.87
CA GLN B 119 23.27 8.14 11.07
C GLN B 119 23.80 6.70 10.95
N ASP B 120 23.06 5.74 11.49
CA ASP B 120 23.57 4.37 11.51
C ASP B 120 23.29 3.57 10.20
N ALA B 121 22.66 4.19 9.21
CA ALA B 121 22.26 3.46 7.96
C ALA B 121 23.47 3.00 7.16
N ILE B 122 24.54 3.78 7.23
CA ILE B 122 25.81 3.42 6.59
C ILE B 122 26.40 2.12 7.17
N GLU B 123 26.42 2.02 8.50
CA GLU B 123 26.86 0.79 9.14
C GLU B 123 26.01 -0.43 8.77
N GLU B 124 24.69 -0.29 8.70
CA GLU B 124 23.83 -1.42 8.26
C GLU B 124 24.18 -1.83 6.82
N ALA B 125 24.39 -0.83 5.96
CA ALA B 125 24.69 -1.10 4.56
C ALA B 125 26.01 -1.86 4.45
N LEU B 126 27.03 -1.40 5.18
CA LEU B 126 28.33 -2.08 5.26
C LEU B 126 28.24 -3.55 5.75
N SER B 127 27.31 -3.87 6.62
CA SER B 127 27.23 -5.25 7.11
C SER B 127 26.79 -6.24 6.01
N VAL B 128 26.12 -5.77 4.94
CA VAL B 128 25.68 -6.66 3.88
C VAL B 128 26.39 -6.49 2.52
N ALA B 129 26.99 -5.33 2.27
CA ALA B 129 27.60 -5.06 0.96
C ALA B 129 28.95 -5.77 0.74
N GLN B 130 29.14 -6.32 -0.45
CA GLN B 130 30.42 -6.91 -0.84
C GLN B 130 31.32 -5.84 -1.42
N HIS B 131 30.73 -4.85 -2.09
CA HIS B 131 31.51 -3.80 -2.76
C HIS B 131 31.65 -2.56 -1.86
N PRO B 132 32.67 -1.70 -2.13
CA PRO B 132 32.83 -0.51 -1.30
C PRO B 132 31.60 0.41 -1.36
N ILE B 133 31.30 0.99 -0.19
CA ILE B 133 30.32 2.02 -0.06
C ILE B 133 31.00 3.33 0.31
N LEU B 134 30.65 4.41 -0.41
CA LEU B 134 31.17 5.74 -0.09
C LEU B 134 30.04 6.54 0.56
N ASN B 135 30.28 6.96 1.79
CA ASN B 135 29.32 7.75 2.58
C ASN B 135 29.22 9.17 2.02
N ALA B 136 28.09 9.47 1.38
CA ALA B 136 27.84 10.83 0.87
C ALA B 136 26.99 11.69 1.85
N GLY B 137 26.90 11.22 3.09
CA GLY B 137 26.20 11.95 4.16
C GLY B 137 25.31 11.01 4.95
N ASN B 138 25.58 10.87 6.26
CA ASN B 138 24.77 9.97 7.07
C ASN B 138 24.17 10.75 8.23
N GLY B 139 22.95 11.22 8.03
CA GLY B 139 22.26 12.05 9.01
C GLY B 139 23.08 13.29 9.32
N ALA B 140 23.16 13.60 10.60
CA ALA B 140 23.97 14.70 11.11
C ALA B 140 25.35 14.17 11.52
N GLY B 141 25.74 13.02 10.98
CA GLY B 141 27.01 12.37 11.31
C GLY B 141 28.17 13.00 10.56
N GLU B 142 28.54 12.40 9.44
CA GLU B 142 29.73 12.83 8.69
C GLU B 142 29.47 12.99 7.15
N HIS B 143 30.41 13.64 6.49
CA HIS B 143 30.41 13.78 5.04
C HIS B 143 31.90 13.74 4.67
N PRO B 144 32.52 12.55 4.68
CA PRO B 144 33.99 12.47 4.60
C PRO B 144 34.60 12.97 3.28
N THR B 145 33.92 12.78 2.15
CA THR B 145 34.47 13.30 0.89
C THR B 145 34.32 14.82 0.78
N GLN B 146 33.35 15.41 1.46
CA GLN B 146 33.33 16.85 1.59
C GLN B 146 34.54 17.35 2.34
N ALA B 147 34.92 16.71 3.40
CA ALA B 147 36.11 17.20 4.14
C ALA B 147 37.35 17.09 3.28
N LEU B 148 37.42 16.02 2.49
CA LEU B 148 38.55 15.85 1.60
C LEU B 148 38.64 16.95 0.52
N LEU B 149 37.52 17.28 -0.11
CA LEU B 149 37.55 18.33 -1.15
C LEU B 149 37.70 19.72 -0.55
N ASP B 150 37.18 19.89 0.67
CA ASP B 150 37.36 21.12 1.41
C ASP B 150 38.84 21.35 1.70
N THR B 151 39.54 20.30 2.10
CA THR B 151 40.97 20.37 2.39
C THR B 151 41.80 20.59 1.11
N LEU B 152 41.44 19.88 0.04
CA LEU B 152 41.99 20.22 -1.29
C LEU B 152 41.78 21.70 -1.65
N THR B 153 40.57 22.22 -1.40
CA THR B 153 40.30 23.63 -1.67
C THR B 153 41.23 24.56 -0.86
N ILE B 154 41.36 24.32 0.44
CA ILE B 154 42.29 25.13 1.27
C ILE B 154 43.74 25.08 0.78
N HIS B 155 44.22 23.87 0.52
CA HIS B 155 45.60 23.63 0.08
C HIS B 155 45.84 24.35 -1.25
N SER B 156 44.94 24.17 -2.22
CA SER B 156 45.08 24.79 -3.54
C SER B 156 44.97 26.33 -3.54
N GLU B 157 44.07 26.89 -2.73
CA GLU B 157 43.85 28.35 -2.72
C GLU B 157 44.88 29.11 -1.90
N LEU B 158 45.30 28.52 -0.77
CA LEU B 158 46.19 29.23 0.14
C LEU B 158 47.61 28.71 0.11
N GLY B 159 47.80 27.47 -0.31
CA GLY B 159 49.14 26.96 -0.49
C GLY B 159 49.60 26.07 0.63
N SER B 160 48.94 26.15 1.79
CA SER B 160 49.13 25.13 2.80
C SER B 160 47.97 25.04 3.80
N VAL B 161 47.91 23.94 4.54
CA VAL B 161 46.84 23.70 5.50
C VAL B 161 47.42 23.82 6.92
N ASP B 162 48.65 23.38 7.13
CA ASP B 162 49.30 23.62 8.44
C ASP B 162 49.34 25.12 8.73
N GLY B 163 49.16 25.52 10.00
CA GLY B 163 49.34 26.90 10.38
C GLY B 163 48.15 27.84 10.17
N ILE B 164 47.07 27.34 9.54
CA ILE B 164 45.92 28.21 9.29
C ILE B 164 45.10 28.47 10.54
N THR B 165 44.42 29.59 10.53
CA THR B 165 43.34 29.88 11.45
C THR B 165 42.04 29.71 10.66
N ILE B 166 41.16 28.83 11.14
CA ILE B 166 39.91 28.59 10.46
C ILE B 166 38.69 28.84 11.34
N ALA B 167 37.67 29.47 10.76
CA ALA B 167 36.40 29.63 11.44
C ALA B 167 35.39 28.70 10.86
N LEU B 168 34.72 27.96 11.74
CA LEU B 168 33.61 27.09 11.32
C LEU B 168 32.38 27.78 11.83
N ILE B 169 31.49 28.13 10.92
CA ILE B 169 30.39 29.06 11.26
C ILE B 169 29.03 28.43 10.93
N GLY B 170 28.05 28.56 11.83
CA GLY B 170 26.67 28.22 11.48
C GLY B 170 26.10 27.13 12.36
N ASP B 171 25.31 26.22 11.77
CA ASP B 171 24.74 25.11 12.53
C ASP B 171 25.76 24.00 12.69
N LEU B 172 26.62 24.12 13.69
CA LEU B 172 27.73 23.19 13.87
C LEU B 172 27.25 21.87 14.47
N LYS B 173 26.12 21.94 15.16
CA LYS B 173 25.49 20.76 15.77
C LYS B 173 25.05 19.75 14.71
N MET B 174 24.25 20.22 13.77
CA MET B 174 23.65 19.32 12.80
C MET B 174 24.50 19.19 11.55
N GLY B 175 25.54 20.02 11.42
CA GLY B 175 26.38 20.12 10.20
C GLY B 175 27.35 18.97 10.01
N ARG B 176 26.97 17.98 9.20
CA ARG B 176 27.87 16.85 9.01
C ARG B 176 29.19 17.24 8.32
N THR B 177 29.14 18.35 7.55
CA THR B 177 30.31 18.82 6.84
C THR B 177 31.37 19.32 7.80
N VAL B 178 30.94 20.12 8.77
CA VAL B 178 31.85 20.65 9.77
C VAL B 178 32.33 19.54 10.71
N HIS B 179 31.51 18.55 11.00
CA HIS B 179 32.00 17.42 11.80
C HIS B 179 33.18 16.73 11.15
N SER B 180 33.06 16.41 9.85
CA SER B 180 34.11 15.73 9.13
C SER B 180 35.31 16.62 8.95
N LEU B 181 35.07 17.91 8.69
CA LEU B 181 36.19 18.81 8.36
C LEU B 181 37.04 19.03 9.59
N LEU B 182 36.38 19.28 10.72
CA LEU B 182 37.13 19.51 11.97
C LEU B 182 37.99 18.27 12.25
N LYS B 183 37.40 17.08 12.11
CA LYS B 183 38.14 15.84 12.37
C LYS B 183 39.34 15.73 11.45
N LEU B 184 39.12 15.92 10.16
CA LEU B 184 40.18 15.74 9.18
C LEU B 184 41.33 16.71 9.38
N LEU B 185 40.98 17.97 9.63
CA LEU B 185 41.96 19.04 9.83
C LEU B 185 42.74 18.87 11.11
N VAL B 186 42.05 18.64 12.22
CA VAL B 186 42.77 18.55 13.50
C VAL B 186 43.58 17.25 13.64
N ARG B 187 43.08 16.15 13.08
CA ARG B 187 43.82 14.88 13.18
C ARG B 187 45.13 14.87 12.38
N ASN B 188 45.20 15.66 11.31
CA ASN B 188 46.26 15.45 10.30
C ASN B 188 47.15 16.63 9.96
N PHE B 189 46.85 17.79 10.52
CA PHE B 189 47.57 19.00 10.21
C PHE B 189 47.82 19.77 11.50
N SER B 190 48.80 20.67 11.47
CA SER B 190 49.04 21.55 12.58
C SER B 190 48.22 22.81 12.44
N ILE B 191 46.94 22.72 12.77
CA ILE B 191 46.05 23.89 12.69
C ILE B 191 46.40 24.86 13.82
N LYS B 192 46.56 26.14 13.50
CA LYS B 192 46.95 27.08 14.54
C LYS B 192 45.77 27.37 15.50
N CYS B 193 44.61 27.61 14.92
CA CYS B 193 43.49 28.10 15.69
C CYS B 193 42.19 27.76 14.95
N VAL B 194 41.18 27.32 15.72
CA VAL B 194 39.84 27.07 15.20
C VAL B 194 38.86 27.96 15.98
N PHE B 195 38.06 28.71 15.25
CA PHE B 195 36.94 29.42 15.85
C PHE B 195 35.64 28.67 15.55
N LEU B 196 34.87 28.36 16.59
CA LEU B 196 33.58 27.69 16.42
C LEU B 196 32.47 28.72 16.63
N VAL B 197 31.93 29.24 15.52
CA VAL B 197 31.06 30.41 15.56
C VAL B 197 29.61 29.92 15.46
N ALA B 198 28.94 29.88 16.62
CA ALA B 198 27.58 29.37 16.72
C ALA B 198 27.04 29.62 18.12
N PRO B 199 25.73 29.92 18.22
CA PRO B 199 25.10 29.95 19.54
C PRO B 199 25.28 28.57 20.20
N ASP B 200 25.28 28.53 21.55
CA ASP B 200 25.47 27.27 22.29
C ASP B 200 24.53 26.15 21.85
N ALA B 201 23.29 26.52 21.53
CA ALA B 201 22.27 25.55 21.08
C ALA B 201 22.67 24.82 19.78
N LEU B 202 23.53 25.43 18.96
CA LEU B 202 23.95 24.82 17.71
C LEU B 202 25.50 24.62 17.63
N GLN B 203 26.13 24.54 18.80
CA GLN B 203 27.58 24.42 18.87
C GLN B 203 28.10 23.06 18.40
N MET B 204 29.40 23.01 18.10
CA MET B 204 30.03 21.73 17.69
C MET B 204 29.74 20.64 18.74
N PRO B 205 29.36 19.42 18.32
CA PRO B 205 29.09 18.41 19.35
C PRO B 205 30.30 18.01 20.19
N GLN B 206 30.02 17.72 21.46
CA GLN B 206 31.03 17.23 22.37
C GLN B 206 31.61 15.91 21.85
N ASP B 207 30.79 15.09 21.19
CA ASP B 207 31.30 13.82 20.62
C ASP B 207 32.18 13.99 19.36
N VAL B 208 32.35 15.21 18.86
CA VAL B 208 33.39 15.51 17.89
C VAL B 208 34.65 16.01 18.57
N LEU B 209 34.49 16.95 19.51
CA LEU B 209 35.61 17.55 20.27
C LEU B 209 36.39 16.55 21.15
N GLU B 210 35.66 15.72 21.87
CA GLU B 210 36.23 14.84 22.88
C GLU B 210 37.25 13.88 22.26
N PRO B 211 36.91 13.20 21.15
CA PRO B 211 37.92 12.30 20.58
C PRO B 211 39.13 13.02 19.95
N LEU B 212 39.05 14.32 19.71
CA LEU B 212 40.18 15.09 19.18
C LEU B 212 41.13 15.59 20.28
N GLN B 213 40.89 15.15 21.53
CA GLN B 213 41.62 15.65 22.71
C GLN B 213 43.13 15.50 22.62
N HIS B 214 43.58 14.29 22.30
CA HIS B 214 45.01 14.00 22.12
C HIS B 214 45.67 14.88 21.05
N GLU B 215 45.01 15.09 19.90
CA GLU B 215 45.58 15.92 18.82
C GLU B 215 45.57 17.42 19.19
N ILE B 216 44.45 17.92 19.72
CA ILE B 216 44.44 19.30 20.25
C ILE B 216 45.64 19.51 21.20
N ALA B 217 45.81 18.62 22.19
CA ALA B 217 46.92 18.72 23.17
C ALA B 217 48.30 18.67 22.54
N THR B 218 48.57 17.68 21.70
CA THR B 218 49.97 17.44 21.31
C THR B 218 50.38 18.41 20.19
N LYS B 219 49.38 18.97 19.48
CA LYS B 219 49.72 19.99 18.47
C LYS B 219 49.43 21.42 18.93
N GLY B 220 48.88 21.57 20.15
CA GLY B 220 48.62 22.87 20.73
C GLY B 220 47.68 23.73 19.88
N VAL B 221 46.67 23.09 19.28
CA VAL B 221 45.69 23.79 18.47
C VAL B 221 44.91 24.72 19.42
N ILE B 222 44.78 26.01 19.08
CA ILE B 222 43.92 26.89 19.88
C ILE B 222 42.46 26.77 19.41
N ILE B 223 41.50 26.59 20.32
CA ILE B 223 40.07 26.57 19.94
C ILE B 223 39.19 27.52 20.80
N HIS B 224 38.47 28.43 20.16
CA HIS B 224 37.56 29.33 20.88
C HIS B 224 36.15 29.22 20.27
N ARG B 225 35.15 29.30 21.13
CA ARG B 225 33.76 29.45 20.69
C ARG B 225 33.47 30.93 20.66
N THR B 226 32.63 31.37 19.74
CA THR B 226 32.01 32.69 19.81
C THR B 226 30.59 32.47 19.40
N HIS B 227 29.70 33.38 19.80
CA HIS B 227 28.28 33.32 19.43
C HIS B 227 28.06 34.11 18.17
N ALA B 228 28.95 35.02 17.84
CA ALA B 228 28.78 35.85 16.65
C ALA B 228 30.07 35.93 15.85
N LEU B 229 29.96 36.43 14.63
CA LEU B 229 31.11 36.64 13.80
C LEU B 229 31.80 37.95 14.20
N THR B 230 32.52 37.93 15.32
CA THR B 230 33.19 39.12 15.81
C THR B 230 34.33 39.60 14.89
N ASP B 231 34.77 40.83 15.12
CA ASP B 231 35.88 41.43 14.38
C ASP B 231 37.18 40.66 14.53
N GLU B 232 37.43 40.08 15.71
CA GLU B 232 38.62 39.26 15.89
C GLU B 232 38.65 38.06 14.93
N VAL B 233 37.51 37.37 14.81
CA VAL B 233 37.38 36.21 13.92
C VAL B 233 37.64 36.64 12.47
N MET B 234 37.03 37.75 12.07
CA MET B 234 37.21 38.34 10.73
C MET B 234 38.66 38.68 10.42
N GLN B 235 39.36 39.21 11.40
CA GLN B 235 40.72 39.69 11.22
C GLN B 235 41.77 38.59 11.30
N LYS B 236 41.49 37.55 12.09
CA LYS B 236 42.46 36.45 12.25
C LYS B 236 42.32 35.24 11.31
N SER B 237 41.13 35.05 10.73
CA SER B 237 40.87 33.84 9.96
C SER B 237 41.49 33.82 8.55
N ASP B 238 42.18 32.72 8.25
CA ASP B 238 42.58 32.48 6.88
C ASP B 238 41.47 31.83 6.07
N VAL B 239 40.54 31.14 6.77
CA VAL B 239 39.41 30.46 6.11
C VAL B 239 38.16 30.78 6.89
N LEU B 240 37.14 31.32 6.22
CA LEU B 240 35.81 31.45 6.83
C LEU B 240 34.95 30.38 6.19
N TYR B 241 34.64 29.34 6.95
CA TYR B 241 33.88 28.23 6.42
C TYR B 241 32.48 28.32 7.05
N THR B 242 31.48 28.73 6.27
CA THR B 242 30.16 28.94 6.86
C THR B 242 29.13 27.98 6.29
N THR B 243 28.01 27.82 7.00
CA THR B 243 27.03 26.82 6.66
C THR B 243 25.65 27.40 6.95
N ARG B 244 24.66 26.69 6.45
CA ARG B 244 23.27 27.00 6.68
C ARG B 244 22.97 26.67 8.13
N LEU B 245 22.53 27.67 8.92
CA LEU B 245 21.83 27.41 10.21
C LEU B 245 20.58 26.57 9.90
N GLN B 246 20.85 25.35 9.39
CA GLN B 246 19.93 24.44 8.68
C GLN B 246 18.59 25.03 8.23
N ALA B 268 22.03 34.76 14.52
CA ALA B 268 22.18 36.17 14.63
C ALA B 268 23.63 36.49 14.66
N ASP B 269 23.97 37.49 13.88
CA ASP B 269 25.30 38.03 13.72
C ASP B 269 26.40 37.11 13.19
N ILE B 270 26.03 36.21 12.30
CA ILE B 270 26.99 35.35 11.66
C ILE B 270 27.05 35.58 10.17
N THR B 271 26.27 36.52 9.66
CA THR B 271 26.24 36.80 8.26
C THR B 271 27.51 37.36 7.65
N ILE B 272 27.92 36.78 6.54
CA ILE B 272 29.06 37.28 5.76
C ILE B 272 28.51 38.03 4.54
N ASP B 273 28.73 39.33 4.52
CA ASP B 273 28.39 40.17 3.36
C ASP B 273 29.56 41.09 2.97
N ALA B 274 29.37 41.92 1.94
CA ALA B 274 30.48 42.74 1.49
C ALA B 274 30.94 43.70 2.61
N ALA B 275 30.01 44.14 3.47
CA ALA B 275 30.38 45.01 4.60
C ALA B 275 31.26 44.25 5.59
N ARG B 276 30.85 43.07 6.02
CA ARG B 276 31.73 42.23 6.89
C ARG B 276 33.13 41.96 6.27
N MET B 277 33.16 41.72 4.95
CA MET B 277 34.40 41.38 4.23
C MET B 277 35.47 42.48 4.30
N ARG B 278 35.04 43.72 4.56
CA ARG B 278 35.99 44.84 4.68
C ARG B 278 36.93 44.63 5.89
N LEU B 279 36.55 43.73 6.81
CA LEU B 279 37.41 43.39 7.95
C LEU B 279 38.35 42.21 7.72
N ALA B 280 38.06 41.41 6.68
CA ALA B 280 38.84 40.19 6.40
C ALA B 280 40.27 40.53 5.99
N LYS B 281 41.18 39.57 6.22
CA LYS B 281 42.54 39.66 5.65
C LYS B 281 42.46 39.77 4.11
N GLU B 282 43.54 40.28 3.52
CA GLU B 282 43.66 40.42 2.07
C GLU B 282 43.79 39.04 1.41
N LYS B 283 44.55 38.16 2.04
CA LYS B 283 44.72 36.79 1.58
C LYS B 283 44.02 35.84 2.52
N MET B 284 42.81 35.43 2.14
CA MET B 284 42.02 34.46 2.91
C MET B 284 40.97 33.88 1.93
N ILE B 285 40.24 32.84 2.32
CA ILE B 285 39.09 32.42 1.52
C ILE B 285 37.81 32.27 2.33
N VAL B 286 36.67 32.49 1.68
CA VAL B 286 35.36 32.21 2.26
C VAL B 286 34.91 30.93 1.58
N MET B 287 34.46 29.95 2.37
CA MET B 287 34.08 28.64 1.83
C MET B 287 32.66 28.34 2.33
N HIS B 288 31.96 27.48 1.63
CA HIS B 288 30.61 27.09 2.02
C HIS B 288 30.31 25.82 1.25
N PRO B 289 29.94 24.72 1.97
CA PRO B 289 29.67 23.46 1.29
C PRO B 289 28.44 23.55 0.40
N LEU B 290 27.54 24.51 0.66
CA LEU B 290 26.33 24.74 -0.14
C LEU B 290 25.30 23.62 0.11
N PRO B 291 23.98 23.89 -0.09
CA PRO B 291 23.39 25.18 -0.53
C PRO B 291 23.42 26.24 0.57
N ARG B 292 23.38 27.51 0.19
CA ARG B 292 23.38 28.61 1.14
C ARG B 292 22.00 29.24 1.27
N ASN B 293 21.69 29.79 2.45
CA ASN B 293 20.63 30.79 2.56
C ASN B 293 21.26 32.19 2.72
N ASP B 294 20.71 33.02 3.61
CA ASP B 294 21.16 34.41 3.78
C ASP B 294 22.46 34.62 4.57
N GLU B 295 22.94 33.58 5.29
CA GLU B 295 24.24 33.62 5.99
C GLU B 295 25.41 34.00 5.08
N LEU B 296 25.26 33.81 3.78
CA LEU B 296 26.32 34.18 2.83
C LEU B 296 25.72 34.99 1.71
N SER B 297 25.92 36.32 1.78
CA SER B 297 25.29 37.23 0.83
C SER B 297 25.91 37.11 -0.57
N THR B 298 25.06 37.25 -1.59
CA THR B 298 25.51 37.26 -2.98
C THR B 298 26.43 38.43 -3.27
N THR B 299 26.43 39.45 -2.39
CA THR B 299 27.30 40.61 -2.53
C THR B 299 28.77 40.19 -2.40
N VAL B 300 29.01 38.99 -1.85
CA VAL B 300 30.38 38.46 -1.67
C VAL B 300 30.89 37.72 -2.92
N ASP B 301 29.97 37.30 -3.79
CA ASP B 301 30.30 36.41 -4.91
C ASP B 301 31.36 36.93 -5.87
N ALA B 302 31.44 38.25 -6.07
CA ALA B 302 32.44 38.82 -6.99
C ALA B 302 33.82 38.99 -6.36
N ASP B 303 33.91 38.90 -5.04
CA ASP B 303 35.18 38.99 -4.35
C ASP B 303 36.12 37.83 -4.75
N PRO B 304 37.40 38.13 -5.07
CA PRO B 304 38.31 37.01 -5.38
C PRO B 304 38.50 36.01 -4.21
N ARG B 305 38.23 36.49 -2.98
CA ARG B 305 38.28 35.62 -1.79
C ARG B 305 37.16 34.58 -1.71
N ALA B 306 36.10 34.80 -2.48
CA ALA B 306 35.00 33.88 -2.52
C ALA B 306 35.39 32.62 -3.26
N ALA B 307 35.64 31.56 -2.50
CA ALA B 307 36.11 30.30 -3.08
C ALA B 307 35.04 29.22 -3.13
N TYR B 308 33.81 29.54 -2.74
CA TYR B 308 32.75 28.49 -2.66
C TYR B 308 32.20 27.96 -4.00
N PHE B 309 32.43 28.68 -5.10
CA PHE B 309 32.13 28.08 -6.43
C PHE B 309 33.29 27.19 -6.92
N ARG B 310 34.52 27.67 -6.84
CA ARG B 310 35.70 26.85 -7.13
C ARG B 310 35.74 25.55 -6.33
N GLN B 311 35.33 25.65 -5.05
CA GLN B 311 35.21 24.53 -4.12
C GLN B 311 34.44 23.35 -4.72
N MET B 312 33.37 23.62 -5.44
CA MET B 312 32.59 22.55 -6.11
C MET B 312 33.37 21.83 -7.19
N ARG B 313 34.15 22.59 -7.95
CA ARG B 313 34.98 22.02 -9.00
C ARG B 313 36.14 21.18 -8.44
N TYR B 314 36.81 21.67 -7.40
CA TYR B 314 37.75 20.85 -6.62
C TYR B 314 37.09 19.54 -6.14
N GLY B 315 35.79 19.61 -5.85
CA GLY B 315 35.01 18.44 -5.40
C GLY B 315 35.04 17.35 -6.48
N MET B 316 34.82 17.74 -7.74
CA MET B 316 34.80 16.77 -8.83
C MET B 316 36.15 16.07 -8.95
N PHE B 317 37.23 16.83 -8.91
CA PHE B 317 38.59 16.25 -9.03
C PHE B 317 38.97 15.42 -7.83
N MET B 318 38.58 15.86 -6.63
CA MET B 318 38.80 15.03 -5.43
C MET B 318 38.03 13.71 -5.51
N ARG B 319 36.82 13.75 -6.08
CA ARG B 319 36.05 12.52 -6.22
C ARG B 319 36.55 11.60 -7.31
N MET B 320 37.11 12.17 -8.37
CA MET B 320 37.87 11.37 -9.34
C MET B 320 39.07 10.67 -8.66
N ALA B 321 39.85 11.40 -7.86
CA ALA B 321 41.02 10.78 -7.17
C ALA B 321 40.52 9.65 -6.23
N ILE B 322 39.38 9.87 -5.56
CA ILE B 322 38.83 8.89 -4.62
C ILE B 322 38.36 7.63 -5.36
N LEU B 323 37.56 7.83 -6.39
CA LEU B 323 36.94 6.71 -7.13
C LEU B 323 38.02 5.84 -7.78
N TRP B 324 39.01 6.50 -8.35
CA TRP B 324 40.11 5.78 -9.03
C TRP B 324 40.90 5.01 -7.99
N SER B 325 41.18 5.64 -6.84
CA SER B 325 41.97 4.93 -5.80
C SER B 325 41.22 3.71 -5.26
N VAL B 326 39.92 3.86 -5.04
CA VAL B 326 39.08 2.79 -4.51
C VAL B 326 38.98 1.65 -5.52
N LEU B 327 38.88 1.99 -6.81
CA LEU B 327 38.59 0.97 -7.79
C LEU B 327 39.78 0.41 -8.60
N ALA B 328 40.97 1.01 -8.51
CA ALA B 328 42.10 0.59 -9.37
C ALA B 328 42.56 -0.83 -9.06
N GLY C 1 28.07 5.03 -45.38
CA GLY C 1 28.19 6.47 -44.92
C GLY C 1 29.58 6.81 -44.36
N SER C 2 30.45 5.82 -44.45
CA SER C 2 31.80 5.82 -43.92
C SER C 2 32.71 6.99 -44.36
N MET C 3 32.60 7.39 -45.62
CA MET C 3 33.50 8.38 -46.21
C MET C 3 33.00 9.82 -46.08
N LEU C 4 31.80 10.00 -45.54
CA LEU C 4 31.26 11.34 -45.24
C LEU C 4 32.05 12.02 -44.11
N GLU C 5 32.33 13.31 -44.29
CA GLU C 5 32.97 14.11 -43.25
C GLU C 5 31.91 14.56 -42.24
N LEU C 6 32.35 14.90 -41.03
CA LEU C 6 31.47 15.55 -40.04
C LEU C 6 32.05 16.89 -39.57
N PRO C 7 32.10 17.88 -40.49
CA PRO C 7 32.77 19.11 -40.10
C PRO C 7 31.86 19.90 -39.17
N PRO C 8 32.36 20.26 -37.97
CA PRO C 8 31.51 21.00 -37.05
C PRO C 8 31.20 22.35 -37.66
N VAL C 9 30.03 22.91 -37.39
CA VAL C 9 29.73 24.24 -37.88
C VAL C 9 30.53 25.24 -37.01
N ALA C 10 31.59 25.85 -37.57
CA ALA C 10 32.53 26.67 -36.80
C ALA C 10 31.92 27.91 -36.06
N SER C 11 30.92 28.53 -36.67
CA SER C 11 30.30 29.70 -36.05
C SER C 11 29.59 29.36 -34.71
N LEU C 12 29.33 28.07 -34.46
CA LEU C 12 28.64 27.63 -33.25
C LEU C 12 29.58 27.28 -32.09
N LYS C 13 30.87 27.18 -32.37
CA LYS C 13 31.85 26.67 -31.42
C LYS C 13 31.77 27.46 -30.11
N GLY C 14 31.54 26.75 -29.01
CA GLY C 14 31.61 27.38 -27.69
C GLY C 14 30.54 28.41 -27.41
N LYS C 15 29.53 28.47 -28.26
CA LYS C 15 28.47 29.45 -28.04
C LYS C 15 27.18 28.86 -27.44
N SER C 16 26.54 29.66 -26.60
CA SER C 16 25.20 29.33 -26.09
C SER C 16 24.17 29.53 -27.20
N ILE C 17 23.05 28.81 -27.11
CA ILE C 17 22.04 28.89 -28.13
C ILE C 17 20.77 29.29 -27.47
N THR C 18 20.34 30.52 -27.71
CA THR C 18 19.16 31.00 -26.99
C THR C 18 18.03 31.43 -27.92
N SER C 19 18.36 31.76 -29.16
CA SER C 19 17.37 32.32 -30.06
C SER C 19 17.61 31.90 -31.50
N ALA C 20 16.52 31.70 -32.23
CA ALA C 20 16.55 31.49 -33.68
C ALA C 20 17.22 32.66 -34.40
N GLU C 21 17.20 33.85 -33.78
CA GLU C 21 17.83 35.05 -34.37
C GLU C 21 19.33 34.93 -34.58
N GLN C 22 19.99 34.08 -33.80
CA GLN C 22 21.45 34.05 -33.86
C GLN C 22 22.04 33.31 -35.11
N PHE C 23 21.19 32.61 -35.86
CA PHE C 23 21.67 31.78 -36.97
C PHE C 23 21.49 32.45 -38.32
N SER C 24 22.49 32.27 -39.18
CA SER C 24 22.41 32.73 -40.56
C SER C 24 21.88 31.60 -41.43
N ARG C 25 21.54 31.92 -42.68
CA ARG C 25 21.17 30.93 -43.68
C ARG C 25 22.30 29.92 -43.89
N ALA C 26 23.54 30.39 -44.00
CA ALA C 26 24.69 29.51 -44.16
C ALA C 26 24.83 28.56 -42.94
N ASP C 27 24.67 29.08 -41.71
CA ASP C 27 24.67 28.23 -40.50
C ASP C 27 23.62 27.12 -40.57
N ILE C 28 22.39 27.47 -40.95
CA ILE C 28 21.27 26.53 -40.99
C ILE C 28 21.51 25.41 -42.01
N TYR C 29 21.94 25.78 -43.22
CA TYR C 29 22.29 24.78 -44.24
C TYR C 29 23.46 23.89 -43.85
N ALA C 30 24.45 24.47 -43.17
CA ALA C 30 25.57 23.70 -42.70
C ALA C 30 25.14 22.68 -41.62
N LEU C 31 24.25 23.09 -40.71
CA LEU C 31 23.68 22.16 -39.73
C LEU C 31 22.80 21.08 -40.38
N ILE C 32 22.01 21.45 -41.38
CA ILE C 32 21.19 20.48 -42.12
C ILE C 32 22.07 19.37 -42.75
N HIS C 33 23.14 19.78 -43.42
CA HIS C 33 24.01 18.83 -44.11
C HIS C 33 24.81 17.99 -43.10
N LEU C 34 25.18 18.62 -41.99
CA LEU C 34 25.81 17.88 -40.90
C LEU C 34 24.85 16.80 -40.32
N ALA C 35 23.62 17.22 -40.05
CA ALA C 35 22.58 16.33 -39.46
C ALA C 35 22.29 15.16 -40.38
N SER C 36 22.24 15.48 -41.67
CA SER C 36 21.95 14.49 -42.68
C SER C 36 23.10 13.44 -42.75
N ALA C 37 24.34 13.90 -42.68
CA ALA C 37 25.50 13.01 -42.57
C ALA C 37 25.52 12.18 -41.24
N MET C 38 25.26 12.82 -40.09
CA MET C 38 25.05 12.10 -38.82
C MET C 38 24.07 10.92 -39.03
N GLN C 39 22.92 11.22 -39.65
CA GLN C 39 21.87 10.24 -39.88
C GLN C 39 22.37 9.06 -40.70
N ARG C 40 23.07 9.37 -41.79
CA ARG C 40 23.61 8.32 -42.66
C ARG C 40 24.55 7.41 -41.91
N LYS C 41 25.45 7.97 -41.10
CA LYS C 41 26.42 7.14 -40.40
C LYS C 41 25.73 6.27 -39.33
N ILE C 42 24.88 6.91 -38.52
CA ILE C 42 24.14 6.20 -37.47
C ILE C 42 23.27 5.09 -38.05
N ASP C 43 22.54 5.40 -39.12
CA ASP C 43 21.68 4.40 -39.74
C ASP C 43 22.46 3.22 -40.34
N ALA C 44 23.70 3.45 -40.76
CA ALA C 44 24.56 2.38 -41.29
C ALA C 44 25.20 1.65 -40.10
N GLY C 45 24.86 2.02 -38.88
CA GLY C 45 25.39 1.31 -37.72
C GLY C 45 26.78 1.74 -37.29
N GLU C 46 27.26 2.85 -37.82
CA GLU C 46 28.57 3.40 -37.46
C GLU C 46 28.56 3.98 -36.04
N VAL C 47 29.65 3.78 -35.31
CA VAL C 47 29.77 4.23 -33.92
C VAL C 47 30.66 5.47 -33.86
N LEU C 48 30.12 6.58 -33.33
CA LEU C 48 30.86 7.84 -33.28
C LEU C 48 31.40 8.12 -31.90
N ASN C 49 32.66 8.54 -31.88
CA ASN C 49 33.32 8.81 -30.63
C ASN C 49 33.84 10.24 -30.49
N LEU C 50 33.21 11.16 -31.21
CA LEU C 50 33.60 12.57 -31.23
C LEU C 50 33.64 13.29 -29.87
N LEU C 51 32.68 13.00 -28.97
CA LEU C 51 32.58 13.74 -27.70
C LEU C 51 32.87 12.90 -26.45
N GLN C 52 33.67 11.84 -26.62
CA GLN C 52 34.01 11.00 -25.49
C GLN C 52 34.54 11.85 -24.35
N GLY C 53 34.05 11.62 -23.13
CA GLY C 53 34.56 12.40 -22.01
C GLY C 53 33.97 13.79 -21.83
N ARG C 54 32.97 14.14 -22.65
CA ARG C 54 32.28 15.42 -22.48
C ARG C 54 30.93 15.14 -21.85
N ILE C 55 30.50 16.04 -20.97
CA ILE C 55 29.26 15.84 -20.21
C ILE C 55 28.20 16.88 -20.59
N MET C 56 27.01 16.40 -20.92
CA MET C 56 25.83 17.25 -20.93
C MET C 56 25.01 17.08 -19.64
N THR C 57 24.54 18.19 -19.10
CA THR C 57 23.63 18.12 -17.97
C THR C 57 22.30 18.80 -18.33
N PRO C 58 21.21 18.01 -18.36
CA PRO C 58 19.86 18.56 -18.53
C PRO C 58 19.41 19.30 -17.25
N LEU C 59 18.90 20.50 -17.41
CA LEU C 59 18.32 21.26 -16.29
C LEU C 59 16.88 21.62 -16.64
N PHE C 60 15.97 20.71 -16.35
CA PHE C 60 14.61 20.82 -16.83
C PHE C 60 13.68 21.20 -15.69
N PHE C 61 13.27 22.46 -15.67
CA PHE C 61 12.39 22.99 -14.61
C PHE C 61 10.92 22.86 -15.05
N GLU C 62 10.69 22.12 -16.13
CA GLU C 62 9.33 21.69 -16.50
C GLU C 62 9.41 20.40 -17.34
N ASP C 63 8.26 19.75 -17.56
CA ASP C 63 8.15 18.46 -18.22
C ASP C 63 8.66 18.47 -19.67
N SER C 64 9.25 17.35 -20.09
CA SER C 64 9.70 17.12 -21.46
C SER C 64 9.83 15.62 -21.74
N SER C 65 9.33 15.18 -22.87
CA SER C 65 9.51 13.85 -23.28
C SER C 65 10.55 13.90 -24.36
N ARG C 66 10.21 14.46 -25.51
CA ARG C 66 11.18 14.51 -26.59
C ARG C 66 12.43 15.37 -26.49
N THR C 67 12.33 16.61 -26.02
CA THR C 67 13.49 17.45 -25.97
C THR C 67 14.56 16.88 -25.03
N PHE C 68 14.18 16.46 -23.86
CA PHE C 68 15.13 15.88 -22.94
C PHE C 68 15.81 14.59 -23.49
N SER C 69 14.97 13.69 -24.01
CA SER C 69 15.40 12.38 -24.48
C SER C 69 16.26 12.50 -25.71
N SER C 70 15.85 13.36 -26.63
CA SER C 70 16.58 13.47 -27.88
C SER C 70 17.92 14.14 -27.66
N PHE C 71 17.97 15.11 -26.73
CA PHE C 71 19.26 15.70 -26.33
C PHE C 71 20.19 14.68 -25.70
N CYS C 72 19.66 13.88 -24.74
CA CYS C 72 20.45 12.77 -24.15
C CYS C 72 20.95 11.78 -25.23
N ALA C 73 20.03 11.32 -26.07
CA ALA C 73 20.31 10.36 -27.12
C ALA C 73 21.35 10.92 -28.10
N ALA C 74 21.18 12.19 -28.50
CA ALA C 74 22.13 12.88 -29.40
C ALA C 74 23.53 12.92 -28.78
N MET C 75 23.62 13.31 -27.51
CA MET C 75 24.91 13.36 -26.80
C MET C 75 25.57 11.97 -26.75
N ILE C 76 24.78 10.97 -26.39
CA ILE C 76 25.32 9.61 -26.27
C ILE C 76 25.75 9.05 -27.63
N ARG C 77 24.99 9.33 -28.69
CA ARG C 77 25.38 8.86 -30.05
C ARG C 77 26.61 9.58 -30.61
N LEU C 78 26.99 10.69 -29.95
CA LEU C 78 28.25 11.36 -30.28
C LEU C 78 29.39 10.81 -29.45
N GLY C 79 29.12 9.82 -28.60
CA GLY C 79 30.16 9.33 -27.68
C GLY C 79 30.21 10.08 -26.35
N GLY C 80 29.38 11.11 -26.17
CA GLY C 80 29.36 11.89 -24.93
C GLY C 80 28.58 11.23 -23.80
N SER C 81 28.50 11.91 -22.67
CA SER C 81 27.84 11.38 -21.50
C SER C 81 26.92 12.42 -20.91
N VAL C 82 25.98 11.95 -20.09
CA VAL C 82 24.92 12.77 -19.54
C VAL C 82 24.97 12.63 -18.03
N VAL C 83 24.92 13.75 -17.30
CA VAL C 83 24.73 13.66 -15.84
C VAL C 83 23.28 13.97 -15.54
N ASN C 84 22.61 13.02 -14.91
CA ASN C 84 21.16 13.07 -14.81
C ASN C 84 20.64 13.81 -13.60
N PHE C 85 20.84 15.12 -13.64
CA PHE C 85 20.36 16.00 -12.62
C PHE C 85 18.82 16.17 -12.65
N LYS C 86 18.19 16.11 -11.47
CA LYS C 86 16.75 16.31 -11.33
C LYS C 86 16.46 17.45 -10.37
N VAL C 87 15.63 18.39 -10.81
CA VAL C 87 15.22 19.56 -10.02
C VAL C 87 14.40 19.20 -8.77
N GLU C 88 13.48 18.24 -8.90
CA GLU C 88 12.65 17.80 -7.75
C GLU C 88 13.44 17.08 -6.64
N ALA C 89 14.50 16.36 -7.02
CA ALA C 89 15.36 15.66 -6.05
C ALA C 89 16.70 16.40 -5.85
N SER C 90 16.62 17.74 -5.83
CA SER C 90 17.79 18.63 -5.72
C SER C 90 17.78 19.54 -4.47
N SER C 91 18.81 20.37 -4.33
CA SER C 91 18.95 21.28 -3.20
C SER C 91 18.08 22.53 -3.30
N ILE C 92 17.28 22.63 -4.38
CA ILE C 92 16.26 23.67 -4.56
C ILE C 92 15.12 23.51 -3.51
N ASN C 93 14.93 22.29 -3.02
CA ASN C 93 14.05 22.01 -1.88
C ASN C 93 14.54 22.55 -0.52
N LYS C 94 15.80 22.95 -0.50
CA LYS C 94 16.48 23.58 0.62
C LYS C 94 16.68 25.08 0.41
N GLY C 95 15.97 25.63 -0.54
CA GLY C 95 16.00 27.07 -0.84
C GLY C 95 17.01 27.61 -1.86
N GLU C 96 17.76 26.73 -2.53
CA GLU C 96 18.79 27.15 -3.50
C GLU C 96 18.25 27.95 -4.69
N THR C 97 18.89 29.08 -4.98
CA THR C 97 18.52 29.95 -6.09
C THR C 97 18.88 29.33 -7.44
N LEU C 98 18.27 29.85 -8.49
CA LEU C 98 18.50 29.44 -9.88
C LEU C 98 19.96 29.66 -10.25
N ALA C 99 20.48 30.85 -9.94
CA ALA C 99 21.88 31.19 -10.24
C ALA C 99 22.87 30.23 -9.55
N ASP C 100 22.60 29.88 -8.30
CA ASP C 100 23.48 28.94 -7.58
C ASP C 100 23.43 27.51 -8.20
N THR C 101 22.24 27.10 -8.63
CA THR C 101 22.05 25.83 -9.34
C THR C 101 22.83 25.78 -10.66
N ILE C 102 22.76 26.85 -11.46
CA ILE C 102 23.55 26.94 -12.67
C ILE C 102 25.06 26.81 -12.39
N ARG C 103 25.59 27.62 -11.47
CA ARG C 103 26.99 27.56 -11.11
C ARG C 103 27.40 26.15 -10.67
N THR C 104 26.48 25.43 -10.02
CA THR C 104 26.72 24.05 -9.58
C THR C 104 26.92 23.11 -10.76
N LEU C 105 25.93 22.97 -11.62
CA LEU C 105 26.05 22.06 -12.78
C LEU C 105 27.19 22.51 -13.71
N ASP C 106 27.42 23.82 -13.78
CA ASP C 106 28.46 24.42 -14.58
C ASP C 106 29.87 24.02 -14.09
N SER C 107 30.01 23.61 -12.82
CA SER C 107 31.28 23.10 -12.28
C SER C 107 31.70 21.74 -12.83
N TYR C 108 30.74 20.99 -13.38
CA TYR C 108 30.92 19.58 -13.70
C TYR C 108 30.80 19.32 -15.19
N SER C 109 30.11 20.18 -15.92
CA SER C 109 29.60 19.89 -17.25
C SER C 109 30.34 20.64 -18.34
N ASP C 110 30.20 20.18 -19.58
CA ASP C 110 30.71 20.89 -20.76
C ASP C 110 29.60 21.68 -21.46
N VAL C 111 28.35 21.26 -21.26
CA VAL C 111 27.21 21.95 -21.85
C VAL C 111 25.97 21.72 -21.00
N LEU C 112 25.15 22.77 -20.87
CA LEU C 112 23.91 22.69 -20.11
C LEU C 112 22.72 22.86 -21.04
N VAL C 113 21.70 22.03 -20.86
CA VAL C 113 20.50 22.14 -21.67
C VAL C 113 19.39 22.52 -20.72
N MET C 114 18.82 23.71 -20.93
CA MET C 114 17.96 24.29 -19.92
C MET C 114 16.55 24.60 -20.44
N ARG C 115 15.55 24.13 -19.69
CA ARG C 115 14.14 24.47 -19.96
C ARG C 115 13.55 25.03 -18.67
N HIS C 116 12.82 26.14 -18.79
CA HIS C 116 12.33 26.85 -17.60
C HIS C 116 11.01 27.55 -17.92
N PRO C 117 10.07 27.56 -16.95
CA PRO C 117 8.81 28.27 -17.16
C PRO C 117 8.92 29.81 -17.30
N ARG C 118 10.00 30.43 -16.82
CA ARG C 118 10.18 31.88 -16.93
C ARG C 118 10.97 32.26 -18.17
N GLN C 119 10.46 33.19 -18.96
CA GLN C 119 11.18 33.68 -20.15
C GLN C 119 12.57 34.24 -19.87
N ASP C 120 12.72 34.92 -18.73
CA ASP C 120 13.96 35.62 -18.40
C ASP C 120 15.00 34.71 -17.73
N ALA C 121 14.63 33.45 -17.44
CA ALA C 121 15.56 32.53 -16.78
C ALA C 121 16.85 32.23 -17.55
N ILE C 122 16.77 32.11 -18.89
CA ILE C 122 17.99 31.84 -19.69
C ILE C 122 19.01 32.96 -19.57
N GLU C 123 18.54 34.21 -19.64
CA GLU C 123 19.37 35.39 -19.40
C GLU C 123 20.12 35.33 -18.07
N GLU C 124 19.40 35.01 -17.00
CA GLU C 124 19.99 34.85 -15.68
C GLU C 124 21.07 33.78 -15.70
N ALA C 125 20.74 32.64 -16.32
CA ALA C 125 21.67 31.52 -16.44
C ALA C 125 22.94 31.92 -17.21
N LEU C 126 22.80 32.61 -18.34
CA LEU C 126 23.95 33.07 -19.13
C LEU C 126 24.89 34.00 -18.33
N SER C 127 24.33 34.80 -17.45
CA SER C 127 25.12 35.77 -16.69
C SER C 127 26.06 35.10 -15.67
N VAL C 128 25.84 33.83 -15.35
CA VAL C 128 26.73 33.16 -14.41
C VAL C 128 27.48 31.93 -14.97
N ALA C 129 26.98 31.32 -16.04
CA ALA C 129 27.57 30.08 -16.57
C ALA C 129 28.82 30.36 -17.40
N GLN C 130 29.84 29.52 -17.25
CA GLN C 130 31.02 29.61 -18.10
C GLN C 130 30.85 28.75 -19.36
N HIS C 131 30.11 27.65 -19.25
CA HIS C 131 29.90 26.75 -20.36
C HIS C 131 28.68 27.14 -21.17
N PRO C 132 28.61 26.70 -22.45
CA PRO C 132 27.41 27.00 -23.24
C PRO C 132 26.10 26.46 -22.63
N ILE C 133 25.03 27.26 -22.73
CA ILE C 133 23.69 26.84 -22.34
C ILE C 133 22.88 26.73 -23.62
N LEU C 134 22.21 25.59 -23.80
CA LEU C 134 21.31 25.42 -24.94
C LEU C 134 19.87 25.60 -24.43
N ASN C 135 19.18 26.59 -24.98
CA ASN C 135 17.81 26.90 -24.56
C ASN C 135 16.81 25.86 -25.08
N ALA C 136 16.32 24.98 -24.18
CA ALA C 136 15.34 23.93 -24.52
C ALA C 136 13.89 24.39 -24.24
N GLY C 137 13.71 25.69 -24.01
CA GLY C 137 12.40 26.28 -23.91
C GLY C 137 12.35 27.24 -22.74
N ASN C 138 12.11 28.52 -23.02
CA ASN C 138 12.05 29.54 -21.96
C ASN C 138 10.65 30.18 -21.87
N GLY C 139 9.80 29.62 -21.02
CA GLY C 139 8.40 30.05 -20.89
C GLY C 139 7.75 30.10 -22.27
N ALA C 140 7.10 31.21 -22.58
CA ALA C 140 6.44 31.41 -23.86
C ALA C 140 7.35 32.12 -24.87
N GLY C 141 8.65 32.16 -24.59
CA GLY C 141 9.65 32.80 -25.43
C GLY C 141 10.00 31.97 -26.67
N GLU C 142 11.05 31.15 -26.59
CA GLU C 142 11.58 30.51 -27.79
C GLU C 142 11.98 29.07 -27.55
N HIS C 143 12.22 28.34 -28.64
CA HIS C 143 12.66 26.95 -28.57
C HIS C 143 13.53 26.78 -29.80
N PRO C 144 14.76 27.33 -29.78
CA PRO C 144 15.51 27.50 -31.02
C PRO C 144 15.91 26.18 -31.68
N THR C 145 16.15 25.14 -30.89
CA THR C 145 16.55 23.89 -31.51
C THR C 145 15.35 23.17 -32.13
N GLN C 146 14.14 23.39 -31.61
CA GLN C 146 12.96 22.94 -32.30
C GLN C 146 12.81 23.59 -33.64
N ALA C 147 13.04 24.89 -33.75
CA ALA C 147 12.98 25.58 -35.02
C ALA C 147 13.97 24.95 -36.03
N LEU C 148 15.20 24.72 -35.57
CA LEU C 148 16.22 24.10 -36.43
C LEU C 148 15.82 22.70 -36.89
N LEU C 149 15.33 21.84 -35.98
CA LEU C 149 14.93 20.51 -36.41
C LEU C 149 13.71 20.53 -37.31
N ASP C 150 12.79 21.46 -37.07
CA ASP C 150 11.60 21.62 -37.89
C ASP C 150 11.98 21.99 -39.34
N THR C 151 12.97 22.87 -39.48
CA THR C 151 13.49 23.26 -40.79
C THR C 151 14.21 22.10 -41.49
N LEU C 152 15.01 21.33 -40.74
CA LEU C 152 15.58 20.10 -41.30
C LEU C 152 14.45 19.18 -41.82
N THR C 153 13.36 19.07 -41.05
CA THR C 153 12.23 18.23 -41.44
C THR C 153 11.63 18.69 -42.79
N ILE C 154 11.37 19.99 -42.91
CA ILE C 154 10.77 20.56 -44.14
C ILE C 154 11.69 20.27 -45.32
N HIS C 155 12.96 20.62 -45.15
CA HIS C 155 13.97 20.43 -46.17
C HIS C 155 14.08 18.95 -46.63
N SER C 156 14.09 18.03 -45.67
CA SER C 156 14.24 16.61 -46.04
C SER C 156 12.98 16.05 -46.69
N GLU C 157 11.83 16.50 -46.23
CA GLU C 157 10.55 15.92 -46.66
C GLU C 157 10.10 16.50 -47.97
N LEU C 158 10.32 17.79 -48.17
CA LEU C 158 9.82 18.49 -49.34
C LEU C 158 10.95 18.84 -50.31
N GLY C 159 12.17 18.91 -49.79
CA GLY C 159 13.35 19.11 -50.63
C GLY C 159 13.76 20.55 -50.80
N SER C 160 12.92 21.46 -50.33
CA SER C 160 13.20 22.88 -50.43
C SER C 160 12.54 23.61 -49.26
N VAL C 161 13.10 24.75 -48.84
CA VAL C 161 12.46 25.58 -47.83
C VAL C 161 12.00 26.91 -48.45
N ASP C 162 12.89 27.52 -49.24
CA ASP C 162 12.49 28.66 -50.10
C ASP C 162 11.23 28.27 -50.87
N GLY C 163 10.33 29.24 -51.05
CA GLY C 163 9.14 29.04 -51.88
C GLY C 163 7.92 28.43 -51.21
N ILE C 164 8.04 27.97 -49.96
CA ILE C 164 6.91 27.27 -49.33
C ILE C 164 5.83 28.23 -48.85
N THR C 165 4.63 27.69 -48.77
CA THR C 165 3.52 28.23 -47.99
C THR C 165 3.30 27.36 -46.76
N ILE C 166 3.37 27.97 -45.58
CA ILE C 166 3.30 27.26 -44.31
C ILE C 166 2.20 27.84 -43.45
N ALA C 167 1.38 26.95 -42.87
CA ALA C 167 0.42 27.37 -41.86
C ALA C 167 0.94 27.03 -40.47
N LEU C 168 0.96 28.05 -39.62
CA LEU C 168 1.27 27.89 -38.21
C LEU C 168 -0.06 28.00 -37.51
N ILE C 169 -0.41 26.93 -36.81
CA ILE C 169 -1.77 26.70 -36.34
C ILE C 169 -1.79 26.45 -34.83
N GLY C 170 -2.77 27.04 -34.15
CA GLY C 170 -3.01 26.68 -32.76
C GLY C 170 -2.79 27.86 -31.84
N ASP C 171 -2.07 27.62 -30.75
CA ASP C 171 -1.80 28.65 -29.77
C ASP C 171 -0.51 29.37 -30.15
N LEU C 172 -0.63 30.34 -31.06
CA LEU C 172 0.54 31.07 -31.51
C LEU C 172 1.00 32.10 -30.47
N LYS C 173 0.13 32.49 -29.55
CA LYS C 173 0.51 33.45 -28.50
C LYS C 173 1.48 32.84 -27.51
N MET C 174 1.15 31.67 -27.00
CA MET C 174 1.98 31.03 -25.99
C MET C 174 2.96 29.99 -26.56
N GLY C 175 2.92 29.70 -27.85
CA GLY C 175 3.74 28.61 -28.43
C GLY C 175 5.15 29.04 -28.76
N ARG C 176 6.12 28.69 -27.92
CA ARG C 176 7.51 29.04 -28.18
C ARG C 176 8.08 28.41 -29.47
N THR C 177 7.52 27.28 -29.89
CA THR C 177 7.98 26.62 -31.12
C THR C 177 7.64 27.47 -32.36
N VAL C 178 6.40 27.97 -32.45
CA VAL C 178 6.00 28.83 -33.55
C VAL C 178 6.71 30.19 -33.53
N HIS C 179 7.09 30.68 -32.34
CA HIS C 179 7.89 31.89 -32.25
C HIS C 179 9.26 31.71 -32.93
N SER C 180 9.97 30.64 -32.57
CA SER C 180 11.30 30.43 -33.13
C SER C 180 11.22 30.07 -34.60
N LEU C 181 10.18 29.33 -34.96
CA LEU C 181 10.10 28.85 -36.33
C LEU C 181 9.85 30.01 -37.30
N LEU C 182 8.85 30.84 -36.99
CA LEU C 182 8.60 32.05 -37.80
C LEU C 182 9.87 32.87 -37.96
N LYS C 183 10.56 33.13 -36.86
CA LYS C 183 11.82 33.90 -36.95
C LYS C 183 12.84 33.23 -37.84
N LEU C 184 13.06 31.94 -37.63
CA LEU C 184 14.11 31.25 -38.39
C LEU C 184 13.76 31.22 -39.88
N LEU C 185 12.49 30.95 -40.20
CA LEU C 185 12.06 30.92 -41.61
C LEU C 185 12.12 32.28 -42.33
N VAL C 186 11.50 33.29 -41.72
CA VAL C 186 11.40 34.62 -42.35
C VAL C 186 12.77 35.31 -42.48
N ARG C 187 13.61 35.20 -41.45
CA ARG C 187 14.95 35.81 -41.51
C ARG C 187 15.87 35.23 -42.60
N ASN C 188 15.72 33.95 -42.94
CA ASN C 188 16.77 33.23 -43.64
C ASN C 188 16.41 32.58 -44.98
N PHE C 189 15.11 32.57 -45.29
CA PHE C 189 14.61 31.84 -46.44
C PHE C 189 13.64 32.73 -47.14
N SER C 190 13.31 32.37 -48.38
CA SER C 190 12.38 33.16 -49.15
C SER C 190 11.02 32.51 -49.12
N ILE C 191 10.38 32.63 -47.96
CA ILE C 191 9.08 32.03 -47.73
C ILE C 191 8.07 32.74 -48.63
N LYS C 192 7.23 31.97 -49.32
CA LYS C 192 6.16 32.55 -50.14
C LYS C 192 5.07 33.17 -49.27
N CYS C 193 4.56 32.40 -48.32
CA CYS C 193 3.37 32.79 -47.59
C CYS C 193 3.30 32.05 -46.24
N VAL C 194 2.77 32.76 -45.23
CA VAL C 194 2.55 32.21 -43.90
C VAL C 194 1.10 32.46 -43.49
N PHE C 195 0.34 31.39 -43.23
CA PHE C 195 -0.97 31.49 -42.60
C PHE C 195 -0.83 31.36 -41.10
N LEU C 196 -1.26 32.42 -40.40
CA LEU C 196 -1.28 32.44 -38.95
C LEU C 196 -2.70 32.09 -38.58
N VAL C 197 -2.88 30.83 -38.18
CA VAL C 197 -4.19 30.23 -37.96
C VAL C 197 -4.39 30.05 -36.46
N ALA C 198 -5.22 30.90 -35.87
CA ALA C 198 -5.46 30.88 -34.43
C ALA C 198 -6.72 31.66 -34.07
N PRO C 199 -7.40 31.27 -32.98
CA PRO C 199 -8.44 32.14 -32.45
C PRO C 199 -7.82 33.50 -32.10
N ASP C 200 -8.61 34.56 -32.17
CA ASP C 200 -8.11 35.93 -31.97
C ASP C 200 -7.28 36.15 -30.70
N ALA C 201 -7.72 35.53 -29.60
CA ALA C 201 -7.03 35.65 -28.30
C ALA C 201 -5.63 34.99 -28.29
N LEU C 202 -5.41 34.05 -29.22
CA LEU C 202 -4.19 33.24 -29.25
C LEU C 202 -3.28 33.50 -30.49
N GLN C 203 -3.42 34.66 -31.12
CA GLN C 203 -2.65 35.00 -32.33
C GLN C 203 -1.17 35.25 -32.07
N MET C 204 -0.38 35.24 -33.15
CA MET C 204 1.06 35.46 -33.08
C MET C 204 1.33 36.84 -32.48
N PRO C 205 2.25 36.94 -31.48
CA PRO C 205 2.44 38.26 -30.85
C PRO C 205 3.17 39.29 -31.72
N GLN C 206 2.94 40.57 -31.40
CA GLN C 206 3.59 41.69 -32.06
C GLN C 206 5.08 41.69 -31.84
N ASP C 207 5.53 41.26 -30.67
CA ASP C 207 6.96 41.22 -30.38
C ASP C 207 7.72 40.16 -31.19
N VAL C 208 6.98 39.27 -31.86
CA VAL C 208 7.59 38.38 -32.84
C VAL C 208 7.47 39.00 -34.25
N LEU C 209 6.26 39.44 -34.61
CA LEU C 209 6.01 39.94 -35.95
C LEU C 209 6.77 41.25 -36.28
N GLU C 210 6.85 42.16 -35.31
CA GLU C 210 7.43 43.46 -35.57
C GLU C 210 8.91 43.47 -36.01
N PRO C 211 9.80 42.81 -35.23
CA PRO C 211 11.21 42.75 -35.69
C PRO C 211 11.36 42.12 -37.07
N LEU C 212 10.35 41.37 -37.52
CA LEU C 212 10.41 40.73 -38.85
C LEU C 212 9.93 41.64 -39.98
N GLN C 213 9.38 42.80 -39.65
CA GLN C 213 8.73 43.61 -40.67
C GLN C 213 9.62 43.94 -41.90
N HIS C 214 10.88 44.30 -41.67
CA HIS C 214 11.79 44.69 -42.76
C HIS C 214 12.02 43.50 -43.70
N GLU C 215 12.34 42.35 -43.08
CA GLU C 215 12.45 41.09 -43.81
C GLU C 215 11.19 40.69 -44.57
N ILE C 216 10.02 40.74 -43.90
CA ILE C 216 8.72 40.46 -44.56
C ILE C 216 8.48 41.35 -45.80
N ALA C 217 8.71 42.64 -45.65
CA ALA C 217 8.49 43.59 -46.76
C ALA C 217 9.53 43.44 -47.88
N THR C 218 10.81 43.35 -47.54
CA THR C 218 11.83 43.32 -48.60
C THR C 218 11.84 42.00 -49.40
N LYS C 219 11.56 40.87 -48.76
CA LYS C 219 11.43 39.57 -49.46
C LYS C 219 10.02 39.28 -50.01
N GLY C 220 9.06 40.15 -49.73
CA GLY C 220 7.68 39.97 -50.22
C GLY C 220 6.92 38.78 -49.62
N VAL C 221 7.19 38.47 -48.35
CA VAL C 221 6.55 37.34 -47.71
C VAL C 221 5.10 37.69 -47.41
N ILE C 222 4.17 36.86 -47.87
CA ILE C 222 2.74 37.12 -47.66
C ILE C 222 2.25 36.55 -46.33
N ILE C 223 1.80 37.43 -45.43
CA ILE C 223 1.24 37.01 -44.14
C ILE C 223 -0.29 37.12 -44.16
N HIS C 224 -0.97 36.01 -43.85
CA HIS C 224 -2.43 36.02 -43.72
C HIS C 224 -2.87 35.43 -42.39
N ARG C 225 -3.75 36.15 -41.68
CA ARG C 225 -4.29 35.66 -40.41
C ARG C 225 -5.67 35.07 -40.64
N THR C 226 -5.93 33.88 -40.10
CA THR C 226 -7.28 33.27 -40.16
C THR C 226 -7.62 32.74 -38.78
N HIS C 227 -8.91 32.50 -38.52
CA HIS C 227 -9.25 31.80 -37.28
C HIS C 227 -9.75 30.40 -37.50
N ALA C 228 -9.53 29.89 -38.71
CA ALA C 228 -9.92 28.55 -39.08
C ALA C 228 -9.01 27.99 -40.16
N LEU C 229 -8.88 26.68 -40.19
CA LEU C 229 -8.32 26.00 -41.35
C LEU C 229 -9.37 26.02 -42.44
N THR C 230 -9.41 27.11 -43.19
CA THR C 230 -10.26 27.26 -44.38
C THR C 230 -9.78 26.40 -45.55
N ASP C 231 -10.67 26.17 -46.52
CA ASP C 231 -10.33 25.52 -47.79
C ASP C 231 -9.04 26.07 -48.39
N GLU C 232 -8.95 27.40 -48.47
CA GLU C 232 -7.76 28.06 -48.99
C GLU C 232 -6.46 27.69 -48.23
N VAL C 233 -6.54 27.62 -46.89
CA VAL C 233 -5.39 27.23 -46.08
C VAL C 233 -5.02 25.78 -46.39
N MET C 234 -6.01 24.89 -46.41
CA MET C 234 -5.80 23.49 -46.78
C MET C 234 -5.23 23.30 -48.18
N GLN C 235 -5.69 24.10 -49.14
CA GLN C 235 -5.30 23.90 -50.53
C GLN C 235 -3.95 24.47 -50.92
N LYS C 236 -3.53 25.55 -50.26
CA LYS C 236 -2.29 26.21 -50.63
C LYS C 236 -1.05 25.83 -49.80
N SER C 237 -1.25 25.25 -48.63
CA SER C 237 -0.11 25.04 -47.71
C SER C 237 0.72 23.83 -48.08
N ASP C 238 2.03 24.05 -48.16
CA ASP C 238 2.98 22.96 -48.31
C ASP C 238 3.26 22.26 -46.97
N VAL C 239 3.11 23.01 -45.87
CA VAL C 239 3.38 22.55 -44.50
C VAL C 239 2.22 23.05 -43.63
N LEU C 240 1.52 22.14 -42.95
CA LEU C 240 0.58 22.50 -41.90
C LEU C 240 1.27 22.19 -40.57
N TYR C 241 1.65 23.24 -39.84
CA TYR C 241 2.41 23.07 -38.62
C TYR C 241 1.45 23.42 -37.48
N THR C 242 0.95 22.40 -36.81
CA THR C 242 -0.02 22.61 -35.76
C THR C 242 0.54 22.36 -34.34
N THR C 243 -0.14 22.89 -33.34
CA THR C 243 0.35 22.90 -31.97
C THR C 243 -0.80 22.71 -30.99
N ARG C 244 -0.44 22.36 -29.77
CA ARG C 244 -1.37 22.04 -28.69
C ARG C 244 -1.84 23.34 -28.07
N LEU C 245 -2.93 23.27 -27.30
CA LEU C 245 -3.46 24.42 -26.57
C LEU C 245 -2.40 25.06 -25.63
N GLN C 246 -1.84 24.29 -24.74
CA GLN C 246 -0.79 24.85 -23.91
C GLN C 246 -1.29 24.96 -22.46
N ASP C 269 -12.59 26.48 -36.15
CA ASP C 269 -12.11 25.13 -35.89
C ASP C 269 -10.79 24.90 -36.61
N ILE C 270 -9.86 24.33 -35.86
CA ILE C 270 -8.51 24.12 -36.37
C ILE C 270 -8.08 22.64 -36.32
N THR C 271 -9.04 21.72 -36.15
CA THR C 271 -8.69 20.30 -36.03
C THR C 271 -8.25 19.72 -37.35
N ILE C 272 -7.19 18.93 -37.30
CA ILE C 272 -6.77 18.15 -38.47
C ILE C 272 -7.08 16.67 -38.22
N ASP C 273 -7.99 16.15 -39.06
CA ASP C 273 -8.35 14.75 -39.12
C ASP C 273 -8.36 14.31 -40.59
N ALA C 274 -8.65 13.04 -40.83
CA ALA C 274 -8.65 12.46 -42.19
C ALA C 274 -9.61 13.19 -43.12
N ALA C 275 -10.83 13.47 -42.65
CA ALA C 275 -11.81 14.25 -43.43
C ALA C 275 -11.16 15.55 -43.94
N ARG C 276 -10.64 16.35 -43.00
CA ARG C 276 -9.94 17.58 -43.36
C ARG C 276 -8.80 17.38 -44.38
N MET C 277 -8.02 16.30 -44.21
CA MET C 277 -6.88 16.00 -45.07
C MET C 277 -7.27 15.72 -46.54
N ARG C 278 -8.55 15.46 -46.78
CA ARG C 278 -9.00 15.25 -48.15
C ARG C 278 -8.84 16.54 -48.99
N LEU C 279 -8.66 17.67 -48.32
CA LEU C 279 -8.54 18.96 -49.02
C LEU C 279 -7.09 19.34 -49.31
N ALA C 280 -6.14 18.68 -48.64
CA ALA C 280 -4.72 19.07 -48.72
C ALA C 280 -4.12 18.69 -50.09
N LYS C 281 -3.02 19.32 -50.47
CA LYS C 281 -2.19 18.92 -51.61
C LYS C 281 -1.67 17.49 -51.46
N GLU C 282 -1.31 16.85 -52.57
CA GLU C 282 -0.65 15.55 -52.53
C GLU C 282 0.75 15.72 -51.98
N LYS C 283 1.41 16.78 -52.44
CA LYS C 283 2.77 17.06 -52.00
C LYS C 283 2.81 18.08 -50.86
N MET C 284 2.65 17.62 -49.62
CA MET C 284 2.73 18.47 -48.44
C MET C 284 2.98 17.62 -47.21
N ILE C 285 3.22 18.27 -46.07
CA ILE C 285 3.42 17.56 -44.81
C ILE C 285 2.66 18.22 -43.69
N VAL C 286 2.21 17.38 -42.74
CA VAL C 286 1.62 17.81 -41.49
C VAL C 286 2.70 17.64 -40.40
N MET C 287 2.96 18.73 -39.65
CA MET C 287 3.92 18.72 -38.58
C MET C 287 3.28 19.15 -37.27
N HIS C 288 3.92 18.77 -36.17
CA HIS C 288 3.46 19.09 -34.82
C HIS C 288 4.66 18.81 -33.92
N PRO C 289 5.11 19.80 -33.13
CA PRO C 289 6.25 19.59 -32.24
C PRO C 289 5.99 18.54 -31.17
N LEU C 290 4.71 18.30 -30.88
CA LEU C 290 4.26 17.38 -29.84
C LEU C 290 4.65 17.84 -28.42
N PRO C 291 3.91 17.36 -27.39
CA PRO C 291 2.79 16.42 -27.47
C PRO C 291 1.52 17.05 -28.07
N ARG C 292 0.66 16.18 -28.59
CA ARG C 292 -0.58 16.61 -29.19
C ARG C 292 -1.77 16.24 -28.31
N ASN C 293 -2.86 17.01 -28.46
CA ASN C 293 -4.14 16.59 -27.93
C ASN C 293 -5.03 16.41 -29.15
N ASP C 294 -6.32 16.72 -29.04
CA ASP C 294 -7.27 16.39 -30.12
C ASP C 294 -7.22 17.30 -31.39
N GLU C 295 -6.43 18.38 -31.36
CA GLU C 295 -6.23 19.21 -32.55
C GLU C 295 -5.61 18.45 -33.74
N LEU C 296 -4.95 17.33 -33.43
CA LEU C 296 -4.36 16.52 -34.45
C LEU C 296 -4.79 15.07 -34.24
N SER C 297 -5.75 14.61 -35.05
CA SER C 297 -6.41 13.30 -34.86
C SER C 297 -5.52 12.10 -35.25
N THR C 298 -5.59 11.00 -34.48
CA THR C 298 -4.88 9.76 -34.85
C THR C 298 -5.28 9.22 -36.23
N THR C 299 -6.43 9.65 -36.77
CA THR C 299 -6.84 9.25 -38.12
C THR C 299 -5.89 9.73 -39.23
N VAL C 300 -5.05 10.72 -38.91
CA VAL C 300 -4.06 11.23 -39.85
C VAL C 300 -2.76 10.42 -39.84
N ASP C 301 -2.56 9.62 -38.78
CA ASP C 301 -1.25 8.99 -38.53
C ASP C 301 -0.72 8.08 -39.63
N ALA C 302 -1.60 7.34 -40.29
CA ALA C 302 -1.18 6.42 -41.38
C ALA C 302 -0.94 7.15 -42.70
N ASP C 303 -1.38 8.39 -42.81
CA ASP C 303 -1.15 9.19 -44.01
C ASP C 303 0.37 9.39 -44.23
N PRO C 304 0.86 9.14 -45.46
CA PRO C 304 2.29 9.39 -45.81
C PRO C 304 2.69 10.84 -45.50
N ARG C 305 1.72 11.75 -45.55
CA ARG C 305 1.98 13.18 -45.31
C ARG C 305 2.11 13.54 -43.84
N ALA C 306 1.78 12.60 -42.94
CA ALA C 306 1.94 12.83 -41.50
C ALA C 306 3.44 12.71 -41.17
N ALA C 307 4.11 13.85 -40.99
CA ALA C 307 5.58 13.90 -40.84
C ALA C 307 5.95 14.05 -39.37
N TYR C 308 4.93 14.15 -38.52
CA TYR C 308 5.20 14.52 -37.12
C TYR C 308 5.91 13.46 -36.27
N PHE C 309 5.90 12.18 -36.70
CA PHE C 309 6.78 11.19 -36.00
C PHE C 309 8.21 11.20 -36.54
N ARG C 310 8.37 11.28 -37.86
CA ARG C 310 9.71 11.35 -38.47
C ARG C 310 10.43 12.60 -37.94
N GLN C 311 9.65 13.65 -37.67
CA GLN C 311 10.15 14.96 -37.18
C GLN C 311 11.01 14.76 -35.91
N MET C 312 10.57 13.85 -35.03
CA MET C 312 11.32 13.57 -33.80
C MET C 312 12.69 12.93 -34.07
N ARG C 313 12.74 12.01 -35.02
CA ARG C 313 14.02 11.37 -35.37
C ARG C 313 14.93 12.40 -36.03
N TYR C 314 14.38 13.26 -36.91
CA TYR C 314 15.16 14.41 -37.45
C TYR C 314 15.69 15.27 -36.30
N GLY C 315 14.87 15.44 -35.27
CA GLY C 315 15.30 16.14 -34.07
C GLY C 315 16.59 15.61 -33.45
N MET C 316 16.70 14.28 -33.34
CA MET C 316 17.93 13.68 -32.74
C MET C 316 19.17 14.00 -33.60
N PHE C 317 19.04 13.89 -34.91
CA PHE C 317 20.17 14.18 -35.78
C PHE C 317 20.56 15.66 -35.80
N MET C 318 19.57 16.56 -35.84
CA MET C 318 19.86 17.99 -35.72
C MET C 318 20.59 18.28 -34.40
N ARG C 319 20.10 17.67 -33.32
CA ARG C 319 20.70 17.88 -32.01
C ARG C 319 22.13 17.35 -31.91
N MET C 320 22.42 16.26 -32.66
CA MET C 320 23.80 15.77 -32.82
C MET C 320 24.67 16.77 -33.56
N ALA C 321 24.13 17.36 -34.65
CA ALA C 321 24.87 18.36 -35.42
C ALA C 321 25.20 19.59 -34.55
N ILE C 322 24.21 20.01 -33.76
CA ILE C 322 24.35 21.19 -32.85
C ILE C 322 25.36 20.96 -31.72
N LEU C 323 25.23 19.83 -31.02
CA LEU C 323 26.16 19.50 -29.94
C LEU C 323 27.60 19.33 -30.39
N TRP C 324 27.81 18.66 -31.54
CA TRP C 324 29.15 18.50 -32.06
C TRP C 324 29.72 19.88 -32.44
N SER C 325 28.92 20.70 -33.11
CA SER C 325 29.40 22.03 -33.54
C SER C 325 29.71 22.90 -32.32
N VAL C 326 28.84 22.86 -31.30
CA VAL C 326 29.05 23.66 -30.10
C VAL C 326 30.36 23.22 -29.39
N LEU C 327 30.55 21.92 -29.27
CA LEU C 327 31.62 21.35 -28.43
C LEU C 327 32.91 20.89 -29.11
N ALA C 328 32.97 20.94 -30.46
CA ALA C 328 34.19 20.53 -31.19
C ALA C 328 35.37 21.41 -30.83
N GLY D 1 -34.80 15.09 29.04
CA GLY D 1 -35.51 14.76 27.77
C GLY D 1 -36.70 13.79 27.88
N SER D 2 -37.05 13.42 29.09
CA SER D 2 -37.98 12.30 29.28
C SER D 2 -39.46 12.58 28.88
N MET D 3 -39.84 13.85 28.71
CA MET D 3 -41.20 14.17 28.23
C MET D 3 -41.28 14.34 26.69
N LEU D 4 -40.15 14.28 25.99
CA LEU D 4 -40.15 14.33 24.52
C LEU D 4 -40.68 13.02 23.94
N GLU D 5 -41.56 13.14 22.94
CA GLU D 5 -42.05 12.00 22.18
C GLU D 5 -40.98 11.64 21.15
N LEU D 6 -40.96 10.38 20.72
CA LEU D 6 -40.19 9.98 19.55
C LEU D 6 -41.14 9.44 18.49
N PRO D 7 -41.91 10.31 17.82
CA PRO D 7 -42.84 9.78 16.83
C PRO D 7 -42.04 9.34 15.61
N PRO D 8 -42.25 8.10 15.15
CA PRO D 8 -41.56 7.66 13.93
C PRO D 8 -42.05 8.46 12.73
N VAL D 9 -41.18 8.70 11.75
CA VAL D 9 -41.63 9.39 10.56
C VAL D 9 -42.38 8.33 9.73
N ALA D 10 -43.71 8.50 9.65
CA ALA D 10 -44.61 7.44 9.17
C ALA D 10 -44.33 7.04 7.73
N SER D 11 -44.00 8.03 6.92
CA SER D 11 -43.78 7.80 5.50
C SER D 11 -42.56 6.91 5.19
N LEU D 12 -41.68 6.71 6.18
CA LEU D 12 -40.50 5.87 6.00
C LEU D 12 -40.78 4.42 6.37
N LYS D 13 -41.93 4.18 7.03
CA LYS D 13 -42.23 2.87 7.58
C LYS D 13 -42.05 1.75 6.56
N GLY D 14 -41.25 0.75 6.93
CA GLY D 14 -41.08 -0.45 6.10
C GLY D 14 -40.45 -0.20 4.72
N LYS D 15 -39.84 0.95 4.51
CA LYS D 15 -39.32 1.21 3.17
C LYS D 15 -37.80 1.19 3.05
N SER D 16 -37.31 0.71 1.91
CA SER D 16 -35.91 0.79 1.55
C SER D 16 -35.50 2.22 1.25
N ILE D 17 -34.22 2.54 1.50
CA ILE D 17 -33.69 3.88 1.26
C ILE D 17 -32.52 3.79 0.28
N THR D 18 -32.77 4.25 -0.95
CA THR D 18 -31.77 4.12 -2.00
C THR D 18 -31.28 5.48 -2.48
N SER D 19 -32.12 6.51 -2.38
CA SER D 19 -31.85 7.78 -3.02
C SER D 19 -32.34 8.98 -2.20
N ALA D 20 -31.58 10.07 -2.23
CA ALA D 20 -32.00 11.37 -1.70
C ALA D 20 -33.32 11.84 -2.34
N GLU D 21 -33.63 11.34 -3.55
CA GLU D 21 -34.85 11.71 -4.29
C GLU D 21 -36.13 11.23 -3.65
N GLN D 22 -36.05 10.19 -2.80
CA GLN D 22 -37.27 9.65 -2.23
C GLN D 22 -37.82 10.51 -1.07
N PHE D 23 -37.06 11.49 -0.58
CA PHE D 23 -37.53 12.29 0.57
C PHE D 23 -38.18 13.61 0.19
N SER D 24 -39.26 13.94 0.87
CA SER D 24 -39.80 15.29 0.79
C SER D 24 -39.16 16.23 1.84
N ARG D 25 -39.39 17.53 1.67
CA ARG D 25 -38.99 18.53 2.64
C ARG D 25 -39.56 18.22 4.02
N ALA D 26 -40.87 17.98 4.09
CA ALA D 26 -41.53 17.53 5.32
C ALA D 26 -40.91 16.26 5.96
N ASP D 27 -40.46 15.31 5.16
CA ASP D 27 -39.77 14.09 5.67
C ASP D 27 -38.47 14.45 6.38
N ILE D 28 -37.70 15.30 5.70
CA ILE D 28 -36.43 15.81 6.17
C ILE D 28 -36.55 16.61 7.49
N TYR D 29 -37.54 17.49 7.61
CA TYR D 29 -37.68 18.25 8.87
C TYR D 29 -38.16 17.34 10.03
N ALA D 30 -39.06 16.41 9.75
CA ALA D 30 -39.43 15.34 10.70
C ALA D 30 -38.22 14.48 11.17
N LEU D 31 -37.38 14.05 10.24
CA LEU D 31 -36.17 13.29 10.63
C LEU D 31 -35.24 14.15 11.46
N ILE D 32 -35.05 15.40 11.04
CA ILE D 32 -34.25 16.37 11.77
C ILE D 32 -34.76 16.53 13.22
N HIS D 33 -36.07 16.73 13.42
CA HIS D 33 -36.57 16.96 14.81
C HIS D 33 -36.52 15.70 15.67
N LEU D 34 -36.71 14.56 15.01
CA LEU D 34 -36.63 13.26 15.65
C LEU D 34 -35.19 12.96 16.11
N ALA D 35 -34.21 13.21 15.23
CA ALA D 35 -32.77 13.05 15.55
C ALA D 35 -32.34 13.94 16.73
N SER D 36 -32.87 15.15 16.73
CA SER D 36 -32.60 16.13 17.76
C SER D 36 -33.18 15.67 19.14
N ALA D 37 -34.42 15.19 19.13
CA ALA D 37 -35.02 14.56 20.30
C ALA D 37 -34.27 13.28 20.72
N MET D 38 -33.79 12.51 19.75
CA MET D 38 -32.94 11.31 20.06
C MET D 38 -31.68 11.77 20.81
N GLN D 39 -31.03 12.82 20.28
CA GLN D 39 -29.80 13.34 20.88
C GLN D 39 -30.09 13.80 22.31
N ARG D 40 -31.19 14.54 22.51
CA ARG D 40 -31.56 15.01 23.86
C ARG D 40 -31.68 13.84 24.83
N LYS D 41 -32.39 12.78 24.45
CA LYS D 41 -32.67 11.69 25.37
C LYS D 41 -31.38 10.90 25.69
N ILE D 42 -30.61 10.59 24.64
CA ILE D 42 -29.33 9.88 24.80
C ILE D 42 -28.30 10.67 25.61
N ASP D 43 -28.11 11.94 25.30
CA ASP D 43 -27.18 12.77 26.07
C ASP D 43 -27.62 12.91 27.53
N ALA D 44 -28.92 12.86 27.80
CA ALA D 44 -29.40 12.85 29.18
C ALA D 44 -29.14 11.50 29.86
N GLY D 45 -28.62 10.53 29.10
CA GLY D 45 -28.37 9.19 29.62
C GLY D 45 -29.59 8.28 29.66
N GLU D 46 -30.68 8.69 29.03
CA GLU D 46 -31.87 7.84 28.92
C GLU D 46 -31.60 6.59 28.03
N VAL D 47 -32.18 5.47 28.44
CA VAL D 47 -31.96 4.20 27.77
C VAL D 47 -33.20 3.91 26.90
N LEU D 48 -33.00 3.66 25.60
CA LEU D 48 -34.14 3.44 24.70
C LEU D 48 -34.37 1.96 24.40
N ASN D 49 -35.62 1.54 24.43
CA ASN D 49 -35.97 0.15 24.12
C ASN D 49 -36.88 -0.06 22.92
N LEU D 50 -36.91 0.92 22.03
CA LEU D 50 -37.78 0.89 20.85
C LEU D 50 -37.64 -0.33 19.95
N LEU D 51 -36.42 -0.85 19.78
CA LEU D 51 -36.25 -1.93 18.79
C LEU D 51 -35.78 -3.24 19.38
N GLN D 52 -36.13 -3.50 20.64
CA GLN D 52 -35.73 -4.74 21.29
C GLN D 52 -36.13 -5.91 20.42
N GLY D 53 -35.22 -6.84 20.23
CA GLY D 53 -35.53 -8.03 19.45
C GLY D 53 -35.52 -7.87 17.94
N ARG D 54 -35.14 -6.70 17.46
CA ARG D 54 -35.03 -6.44 16.03
C ARG D 54 -33.55 -6.49 15.63
N ILE D 55 -33.30 -6.93 14.41
CA ILE D 55 -31.93 -7.21 13.97
C ILE D 55 -31.54 -6.44 12.73
N MET D 56 -30.37 -5.79 12.80
CA MET D 56 -29.80 -5.18 11.64
C MET D 56 -28.57 -5.98 11.19
N THR D 57 -28.49 -6.24 9.89
CA THR D 57 -27.30 -6.87 9.40
C THR D 57 -26.56 -5.97 8.40
N PRO D 58 -25.27 -5.66 8.67
CA PRO D 58 -24.44 -4.92 7.71
C PRO D 58 -24.02 -5.83 6.57
N LEU D 59 -24.17 -5.37 5.33
CA LEU D 59 -23.65 -6.08 4.16
C LEU D 59 -22.68 -5.14 3.43
N PHE D 60 -21.43 -5.10 3.90
CA PHE D 60 -20.47 -4.12 3.42
C PHE D 60 -19.47 -4.79 2.47
N PHE D 61 -19.73 -4.66 1.18
CA PHE D 61 -18.85 -5.20 0.13
C PHE D 61 -17.66 -4.27 -0.22
N GLU D 62 -17.59 -3.12 0.46
CA GLU D 62 -16.35 -2.31 0.50
C GLU D 62 -16.17 -1.68 1.89
N ASP D 63 -14.97 -1.11 2.13
CA ASP D 63 -14.57 -0.59 3.44
C ASP D 63 -15.51 0.49 3.98
N SER D 64 -15.63 0.55 5.29
CA SER D 64 -16.31 1.63 6.00
C SER D 64 -15.86 1.68 7.48
N SER D 65 -15.63 2.88 8.00
CA SER D 65 -15.45 3.09 9.44
C SER D 65 -16.69 3.77 9.98
N ARG D 66 -16.88 5.05 9.62
CA ARG D 66 -18.02 5.85 10.06
C ARG D 66 -19.36 5.19 9.83
N THR D 67 -19.67 4.92 8.55
CA THR D 67 -21.01 4.47 8.20
C THR D 67 -21.42 3.14 8.88
N PHE D 68 -20.54 2.14 8.85
CA PHE D 68 -20.79 0.86 9.49
C PHE D 68 -21.03 1.05 11.00
N SER D 69 -20.12 1.78 11.65
CA SER D 69 -20.10 1.86 13.10
C SER D 69 -21.26 2.69 13.60
N SER D 70 -21.59 3.74 12.84
CA SER D 70 -22.66 4.62 13.29
C SER D 70 -24.00 3.95 13.13
N PHE D 71 -24.17 3.17 12.05
CA PHE D 71 -25.39 2.37 11.91
C PHE D 71 -25.52 1.32 13.03
N CYS D 72 -24.41 0.65 13.36
CA CYS D 72 -24.41 -0.34 14.47
C CYS D 72 -24.71 0.35 15.78
N ALA D 73 -24.04 1.46 16.05
CA ALA D 73 -24.29 2.21 17.26
C ALA D 73 -25.73 2.73 17.32
N ALA D 74 -26.25 3.24 16.19
CA ALA D 74 -27.64 3.73 16.17
C ALA D 74 -28.60 2.58 16.50
N MET D 75 -28.42 1.44 15.83
CA MET D 75 -29.31 0.30 16.11
C MET D 75 -29.27 -0.07 17.61
N ILE D 76 -28.07 -0.15 18.17
CA ILE D 76 -27.88 -0.52 19.56
C ILE D 76 -28.54 0.49 20.53
N ARG D 77 -28.34 1.77 20.27
CA ARG D 77 -28.92 2.81 21.12
C ARG D 77 -30.44 2.88 21.05
N LEU D 78 -31.02 2.19 20.08
CA LEU D 78 -32.46 2.06 19.99
C LEU D 78 -32.94 0.81 20.72
N GLY D 79 -31.98 0.04 21.25
CA GLY D 79 -32.27 -1.26 21.88
C GLY D 79 -32.32 -2.42 20.90
N GLY D 80 -32.00 -2.15 19.63
CA GLY D 80 -31.87 -3.24 18.65
C GLY D 80 -30.53 -4.01 18.71
N SER D 81 -30.39 -4.99 17.85
CA SER D 81 -29.20 -5.85 17.80
C SER D 81 -28.66 -5.95 16.40
N VAL D 82 -27.40 -6.38 16.30
CA VAL D 82 -26.68 -6.45 15.04
C VAL D 82 -26.11 -7.85 14.88
N VAL D 83 -26.30 -8.43 13.70
CA VAL D 83 -25.59 -9.68 13.36
C VAL D 83 -24.33 -9.25 12.60
N ASN D 84 -23.17 -9.60 13.13
CA ASN D 84 -21.95 -9.12 12.54
C ASN D 84 -21.47 -9.92 11.34
N PHE D 85 -22.25 -9.88 10.27
CA PHE D 85 -21.88 -10.57 9.03
C PHE D 85 -20.69 -9.87 8.35
N LYS D 86 -19.64 -10.65 8.07
CA LYS D 86 -18.48 -10.16 7.32
C LYS D 86 -18.43 -10.78 5.92
N VAL D 87 -18.62 -9.95 4.90
CA VAL D 87 -18.59 -10.47 3.51
C VAL D 87 -17.30 -11.24 3.24
N GLU D 88 -16.18 -10.68 3.69
CA GLU D 88 -14.89 -11.29 3.39
C GLU D 88 -14.67 -12.68 4.00
N ALA D 89 -15.45 -13.07 5.01
CA ALA D 89 -15.35 -14.41 5.62
C ALA D 89 -16.64 -15.28 5.39
N SER D 90 -17.27 -15.09 4.24
CA SER D 90 -18.58 -15.69 3.97
C SER D 90 -18.54 -16.70 2.81
N SER D 91 -19.71 -17.27 2.51
CA SER D 91 -19.85 -18.25 1.41
C SER D 91 -19.64 -17.63 0.00
N ILE D 92 -19.62 -16.30 -0.08
CA ILE D 92 -19.13 -15.63 -1.28
C ILE D 92 -17.76 -16.19 -1.69
N ASN D 93 -16.96 -16.63 -0.72
CA ASN D 93 -15.68 -17.30 -1.04
C ASN D 93 -15.79 -18.69 -1.67
N LYS D 94 -16.98 -19.25 -1.67
CA LYS D 94 -17.30 -20.51 -2.29
C LYS D 94 -18.14 -20.36 -3.53
N GLY D 95 -18.18 -19.16 -4.07
CA GLY D 95 -18.94 -18.86 -5.27
C GLY D 95 -20.37 -18.39 -5.08
N GLU D 96 -20.85 -18.19 -3.85
CA GLU D 96 -22.24 -17.73 -3.64
C GLU D 96 -22.50 -16.37 -4.29
N THR D 97 -23.65 -16.18 -4.95
CA THR D 97 -23.91 -14.89 -5.63
C THR D 97 -24.36 -13.82 -4.66
N LEU D 98 -24.36 -12.58 -5.15
CA LEU D 98 -24.89 -11.44 -4.42
C LEU D 98 -26.35 -11.66 -4.03
N ALA D 99 -27.19 -11.97 -5.01
CA ALA D 99 -28.61 -12.24 -4.79
C ALA D 99 -28.81 -13.32 -3.70
N ASP D 100 -28.09 -14.44 -3.81
CA ASP D 100 -28.23 -15.51 -2.78
C ASP D 100 -27.78 -15.06 -1.38
N THR D 101 -26.70 -14.29 -1.34
CA THR D 101 -26.19 -13.68 -0.10
C THR D 101 -27.24 -12.78 0.55
N ILE D 102 -27.87 -11.94 -0.28
CA ILE D 102 -28.94 -11.04 0.18
C ILE D 102 -30.10 -11.88 0.77
N ARG D 103 -30.54 -12.90 0.05
CA ARG D 103 -31.66 -13.73 0.53
C ARG D 103 -31.33 -14.40 1.83
N THR D 104 -30.04 -14.75 2.00
CA THR D 104 -29.57 -15.40 3.20
C THR D 104 -29.70 -14.49 4.45
N LEU D 105 -29.13 -13.30 4.41
CA LEU D 105 -29.20 -12.43 5.58
C LEU D 105 -30.61 -11.88 5.76
N ASP D 106 -31.35 -11.76 4.66
CA ASP D 106 -32.78 -11.39 4.68
C ASP D 106 -33.67 -12.37 5.46
N SER D 107 -33.23 -13.64 5.55
CA SER D 107 -33.95 -14.68 6.29
C SER D 107 -33.89 -14.48 7.79
N TYR D 108 -32.91 -13.72 8.28
CA TYR D 108 -32.66 -13.58 9.71
C TYR D 108 -32.93 -12.19 10.25
N SER D 109 -33.01 -11.20 9.35
CA SER D 109 -32.85 -9.79 9.75
C SER D 109 -34.14 -9.00 9.63
N ASP D 110 -34.20 -7.85 10.31
CA ASP D 110 -35.30 -6.90 10.13
C ASP D 110 -34.96 -5.77 9.15
N VAL D 111 -33.66 -5.51 9.00
CA VAL D 111 -33.15 -4.46 8.10
C VAL D 111 -31.70 -4.82 7.71
N LEU D 112 -31.36 -4.51 6.45
CA LEU D 112 -30.03 -4.72 5.89
C LEU D 112 -29.43 -3.38 5.52
N VAL D 113 -28.16 -3.17 5.85
CA VAL D 113 -27.49 -1.93 5.48
C VAL D 113 -26.41 -2.37 4.49
N MET D 114 -26.51 -1.89 3.25
CA MET D 114 -25.64 -2.33 2.18
C MET D 114 -24.77 -1.22 1.55
N ARG D 115 -23.47 -1.53 1.44
CA ARG D 115 -22.53 -0.74 0.68
C ARG D 115 -21.91 -1.69 -0.34
N HIS D 116 -21.81 -1.24 -1.58
CA HIS D 116 -21.28 -2.11 -2.66
C HIS D 116 -20.57 -1.20 -3.70
N PRO D 117 -19.39 -1.62 -4.19
CA PRO D 117 -18.67 -0.89 -5.22
C PRO D 117 -19.43 -0.70 -6.56
N ARG D 118 -20.48 -1.48 -6.83
CA ARG D 118 -21.25 -1.39 -8.08
C ARG D 118 -22.52 -0.60 -7.87
N GLN D 119 -22.80 0.35 -8.75
CA GLN D 119 -23.96 1.24 -8.57
C GLN D 119 -25.31 0.52 -8.64
N ASP D 120 -25.41 -0.50 -9.51
CA ASP D 120 -26.65 -1.25 -9.71
C ASP D 120 -26.85 -2.42 -8.72
N ALA D 121 -25.87 -2.62 -7.81
CA ALA D 121 -25.97 -3.73 -6.84
C ALA D 121 -27.17 -3.58 -5.88
N ILE D 122 -27.37 -2.36 -5.41
CA ILE D 122 -28.56 -2.02 -4.60
C ILE D 122 -29.87 -2.47 -5.26
N GLU D 123 -30.05 -2.12 -6.53
CA GLU D 123 -31.28 -2.51 -7.25
C GLU D 123 -31.43 -4.03 -7.32
N GLU D 124 -30.33 -4.70 -7.60
CA GLU D 124 -30.31 -6.15 -7.57
C GLU D 124 -30.73 -6.68 -6.20
N ALA D 125 -30.18 -6.13 -5.12
CA ALA D 125 -30.55 -6.60 -3.77
C ALA D 125 -32.06 -6.35 -3.49
N LEU D 126 -32.55 -5.17 -3.87
CA LEU D 126 -33.96 -4.83 -3.70
C LEU D 126 -34.92 -5.82 -4.36
N SER D 127 -34.53 -6.37 -5.50
CA SER D 127 -35.41 -7.23 -6.24
C SER D 127 -35.60 -8.57 -5.53
N VAL D 128 -34.71 -8.94 -4.60
CA VAL D 128 -34.84 -10.24 -3.93
C VAL D 128 -35.11 -10.16 -2.41
N ALA D 129 -34.90 -9.00 -1.80
CA ALA D 129 -35.04 -8.88 -0.35
C ALA D 129 -36.50 -8.58 0.07
N GLN D 130 -36.95 -9.21 1.16
CA GLN D 130 -38.28 -8.94 1.71
C GLN D 130 -38.23 -7.77 2.70
N HIS D 131 -37.10 -7.61 3.37
CA HIS D 131 -36.97 -6.56 4.37
C HIS D 131 -36.31 -5.33 3.74
N PRO D 132 -36.50 -4.16 4.37
CA PRO D 132 -35.92 -2.91 3.86
C PRO D 132 -34.40 -3.00 3.75
N ILE D 133 -33.86 -2.37 2.72
CA ILE D 133 -32.41 -2.20 2.57
C ILE D 133 -32.10 -0.72 2.60
N LEU D 134 -31.05 -0.37 3.34
CA LEU D 134 -30.62 1.01 3.45
C LEU D 134 -29.33 1.10 2.68
N ASN D 135 -29.32 1.97 1.69
CA ASN D 135 -28.17 2.18 0.82
C ASN D 135 -27.11 2.96 1.56
N ALA D 136 -26.03 2.29 1.94
CA ALA D 136 -24.94 2.97 2.64
C ALA D 136 -23.81 3.38 1.68
N GLY D 137 -24.09 3.33 0.37
CA GLY D 137 -23.14 3.80 -0.64
C GLY D 137 -23.08 2.80 -1.79
N ASN D 138 -23.38 3.25 -3.01
CA ASN D 138 -23.46 2.33 -4.15
C ASN D 138 -22.56 2.82 -5.28
N GLY D 139 -21.32 2.33 -5.28
CA GLY D 139 -20.30 2.86 -6.16
C GLY D 139 -20.18 4.35 -6.02
N ALA D 140 -20.13 5.02 -7.17
CA ALA D 140 -20.12 6.48 -7.26
C ALA D 140 -21.51 7.03 -7.44
N GLY D 141 -22.55 6.29 -7.04
CA GLY D 141 -23.92 6.74 -7.22
C GLY D 141 -24.31 7.67 -6.08
N GLU D 142 -24.84 7.09 -5.01
CA GLU D 142 -25.42 7.88 -3.91
C GLU D 142 -25.06 7.41 -2.52
N HIS D 143 -25.27 8.27 -1.55
CA HIS D 143 -25.13 7.98 -0.16
C HIS D 143 -26.21 8.73 0.52
N PRO D 144 -27.44 8.23 0.44
CA PRO D 144 -28.63 9.02 0.83
C PRO D 144 -28.64 9.36 2.31
N THR D 145 -28.24 8.44 3.19
CA THR D 145 -28.25 8.81 4.65
C THR D 145 -27.12 9.78 5.04
N GLN D 146 -26.03 9.83 4.30
CA GLN D 146 -25.05 10.89 4.48
C GLN D 146 -25.65 12.24 4.17
N ALA D 147 -26.38 12.31 3.08
CA ALA D 147 -27.06 13.59 2.73
C ALA D 147 -27.99 14.05 3.86
N LEU D 148 -28.73 13.12 4.46
CA LEU D 148 -29.62 13.50 5.57
C LEU D 148 -28.84 13.99 6.79
N LEU D 149 -27.72 13.34 7.11
CA LEU D 149 -27.03 13.72 8.35
C LEU D 149 -26.27 15.01 8.11
N ASP D 150 -25.82 15.19 6.87
CA ASP D 150 -25.17 16.41 6.44
C ASP D 150 -26.12 17.60 6.60
N THR D 151 -27.39 17.39 6.26
CA THR D 151 -28.42 18.40 6.34
C THR D 151 -28.78 18.71 7.80
N LEU D 152 -28.81 17.67 8.65
CA LEU D 152 -28.96 17.86 10.07
C LEU D 152 -27.81 18.72 10.59
N THR D 153 -26.60 18.39 10.17
CA THR D 153 -25.41 19.18 10.56
C THR D 153 -25.57 20.68 10.22
N ILE D 154 -25.98 20.97 8.99
CA ILE D 154 -26.12 22.38 8.56
C ILE D 154 -27.22 23.12 9.40
N HIS D 155 -28.35 22.43 9.56
CA HIS D 155 -29.48 22.95 10.31
C HIS D 155 -29.11 23.21 11.80
N SER D 156 -28.51 22.22 12.46
CA SER D 156 -28.14 22.39 13.87
C SER D 156 -27.03 23.42 14.09
N GLU D 157 -26.11 23.55 13.15
CA GLU D 157 -24.97 24.44 13.32
C GLU D 157 -25.26 25.89 12.93
N LEU D 158 -25.97 26.05 11.81
CA LEU D 158 -26.16 27.40 11.25
C LEU D 158 -27.56 27.90 11.54
N GLY D 159 -28.47 26.96 11.82
CA GLY D 159 -29.83 27.34 12.23
C GLY D 159 -30.82 27.29 11.09
N SER D 160 -30.33 27.23 9.86
CA SER D 160 -31.22 27.29 8.69
C SER D 160 -30.52 26.64 7.50
N VAL D 161 -31.33 26.00 6.65
CA VAL D 161 -30.82 25.39 5.41
C VAL D 161 -31.20 26.27 4.22
N ASP D 162 -32.44 26.76 4.22
CA ASP D 162 -32.89 27.72 3.20
C ASP D 162 -31.93 28.92 3.22
N GLY D 163 -31.62 29.47 2.04
CA GLY D 163 -30.88 30.74 1.95
C GLY D 163 -29.35 30.60 2.01
N ILE D 164 -28.82 29.38 2.15
CA ILE D 164 -27.37 29.23 2.29
C ILE D 164 -26.68 29.29 0.94
N THR D 165 -25.39 29.62 1.00
CA THR D 165 -24.45 29.42 -0.09
C THR D 165 -23.52 28.27 0.30
N ILE D 166 -23.45 27.25 -0.54
CA ILE D 166 -22.65 26.09 -0.18
C ILE D 166 -21.67 25.78 -1.30
N ALA D 167 -20.42 25.52 -0.92
CA ALA D 167 -19.43 25.04 -1.85
C ALA D 167 -19.26 23.53 -1.71
N LEU D 168 -19.49 22.83 -2.83
CA LEU D 168 -19.13 21.41 -2.95
C LEU D 168 -17.75 21.29 -3.62
N ILE D 169 -16.81 20.71 -2.89
CA ILE D 169 -15.38 20.79 -3.22
C ILE D 169 -14.73 19.42 -3.35
N GLY D 170 -13.92 19.26 -4.40
CA GLY D 170 -13.02 18.12 -4.47
C GLY D 170 -13.40 17.19 -5.61
N ASP D 171 -13.62 15.93 -5.31
CA ASP D 171 -13.88 14.97 -6.35
C ASP D 171 -15.39 14.81 -6.49
N LEU D 172 -15.99 15.72 -7.26
CA LEU D 172 -17.44 15.73 -7.42
C LEU D 172 -17.93 14.67 -8.38
N LYS D 173 -17.06 14.22 -9.29
CA LYS D 173 -17.45 13.17 -10.24
C LYS D 173 -17.75 11.86 -9.56
N MET D 174 -16.84 11.40 -8.70
CA MET D 174 -17.01 10.10 -8.04
C MET D 174 -17.60 10.22 -6.63
N GLY D 175 -17.81 11.44 -6.16
CA GLY D 175 -18.24 11.64 -4.76
C GLY D 175 -19.71 11.34 -4.58
N ARG D 176 -20.03 10.13 -4.14
CA ARG D 176 -21.42 9.75 -3.95
C ARG D 176 -22.11 10.65 -2.91
N THR D 177 -21.35 11.18 -1.95
CA THR D 177 -21.91 12.05 -0.91
C THR D 177 -22.35 13.41 -1.50
N VAL D 178 -21.53 14.01 -2.37
CA VAL D 178 -21.95 15.27 -2.98
C VAL D 178 -23.12 15.08 -3.95
N HIS D 179 -23.22 13.91 -4.57
CA HIS D 179 -24.33 13.60 -5.45
C HIS D 179 -25.64 13.68 -4.69
N SER D 180 -25.72 12.97 -3.55
CA SER D 180 -26.92 12.88 -2.74
C SER D 180 -27.21 14.22 -2.10
N LEU D 181 -26.16 14.89 -1.62
CA LEU D 181 -26.39 16.16 -0.95
C LEU D 181 -26.93 17.21 -1.92
N LEU D 182 -26.39 17.25 -3.14
CA LEU D 182 -26.85 18.26 -4.10
C LEU D 182 -28.33 18.02 -4.45
N LYS D 183 -28.67 16.76 -4.70
CA LYS D 183 -30.08 16.36 -4.91
C LYS D 183 -30.96 16.74 -3.71
N LEU D 184 -30.57 16.37 -2.50
CA LEU D 184 -31.44 16.66 -1.34
C LEU D 184 -31.64 18.17 -1.11
N LEU D 185 -30.57 18.94 -1.26
CA LEU D 185 -30.67 20.37 -1.01
C LEU D 185 -31.50 21.08 -2.09
N VAL D 186 -31.21 20.81 -3.37
CA VAL D 186 -31.93 21.48 -4.47
C VAL D 186 -33.43 21.10 -4.55
N ARG D 187 -33.75 19.82 -4.37
CA ARG D 187 -35.14 19.42 -4.45
C ARG D 187 -36.00 19.99 -3.30
N ASN D 188 -35.42 20.18 -2.13
CA ASN D 188 -36.22 20.43 -0.93
C ASN D 188 -36.02 21.75 -0.19
N PHE D 189 -35.04 22.54 -0.61
CA PHE D 189 -34.72 23.79 0.08
C PHE D 189 -34.53 24.96 -0.91
N SER D 190 -34.62 26.18 -0.39
CA SER D 190 -34.40 27.40 -1.17
C SER D 190 -32.95 27.79 -1.08
N ILE D 191 -32.09 27.04 -1.75
CA ILE D 191 -30.66 27.27 -1.65
C ILE D 191 -30.33 28.52 -2.45
N LYS D 192 -29.58 29.43 -1.86
CA LYS D 192 -29.25 30.66 -2.57
C LYS D 192 -28.26 30.39 -3.70
N CYS D 193 -27.17 29.69 -3.37
CA CYS D 193 -26.10 29.48 -4.33
C CYS D 193 -25.26 28.22 -4.01
N VAL D 194 -24.82 27.53 -5.06
CA VAL D 194 -23.92 26.39 -4.96
C VAL D 194 -22.65 26.66 -5.75
N PHE D 195 -21.51 26.58 -5.10
CA PHE D 195 -20.22 26.59 -5.80
C PHE D 195 -19.77 25.14 -5.98
N LEU D 196 -19.51 24.76 -7.23
CA LEU D 196 -19.00 23.45 -7.57
C LEU D 196 -17.51 23.64 -7.86
N VAL D 197 -16.71 23.27 -6.87
CA VAL D 197 -15.28 23.55 -6.84
C VAL D 197 -14.51 22.23 -7.03
N ALA D 198 -13.95 22.06 -8.22
CA ALA D 198 -13.28 20.82 -8.62
C ALA D 198 -12.44 21.07 -9.86
N PRO D 199 -11.35 20.30 -10.06
CA PRO D 199 -10.77 20.43 -11.41
C PRO D 199 -11.76 19.92 -12.46
N ASP D 200 -11.66 20.40 -13.69
CA ASP D 200 -12.55 19.98 -14.78
C ASP D 200 -12.78 18.46 -14.90
N ALA D 201 -11.71 17.68 -14.80
CA ALA D 201 -11.85 16.20 -14.90
C ALA D 201 -12.73 15.55 -13.78
N LEU D 202 -12.89 16.24 -12.65
CA LEU D 202 -13.64 15.68 -11.51
C LEU D 202 -14.91 16.47 -11.17
N GLN D 203 -15.43 17.21 -12.16
CA GLN D 203 -16.62 18.06 -11.93
C GLN D 203 -17.90 17.26 -11.69
N MET D 204 -18.91 17.95 -11.18
CA MET D 204 -20.20 17.34 -10.88
C MET D 204 -20.79 16.80 -12.19
N PRO D 205 -21.25 15.52 -12.21
CA PRO D 205 -21.72 14.92 -13.45
C PRO D 205 -23.01 15.52 -14.00
N GLN D 206 -23.15 15.47 -15.32
CA GLN D 206 -24.37 15.88 -16.02
C GLN D 206 -25.57 15.02 -15.61
N ASP D 207 -25.35 13.73 -15.35
CA ASP D 207 -26.45 12.88 -14.84
C ASP D 207 -26.99 13.24 -13.44
N VAL D 208 -26.29 14.10 -12.71
CA VAL D 208 -26.82 14.65 -11.48
C VAL D 208 -27.46 16.05 -11.73
N LEU D 209 -26.75 16.89 -12.49
CA LEU D 209 -27.19 18.28 -12.73
C LEU D 209 -28.43 18.38 -13.64
N GLU D 210 -28.51 17.54 -14.67
CA GLU D 210 -29.67 17.53 -15.58
C GLU D 210 -31.05 17.27 -14.96
N PRO D 211 -31.20 16.18 -14.20
CA PRO D 211 -32.49 16.02 -13.49
C PRO D 211 -32.86 17.19 -12.54
N LEU D 212 -31.86 17.94 -12.09
CA LEU D 212 -32.10 19.10 -11.20
C LEU D 212 -32.37 20.42 -11.92
N GLN D 213 -32.19 20.43 -13.24
CA GLN D 213 -32.17 21.66 -14.02
C GLN D 213 -33.46 22.48 -13.90
N HIS D 214 -34.61 21.80 -13.95
CA HIS D 214 -35.91 22.46 -13.83
C HIS D 214 -36.02 23.18 -12.47
N GLU D 215 -35.75 22.44 -11.38
CA GLU D 215 -35.82 23.04 -10.03
C GLU D 215 -34.81 24.15 -9.78
N ILE D 216 -33.57 23.96 -10.23
CA ILE D 216 -32.54 25.02 -10.20
C ILE D 216 -33.05 26.32 -10.84
N ALA D 217 -33.58 26.22 -12.07
CA ALA D 217 -34.08 27.37 -12.81
C ALA D 217 -35.32 27.97 -12.16
N THR D 218 -36.31 27.14 -11.81
CA THR D 218 -37.55 27.69 -11.22
C THR D 218 -37.37 28.26 -9.81
N LYS D 219 -36.43 27.74 -9.01
CA LYS D 219 -36.19 28.35 -7.69
C LYS D 219 -35.05 29.38 -7.70
N GLY D 220 -34.48 29.62 -8.87
CA GLY D 220 -33.40 30.61 -9.01
C GLY D 220 -32.12 30.28 -8.23
N VAL D 221 -31.83 28.98 -8.05
CA VAL D 221 -30.57 28.58 -7.41
C VAL D 221 -29.43 28.99 -8.32
N ILE D 222 -28.49 29.78 -7.82
CA ILE D 222 -27.31 30.11 -8.62
C ILE D 222 -26.26 29.01 -8.51
N ILE D 223 -25.78 28.51 -9.65
CA ILE D 223 -24.74 27.49 -9.73
C ILE D 223 -23.48 28.08 -10.36
N HIS D 224 -22.36 28.08 -9.61
CA HIS D 224 -21.07 28.55 -10.14
C HIS D 224 -20.03 27.45 -10.12
N ARG D 225 -19.39 27.18 -11.25
CA ARG D 225 -18.28 26.23 -11.30
C ARG D 225 -16.97 26.97 -11.13
N THR D 226 -16.05 26.44 -10.32
CA THR D 226 -14.65 26.90 -10.33
C THR D 226 -13.64 25.74 -10.31
N HIS D 227 -12.36 26.08 -10.53
CA HIS D 227 -11.22 25.16 -10.37
C HIS D 227 -10.54 25.43 -9.01
N ALA D 228 -10.95 26.46 -8.29
CA ALA D 228 -10.22 26.85 -7.08
C ALA D 228 -11.08 27.43 -5.97
N LEU D 229 -10.60 27.32 -4.74
CA LEU D 229 -11.18 28.06 -3.62
C LEU D 229 -10.79 29.53 -3.73
N THR D 230 -11.50 30.25 -4.60
CA THR D 230 -11.19 31.67 -4.82
C THR D 230 -11.59 32.51 -3.60
N ASP D 231 -11.14 33.76 -3.59
CA ASP D 231 -11.53 34.69 -2.57
C ASP D 231 -13.05 34.75 -2.46
N GLU D 232 -13.73 34.77 -3.61
CA GLU D 232 -15.20 34.79 -3.67
C GLU D 232 -15.87 33.56 -3.00
N VAL D 233 -15.44 32.35 -3.37
CA VAL D 233 -15.94 31.13 -2.72
C VAL D 233 -15.76 31.22 -1.19
N MET D 234 -14.56 31.61 -0.74
CA MET D 234 -14.24 31.71 0.69
C MET D 234 -15.08 32.72 1.44
N GLN D 235 -15.31 33.88 0.81
CA GLN D 235 -15.98 34.97 1.45
C GLN D 235 -17.46 34.80 1.50
N LYS D 236 -18.04 34.16 0.48
CA LYS D 236 -19.49 34.06 0.36
C LYS D 236 -20.15 32.78 0.92
N SER D 237 -19.37 31.71 1.11
CA SER D 237 -19.93 30.41 1.51
C SER D 237 -20.28 30.33 3.00
N ASP D 238 -21.51 29.93 3.28
CA ASP D 238 -21.89 29.53 4.64
C ASP D 238 -21.40 28.13 4.99
N VAL D 239 -21.23 27.28 3.97
CA VAL D 239 -20.75 25.91 4.12
C VAL D 239 -19.66 25.56 3.10
N LEU D 240 -18.52 25.09 3.58
CA LEU D 240 -17.52 24.57 2.69
C LEU D 240 -17.52 23.06 2.97
N TYR D 241 -17.99 22.29 1.99
CA TYR D 241 -18.17 20.86 2.15
C TYR D 241 -17.13 20.24 1.19
N THR D 242 -16.04 19.76 1.75
CA THR D 242 -14.95 19.28 0.92
C THR D 242 -14.84 17.74 0.96
N THR D 243 -14.17 17.16 -0.02
CA THR D 243 -14.20 15.71 -0.17
C THR D 243 -12.84 15.19 -0.56
N ARG D 244 -12.65 13.90 -0.36
CA ARG D 244 -11.42 13.19 -0.66
C ARG D 244 -11.45 12.75 -2.13
N LEU D 245 -10.27 12.75 -2.76
CA LEU D 245 -10.11 12.11 -4.06
C LEU D 245 -10.43 10.61 -3.95
N GLN D 246 -11.37 10.13 -4.75
CA GLN D 246 -11.78 8.75 -4.71
C GLN D 246 -10.91 7.84 -5.58
N LYS D 247 -9.68 7.64 -5.16
CA LYS D 247 -8.64 6.92 -5.93
C LYS D 247 -9.04 5.48 -6.32
N GLU D 248 -9.74 4.78 -5.41
CA GLU D 248 -10.17 3.40 -5.66
C GLU D 248 -11.19 3.25 -6.82
N ARG D 249 -11.84 4.35 -7.21
CA ARG D 249 -12.65 4.40 -8.43
C ARG D 249 -11.83 4.64 -9.70
N PHE D 250 -10.56 5.05 -9.56
CA PHE D 250 -9.69 5.31 -10.71
C PHE D 250 -8.54 4.28 -10.77
N MET D 251 -8.90 3.01 -10.90
CA MET D 251 -7.93 1.91 -10.79
C MET D 251 -7.74 1.05 -12.08
N ALA D 252 -8.21 1.52 -13.22
CA ALA D 252 -8.07 0.77 -14.47
C ALA D 252 -6.67 0.92 -15.10
N SER D 253 -5.84 1.77 -14.48
CA SER D 253 -4.45 2.01 -14.88
C SER D 253 -4.26 2.50 -16.33
N THR D 254 -5.27 3.20 -16.84
CA THR D 254 -5.18 3.90 -18.13
C THR D 254 -4.60 5.28 -17.84
N SER D 255 -4.15 5.98 -18.87
CA SER D 255 -3.56 7.30 -18.67
C SER D 255 -4.65 8.32 -18.36
N ASP D 256 -5.91 7.93 -18.60
CA ASP D 256 -7.10 8.70 -18.23
C ASP D 256 -7.27 8.75 -16.71
N ASP D 257 -7.24 7.57 -16.10
CA ASP D 257 -7.29 7.45 -14.65
C ASP D 257 -6.11 8.20 -14.02
N ALA D 258 -4.92 8.06 -14.61
CA ALA D 258 -3.73 8.80 -14.17
C ALA D 258 -3.91 10.33 -14.27
N ALA D 259 -4.48 10.79 -15.39
CA ALA D 259 -4.80 12.22 -15.60
C ALA D 259 -5.84 12.76 -14.59
N ALA D 260 -6.89 11.96 -14.35
CA ALA D 260 -7.95 12.29 -13.38
C ALA D 260 -7.41 12.29 -11.95
N LEU D 261 -6.45 11.40 -11.67
CA LEU D 261 -5.81 11.34 -10.35
C LEU D 261 -4.94 12.57 -10.07
N GLN D 262 -4.10 12.95 -11.04
CA GLN D 262 -3.19 14.10 -10.89
C GLN D 262 -3.94 15.43 -10.83
N SER D 263 -5.14 15.47 -11.41
CA SER D 263 -5.92 16.72 -11.58
C SER D 263 -6.30 17.41 -10.27
N PHE D 264 -6.48 16.60 -9.21
CA PHE D 264 -6.78 17.07 -7.85
C PHE D 264 -5.71 18.07 -7.34
N ALA D 265 -4.45 17.65 -7.42
CA ALA D 265 -3.30 18.46 -6.98
C ALA D 265 -2.75 19.41 -8.06
N ALA D 266 -2.76 18.96 -9.32
CA ALA D 266 -2.13 19.69 -10.44
C ALA D 266 -3.00 20.72 -11.17
N LYS D 267 -4.30 20.46 -11.28
CA LYS D 267 -5.21 21.28 -12.12
C LYS D 267 -6.31 22.00 -11.31
N ALA D 268 -6.07 22.12 -9.99
CA ALA D 268 -6.99 22.75 -9.02
C ALA D 268 -6.27 23.17 -7.73
N ASP D 269 -6.70 24.27 -7.13
CA ASP D 269 -6.13 24.79 -5.88
C ASP D 269 -7.22 24.77 -4.78
N ILE D 270 -7.34 23.64 -4.10
CA ILE D 270 -8.53 23.39 -3.31
C ILE D 270 -8.32 22.99 -1.84
N THR D 271 -7.09 23.05 -1.36
CA THR D 271 -6.77 22.75 0.04
C THR D 271 -7.38 23.76 1.00
N ILE D 272 -7.99 23.25 2.08
CA ILE D 272 -8.39 24.12 3.19
C ILE D 272 -7.45 23.91 4.36
N ASP D 273 -6.78 25.00 4.74
CA ASP D 273 -5.88 25.01 5.88
C ASP D 273 -6.15 26.31 6.65
N ALA D 274 -5.51 26.51 7.82
CA ALA D 274 -5.79 27.71 8.62
C ALA D 274 -5.53 29.01 7.83
N ALA D 275 -4.52 29.03 6.97
CA ALA D 275 -4.24 30.24 6.17
C ALA D 275 -5.43 30.55 5.26
N ARG D 276 -6.02 29.55 4.64
CA ARG D 276 -7.16 29.82 3.80
C ARG D 276 -8.39 30.24 4.62
N MET D 277 -8.47 29.72 5.84
CA MET D 277 -9.63 29.97 6.71
C MET D 277 -9.70 31.45 7.16
N ARG D 278 -8.57 32.15 7.07
CA ARG D 278 -8.58 33.58 7.40
C ARG D 278 -9.48 34.38 6.45
N LEU D 279 -9.80 33.82 5.29
CA LEU D 279 -10.71 34.48 4.33
C LEU D 279 -12.21 34.18 4.56
N ALA D 280 -12.51 33.17 5.38
CA ALA D 280 -13.88 32.67 5.55
C ALA D 280 -14.71 33.60 6.42
N LYS D 281 -16.04 33.57 6.26
CA LYS D 281 -16.97 34.30 7.16
C LYS D 281 -16.76 33.84 8.61
N GLU D 282 -17.23 34.63 9.58
CA GLU D 282 -17.22 34.24 10.99
C GLU D 282 -18.30 33.19 11.23
N LYS D 283 -19.49 33.46 10.70
CA LYS D 283 -20.60 32.51 10.79
C LYS D 283 -20.67 31.56 9.57
N MET D 284 -19.95 30.46 9.65
CA MET D 284 -19.92 29.41 8.60
C MET D 284 -19.40 28.08 9.19
N ILE D 285 -19.52 26.98 8.43
CA ILE D 285 -18.93 25.70 8.83
C ILE D 285 -18.17 25.05 7.70
N VAL D 286 -17.09 24.35 8.07
CA VAL D 286 -16.36 23.43 7.21
C VAL D 286 -16.82 21.99 7.48
N MET D 287 -17.20 21.28 6.41
CA MET D 287 -17.70 19.93 6.56
C MET D 287 -16.92 19.01 5.62
N HIS D 288 -16.85 17.73 5.98
CA HIS D 288 -16.20 16.71 5.18
C HIS D 288 -16.83 15.39 5.61
N PRO D 289 -17.36 14.57 4.66
CA PRO D 289 -17.95 13.29 5.02
C PRO D 289 -16.92 12.36 5.70
N LEU D 290 -15.64 12.53 5.36
CA LEU D 290 -14.54 11.71 5.86
C LEU D 290 -14.56 10.28 5.27
N PRO D 291 -13.40 9.57 5.25
CA PRO D 291 -12.08 10.03 5.69
C PRO D 291 -11.49 11.10 4.79
N ARG D 292 -10.54 11.87 5.32
CA ARG D 292 -9.90 12.95 4.61
C ARG D 292 -8.43 12.59 4.34
N ASN D 293 -7.86 13.13 3.26
CA ASN D 293 -6.40 13.21 3.11
C ASN D 293 -5.97 14.68 3.27
N ASP D 294 -4.98 15.15 2.51
CA ASP D 294 -4.41 16.52 2.68
C ASP D 294 -5.30 17.66 2.18
N GLU D 295 -6.43 17.34 1.52
CA GLU D 295 -7.34 18.41 1.08
C GLU D 295 -7.86 19.20 2.28
N LEU D 296 -7.87 18.58 3.46
CA LEU D 296 -8.34 19.23 4.67
C LEU D 296 -7.32 19.10 5.80
N SER D 297 -6.62 20.20 6.03
CA SER D 297 -5.48 20.28 6.92
C SER D 297 -5.85 20.14 8.39
N THR D 298 -4.99 19.46 9.14
CA THR D 298 -5.20 19.34 10.58
C THR D 298 -5.11 20.71 11.27
N THR D 299 -4.57 21.72 10.58
CA THR D 299 -4.49 23.09 11.11
C THR D 299 -5.88 23.73 11.31
N VAL D 300 -6.90 23.12 10.72
CA VAL D 300 -8.26 23.64 10.77
C VAL D 300 -8.99 23.04 12.00
N ASP D 301 -8.50 21.91 12.53
CA ASP D 301 -9.24 21.10 13.52
C ASP D 301 -9.67 21.86 14.78
N ALA D 302 -8.85 22.85 15.19
CA ALA D 302 -9.10 23.67 16.39
C ALA D 302 -10.08 24.81 16.13
N ASP D 303 -10.35 25.09 14.86
CA ASP D 303 -11.27 26.15 14.53
C ASP D 303 -12.68 25.75 14.95
N PRO D 304 -13.38 26.64 15.66
CA PRO D 304 -14.80 26.43 15.99
C PRO D 304 -15.70 26.16 14.76
N ARG D 305 -15.29 26.61 13.55
CA ARG D 305 -16.06 26.39 12.31
C ARG D 305 -15.83 24.99 11.69
N ALA D 306 -14.84 24.28 12.22
CA ALA D 306 -14.57 22.88 11.84
C ALA D 306 -15.69 22.00 12.40
N ALA D 307 -16.67 21.66 11.55
CA ALA D 307 -17.86 20.90 11.99
C ALA D 307 -17.76 19.40 11.67
N TYR D 308 -16.67 19.00 11.00
CA TYR D 308 -16.57 17.64 10.46
C TYR D 308 -16.43 16.52 11.49
N PHE D 309 -16.03 16.85 12.73
CA PHE D 309 -16.07 15.81 13.74
C PHE D 309 -17.45 15.75 14.35
N ARG D 310 -18.06 16.90 14.63
CA ARG D 310 -19.44 16.93 15.15
C ARG D 310 -20.43 16.28 14.16
N GLN D 311 -20.15 16.50 12.86
CA GLN D 311 -20.90 15.87 11.77
C GLN D 311 -21.13 14.37 12.00
N MET D 312 -20.08 13.65 12.41
CA MET D 312 -20.19 12.21 12.63
C MET D 312 -21.17 11.85 13.77
N ARG D 313 -21.20 12.68 14.83
CA ARG D 313 -22.16 12.52 15.92
C ARG D 313 -23.62 12.84 15.53
N TYR D 314 -23.82 13.88 14.72
CA TYR D 314 -25.15 14.10 14.12
C TYR D 314 -25.59 12.85 13.33
N GLY D 315 -24.63 12.24 12.64
CA GLY D 315 -24.88 11.06 11.83
C GLY D 315 -25.47 9.89 12.62
N MET D 316 -24.94 9.65 13.82
CA MET D 316 -25.50 8.59 14.68
C MET D 316 -26.97 8.88 15.01
N PHE D 317 -27.28 10.12 15.32
CA PHE D 317 -28.66 10.49 15.68
C PHE D 317 -29.62 10.51 14.52
N MET D 318 -29.16 11.00 13.37
CA MET D 318 -29.91 10.86 12.10
C MET D 318 -30.22 9.40 11.82
N ARG D 319 -29.21 8.54 11.96
CA ARG D 319 -29.41 7.10 11.74
C ARG D 319 -30.36 6.45 12.73
N MET D 320 -30.32 6.85 14.01
CA MET D 320 -31.36 6.46 14.97
C MET D 320 -32.77 6.87 14.51
N ALA D 321 -32.94 8.12 14.08
CA ALA D 321 -34.23 8.59 13.55
C ALA D 321 -34.67 7.75 12.34
N ILE D 322 -33.72 7.44 11.47
CA ILE D 322 -33.98 6.66 10.24
C ILE D 322 -34.38 5.21 10.55
N LEU D 323 -33.63 4.54 11.43
CA LEU D 323 -33.93 3.17 11.79
C LEU D 323 -35.26 3.00 12.52
N TRP D 324 -35.53 3.87 13.49
CA TRP D 324 -36.80 3.87 14.22
C TRP D 324 -37.97 4.05 13.24
N SER D 325 -37.86 5.04 12.34
CA SER D 325 -38.94 5.33 11.40
C SER D 325 -39.15 4.16 10.41
N VAL D 326 -38.05 3.56 9.94
CA VAL D 326 -38.15 2.43 9.03
C VAL D 326 -38.79 1.21 9.70
N LEU D 327 -38.47 0.98 10.98
CA LEU D 327 -38.82 -0.27 11.67
C LEU D 327 -39.98 -0.18 12.68
N ALA D 328 -40.48 1.02 12.96
CA ALA D 328 -41.52 1.18 13.98
C ALA D 328 -42.80 0.50 13.52
N GLU E 5 -25.32 -2.82 46.33
CA GLU E 5 -24.87 -4.25 46.25
C GLU E 5 -23.58 -4.42 45.43
N LEU E 6 -23.48 -3.63 44.35
CA LEU E 6 -22.25 -3.59 43.53
C LEU E 6 -21.76 -2.14 43.43
N PRO E 7 -21.23 -1.60 44.55
CA PRO E 7 -20.86 -0.17 44.52
C PRO E 7 -19.69 0.03 43.58
N PRO E 8 -19.81 0.99 42.64
CA PRO E 8 -18.71 1.21 41.67
C PRO E 8 -17.52 1.77 42.44
N VAL E 9 -16.28 1.57 41.98
CA VAL E 9 -15.13 2.17 42.63
C VAL E 9 -15.06 3.64 42.17
N ALA E 10 -15.32 4.57 43.09
CA ALA E 10 -15.55 6.00 42.76
C ALA E 10 -14.35 6.68 42.09
N SER E 11 -13.14 6.35 42.54
CA SER E 11 -11.93 6.97 41.98
C SER E 11 -11.72 6.71 40.46
N LEU E 12 -12.34 5.66 39.92
CA LEU E 12 -12.20 5.36 38.48
C LEU E 12 -13.24 6.01 37.57
N LYS E 13 -14.23 6.70 38.16
CA LYS E 13 -15.34 7.26 37.36
C LYS E 13 -14.84 8.18 36.22
N GLY E 14 -15.23 7.85 34.99
CA GLY E 14 -14.92 8.69 33.83
C GLY E 14 -13.42 8.80 33.50
N LYS E 15 -12.59 7.92 34.05
CA LYS E 15 -11.13 8.03 33.85
C LYS E 15 -10.56 6.99 32.85
N SER E 16 -9.60 7.44 32.03
CA SER E 16 -8.87 6.51 31.16
C SER E 16 -7.95 5.61 32.01
N ILE E 17 -7.69 4.39 31.55
CA ILE E 17 -6.76 3.54 32.28
C ILE E 17 -5.58 3.24 31.38
N THR E 18 -4.44 3.80 31.72
CA THR E 18 -3.28 3.71 30.86
C THR E 18 -2.10 2.95 31.48
N SER E 19 -1.97 3.02 32.81
CA SER E 19 -0.78 2.53 33.53
C SER E 19 -1.17 1.92 34.86
N ALA E 20 -0.44 0.89 35.27
CA ALA E 20 -0.51 0.37 36.63
C ALA E 20 -0.22 1.45 37.69
N GLU E 21 0.58 2.46 37.34
CA GLU E 21 0.98 3.50 38.31
C GLU E 21 -0.19 4.32 38.85
N GLN E 22 -1.32 4.29 38.15
CA GLN E 22 -2.40 5.21 38.48
C GLN E 22 -3.27 4.69 39.61
N PHE E 23 -3.08 3.43 40.01
CA PHE E 23 -3.87 2.86 41.08
C PHE E 23 -3.18 2.94 42.45
N SER E 24 -3.97 3.22 43.49
CA SER E 24 -3.60 3.03 44.90
C SER E 24 -3.97 1.61 45.41
N ARG E 25 -3.35 1.23 46.52
CA ARG E 25 -3.69 -0.01 47.21
C ARG E 25 -5.20 -0.05 47.45
N ALA E 26 -5.78 1.05 47.92
CA ALA E 26 -7.20 1.08 48.21
C ALA E 26 -8.06 0.88 46.94
N ASP E 27 -7.65 1.48 45.82
CA ASP E 27 -8.32 1.20 44.53
C ASP E 27 -8.29 -0.28 44.19
N ILE E 28 -7.12 -0.91 44.33
CA ILE E 28 -6.95 -2.32 43.95
C ILE E 28 -7.88 -3.28 44.75
N TYR E 29 -7.93 -3.09 46.07
CA TYR E 29 -8.77 -3.89 46.96
C TYR E 29 -10.27 -3.67 46.70
N ALA E 30 -10.62 -2.42 46.40
CA ALA E 30 -11.99 -2.10 46.05
C ALA E 30 -12.37 -2.85 44.76
N LEU E 31 -11.47 -2.87 43.78
CA LEU E 31 -11.74 -3.58 42.52
C LEU E 31 -11.79 -5.07 42.73
N ILE E 32 -10.90 -5.58 43.57
CA ILE E 32 -10.86 -7.01 43.88
C ILE E 32 -12.17 -7.42 44.54
N HIS E 33 -12.65 -6.64 45.52
CA HIS E 33 -13.91 -6.99 46.22
C HIS E 33 -15.11 -6.85 45.29
N LEU E 34 -15.09 -5.88 44.38
CA LEU E 34 -16.20 -5.66 43.44
C LEU E 34 -16.23 -6.79 42.39
N ALA E 35 -15.04 -7.19 41.93
CA ALA E 35 -14.90 -8.33 41.04
C ALA E 35 -15.45 -9.65 41.67
N SER E 36 -15.18 -9.87 42.96
CA SER E 36 -15.64 -11.10 43.66
C SER E 36 -17.16 -11.17 43.84
N ALA E 37 -17.76 -10.02 44.17
CA ALA E 37 -19.20 -9.86 44.28
C ALA E 37 -19.84 -10.07 42.91
N MET E 38 -19.22 -9.53 41.86
CA MET E 38 -19.74 -9.78 40.51
C MET E 38 -19.65 -11.26 40.12
N GLN E 39 -18.53 -11.90 40.45
CA GLN E 39 -18.36 -13.34 40.26
C GLN E 39 -19.47 -14.13 40.95
N ARG E 40 -19.72 -13.84 42.22
CA ARG E 40 -20.76 -14.53 42.98
C ARG E 40 -22.12 -14.44 42.31
N LYS E 41 -22.48 -13.23 41.86
CA LYS E 41 -23.78 -13.02 41.27
C LYS E 41 -23.89 -13.68 39.90
N ILE E 42 -22.83 -13.58 39.09
CA ILE E 42 -22.79 -14.26 37.79
C ILE E 42 -22.88 -15.78 37.94
N ASP E 43 -22.07 -16.35 38.83
CA ASP E 43 -22.12 -17.80 39.10
C ASP E 43 -23.48 -18.29 39.67
N ALA E 44 -24.24 -17.38 40.29
CA ALA E 44 -25.59 -17.71 40.81
C ALA E 44 -26.66 -17.58 39.75
N GLY E 45 -26.28 -17.05 38.59
CA GLY E 45 -27.19 -16.96 37.45
C GLY E 45 -27.92 -15.65 37.38
N GLU E 46 -27.53 -14.68 38.22
CA GLU E 46 -28.16 -13.36 38.19
C GLU E 46 -27.74 -12.57 36.96
N VAL E 47 -28.69 -11.85 36.40
CA VAL E 47 -28.47 -11.08 35.20
C VAL E 47 -28.30 -9.63 35.65
N LEU E 48 -27.22 -8.97 35.22
CA LEU E 48 -26.97 -7.57 35.56
C LEU E 48 -27.33 -6.67 34.40
N ASN E 49 -27.93 -5.52 34.66
CA ASN E 49 -28.30 -4.62 33.58
C ASN E 49 -27.80 -3.20 33.85
N LEU E 50 -26.70 -3.14 34.59
CA LEU E 50 -26.06 -1.90 35.04
C LEU E 50 -25.63 -0.92 33.94
N LEU E 51 -25.29 -1.42 32.74
CA LEU E 51 -24.75 -0.58 31.66
C LEU E 51 -25.58 -0.69 30.39
N GLN E 52 -26.86 -0.98 30.56
CA GLN E 52 -27.78 -1.02 29.44
C GLN E 52 -27.69 0.29 28.68
N GLY E 53 -27.61 0.22 27.36
CA GLY E 53 -27.47 1.42 26.55
C GLY E 53 -26.08 2.05 26.50
N ARG E 54 -25.09 1.44 27.16
CA ARG E 54 -23.70 1.93 27.01
C ARG E 54 -22.91 1.10 25.98
N ILE E 55 -22.00 1.74 25.24
CA ILE E 55 -21.30 1.10 24.15
C ILE E 55 -19.76 1.12 24.36
N MET E 56 -19.13 -0.07 24.28
CA MET E 56 -17.66 -0.22 24.23
C MET E 56 -17.25 -0.49 22.78
N THR E 57 -16.22 0.20 22.33
CA THR E 57 -15.69 -0.13 21.02
C THR E 57 -14.26 -0.59 21.19
N PRO E 58 -14.01 -1.85 20.81
CA PRO E 58 -12.63 -2.27 20.84
C PRO E 58 -11.90 -1.69 19.62
N LEU E 59 -10.68 -1.21 19.85
CA LEU E 59 -9.78 -0.68 18.82
C LEU E 59 -8.47 -1.45 18.89
N PHE E 60 -8.46 -2.61 18.25
CA PHE E 60 -7.32 -3.53 18.30
C PHE E 60 -6.48 -3.42 17.00
N PHE E 61 -5.28 -2.84 17.09
CA PHE E 61 -4.38 -2.76 15.94
C PHE E 61 -3.39 -3.91 15.98
N GLU E 62 -3.48 -4.74 17.04
CA GLU E 62 -2.75 -6.00 17.15
C GLU E 62 -3.79 -7.08 17.41
N ASP E 63 -3.43 -8.31 17.09
CA ASP E 63 -4.23 -9.48 17.45
C ASP E 63 -4.36 -9.73 18.95
N SER E 64 -5.55 -10.15 19.35
CA SER E 64 -5.70 -10.73 20.68
C SER E 64 -6.79 -11.78 20.72
N SER E 65 -6.59 -12.77 21.59
CA SER E 65 -7.64 -13.73 21.78
C SER E 65 -8.44 -13.36 22.98
N ARG E 66 -7.79 -13.54 24.10
CA ARG E 66 -8.33 -13.34 25.37
C ARG E 66 -8.76 -11.95 25.62
N THR E 67 -7.92 -11.01 25.32
CA THR E 67 -8.13 -9.64 25.81
C THR E 67 -9.37 -9.02 25.16
N PHE E 68 -9.51 -9.22 23.87
CA PHE E 68 -10.67 -8.74 23.16
C PHE E 68 -11.98 -9.41 23.69
N SER E 69 -11.97 -10.75 23.78
CA SER E 69 -13.12 -11.53 24.24
C SER E 69 -13.51 -11.23 25.67
N SER E 70 -12.54 -11.18 26.59
CA SER E 70 -12.93 -10.91 27.98
C SER E 70 -13.52 -9.53 28.15
N PHE E 71 -12.96 -8.51 27.50
CA PHE E 71 -13.59 -7.17 27.51
C PHE E 71 -15.02 -7.17 26.97
N CYS E 72 -15.26 -7.81 25.82
CA CYS E 72 -16.62 -7.91 25.27
C CYS E 72 -17.56 -8.65 26.24
N ALA E 73 -17.13 -9.81 26.72
CA ALA E 73 -17.95 -10.59 27.65
C ALA E 73 -18.19 -9.81 28.93
N ALA E 74 -17.16 -9.17 29.46
CA ALA E 74 -17.40 -8.35 30.66
C ALA E 74 -18.47 -7.28 30.39
N MET E 75 -18.36 -6.59 29.25
CA MET E 75 -19.30 -5.51 28.89
C MET E 75 -20.74 -6.05 28.79
N ILE E 76 -20.88 -7.12 28.04
CA ILE E 76 -22.15 -7.83 27.87
C ILE E 76 -22.75 -8.30 29.20
N ARG E 77 -21.94 -8.90 30.06
CA ARG E 77 -22.47 -9.40 31.36
C ARG E 77 -22.84 -8.26 32.31
N LEU E 78 -22.47 -7.04 31.94
CA LEU E 78 -22.90 -5.88 32.69
C LEU E 78 -24.18 -5.30 32.07
N GLY E 79 -24.62 -5.85 30.94
CA GLY E 79 -25.85 -5.40 30.29
C GLY E 79 -25.53 -4.39 29.18
N GLY E 80 -24.24 -4.11 28.96
CA GLY E 80 -23.80 -3.15 27.94
C GLY E 80 -23.66 -3.78 26.54
N SER E 81 -23.24 -2.99 25.57
CA SER E 81 -23.15 -3.47 24.20
C SER E 81 -21.79 -3.11 23.60
N VAL E 82 -21.49 -3.73 22.46
CA VAL E 82 -20.19 -3.67 21.82
C VAL E 82 -20.39 -3.30 20.37
N VAL E 83 -19.63 -2.33 19.89
CA VAL E 83 -19.63 -2.06 18.43
C VAL E 83 -18.38 -2.67 17.88
N ASN E 84 -18.57 -3.67 17.02
CA ASN E 84 -17.44 -4.48 16.51
C ASN E 84 -16.69 -3.84 15.36
N PHE E 85 -16.00 -2.75 15.67
CA PHE E 85 -15.05 -2.13 14.76
C PHE E 85 -13.80 -3.00 14.44
N LYS E 86 -13.43 -3.05 13.17
CA LYS E 86 -12.31 -3.87 12.70
C LYS E 86 -11.33 -3.03 11.84
N VAL E 87 -10.07 -2.97 12.27
CA VAL E 87 -9.03 -2.22 11.55
C VAL E 87 -8.90 -2.60 10.07
N GLU E 88 -8.97 -3.90 9.76
CA GLU E 88 -8.86 -4.40 8.37
C GLU E 88 -9.97 -3.93 7.41
N ALA E 89 -11.21 -3.80 7.90
CA ALA E 89 -12.38 -3.40 7.08
C ALA E 89 -12.73 -1.89 7.19
N SER E 90 -11.72 -1.09 7.55
CA SER E 90 -11.93 0.33 7.89
C SER E 90 -11.34 1.33 6.87
N SER E 91 -11.49 2.62 7.18
CA SER E 91 -11.01 3.75 6.37
C SER E 91 -9.49 4.01 6.46
N ILE E 92 -8.81 3.33 7.40
CA ILE E 92 -7.33 3.29 7.46
C ILE E 92 -6.73 2.95 6.07
N ASN E 93 -7.32 1.96 5.39
CA ASN E 93 -6.98 1.61 4.00
C ASN E 93 -7.00 2.80 3.03
N LYS E 94 -7.97 3.69 3.23
CA LYS E 94 -8.16 4.93 2.43
C LYS E 94 -7.31 6.10 2.94
N GLY E 95 -6.42 5.84 3.91
CA GLY E 95 -5.43 6.82 4.38
C GLY E 95 -5.73 7.56 5.69
N GLU E 96 -6.78 7.13 6.41
CA GLU E 96 -7.23 7.82 7.63
C GLU E 96 -6.21 7.64 8.76
N THR E 97 -5.84 8.74 9.41
CA THR E 97 -4.89 8.73 10.55
C THR E 97 -5.47 8.06 11.82
N LEU E 98 -4.58 7.67 12.74
CA LEU E 98 -4.99 7.19 14.06
C LEU E 98 -5.87 8.19 14.80
N ALA E 99 -5.44 9.46 14.87
CA ALA E 99 -6.23 10.55 15.46
C ALA E 99 -7.66 10.65 14.95
N ASP E 100 -7.83 10.60 13.63
CA ASP E 100 -9.16 10.66 13.06
C ASP E 100 -9.96 9.38 13.37
N THR E 101 -9.30 8.23 13.32
CA THR E 101 -9.93 6.96 13.69
C THR E 101 -10.48 7.02 15.14
N ILE E 102 -9.66 7.50 16.08
CA ILE E 102 -10.09 7.70 17.46
C ILE E 102 -11.32 8.62 17.58
N ARG E 103 -11.26 9.79 16.94
CA ARG E 103 -12.38 10.74 16.94
C ARG E 103 -13.66 10.12 16.40
N THR E 104 -13.49 9.28 15.40
CA THR E 104 -14.60 8.57 14.82
C THR E 104 -15.31 7.65 15.83
N LEU E 105 -14.58 6.70 16.40
CA LEU E 105 -15.19 5.75 17.33
C LEU E 105 -15.63 6.48 18.59
N ASP E 106 -14.91 7.56 18.91
CA ASP E 106 -15.28 8.43 20.02
C ASP E 106 -16.65 9.10 19.86
N SER E 107 -17.10 9.32 18.62
CA SER E 107 -18.43 9.89 18.35
C SER E 107 -19.61 8.99 18.74
N TYR E 108 -19.38 7.69 18.90
CA TYR E 108 -20.46 6.73 19.06
C TYR E 108 -20.45 6.00 20.38
N SER E 109 -19.29 5.97 21.05
CA SER E 109 -18.99 5.02 22.11
C SER E 109 -18.97 5.65 23.50
N ASP E 110 -19.12 4.84 24.54
CA ASP E 110 -18.96 5.33 25.89
C ASP E 110 -17.56 5.04 26.37
N VAL E 111 -16.93 3.99 25.82
CA VAL E 111 -15.59 3.59 26.23
C VAL E 111 -14.85 2.94 25.06
N LEU E 112 -13.56 3.28 24.92
CA LEU E 112 -12.68 2.69 23.91
C LEU E 112 -11.70 1.74 24.58
N VAL E 113 -11.54 0.56 24.02
CA VAL E 113 -10.54 -0.38 24.53
C VAL E 113 -9.50 -0.49 23.43
N MET E 114 -8.28 -0.04 23.69
CA MET E 114 -7.29 0.11 22.65
C MET E 114 -6.05 -0.77 22.83
N ARG E 115 -5.72 -1.56 21.82
CA ARG E 115 -4.43 -2.24 21.80
C ARG E 115 -3.69 -1.77 20.55
N HIS E 116 -2.40 -1.49 20.69
CA HIS E 116 -1.61 -0.92 19.58
C HIS E 116 -0.13 -1.30 19.71
N PRO E 117 0.55 -1.63 18.57
CA PRO E 117 1.99 -1.99 18.71
C PRO E 117 2.95 -0.84 19.06
N ARG E 118 2.51 0.40 18.90
CA ARG E 118 3.36 1.54 19.28
C ARG E 118 3.07 1.97 20.73
N GLN E 119 4.12 2.03 21.56
CA GLN E 119 4.02 2.46 22.96
C GLN E 119 3.34 3.82 23.13
N ASP E 120 3.62 4.75 22.23
CA ASP E 120 3.07 6.10 22.35
C ASP E 120 1.69 6.35 21.69
N ALA E 121 1.11 5.32 21.07
CA ALA E 121 -0.22 5.47 20.44
C ALA E 121 -1.34 5.80 21.43
N ILE E 122 -1.28 5.22 22.64
CA ILE E 122 -2.24 5.53 23.71
C ILE E 122 -2.23 7.01 24.03
N GLU E 123 -1.02 7.56 24.17
CA GLU E 123 -0.88 8.97 24.49
C GLU E 123 -1.59 9.85 23.44
N GLU E 124 -1.33 9.59 22.16
CA GLU E 124 -1.99 10.33 21.07
C GLU E 124 -3.50 10.12 21.05
N ALA E 125 -3.93 8.89 21.31
CA ALA E 125 -5.35 8.61 21.41
C ALA E 125 -5.97 9.45 22.53
N LEU E 126 -5.34 9.46 23.71
CA LEU E 126 -5.80 10.28 24.84
C LEU E 126 -6.00 11.77 24.47
N SER E 127 -5.10 12.30 23.65
CA SER E 127 -5.09 13.72 23.36
C SER E 127 -6.27 14.16 22.50
N VAL E 128 -6.96 13.21 21.87
CA VAL E 128 -8.13 13.58 21.07
C VAL E 128 -9.45 13.00 21.58
N ALA E 129 -9.42 11.95 22.38
CA ALA E 129 -10.68 11.30 22.78
C ALA E 129 -11.37 12.04 23.91
N GLN E 130 -12.71 12.16 23.81
CA GLN E 130 -13.55 12.70 24.88
C GLN E 130 -13.90 11.63 25.88
N HIS E 131 -14.05 10.38 25.43
CA HIS E 131 -14.51 9.31 26.32
C HIS E 131 -13.31 8.54 26.90
N PRO E 132 -13.52 7.78 27.99
CA PRO E 132 -12.35 7.06 28.55
C PRO E 132 -11.74 6.01 27.57
N ILE E 133 -10.42 5.90 27.59
CA ILE E 133 -9.71 4.89 26.82
C ILE E 133 -9.07 3.94 27.80
N LEU E 134 -9.30 2.64 27.61
CA LEU E 134 -8.62 1.61 28.41
C LEU E 134 -7.53 0.97 27.58
N ASN E 135 -6.32 1.03 28.13
CA ASN E 135 -5.11 0.50 27.48
C ASN E 135 -5.08 -1.01 27.58
N ALA E 136 -5.30 -1.68 26.45
CA ALA E 136 -5.26 -3.13 26.43
C ALA E 136 -3.91 -3.63 25.91
N GLY E 137 -2.90 -2.75 25.93
CA GLY E 137 -1.52 -3.13 25.57
C GLY E 137 -0.97 -2.12 24.56
N ASN E 138 0.10 -1.43 24.93
CA ASN E 138 0.70 -0.41 24.05
C ASN E 138 2.15 -0.81 23.84
N GLY E 139 2.43 -1.45 22.69
CA GLY E 139 3.77 -1.98 22.40
C GLY E 139 4.36 -2.85 23.50
N ALA E 140 5.64 -2.66 23.77
CA ALA E 140 6.31 -3.29 24.88
C ALA E 140 6.16 -2.43 26.16
N GLY E 141 5.13 -1.57 26.23
CA GLY E 141 4.92 -0.71 27.40
C GLY E 141 4.23 -1.38 28.60
N GLU E 142 2.91 -1.30 28.61
CA GLU E 142 2.07 -1.83 29.67
C GLU E 142 0.76 -2.52 29.25
N HIS E 143 0.22 -3.29 30.18
CA HIS E 143 -1.03 -4.00 30.07
C HIS E 143 -1.67 -3.87 31.45
N PRO E 144 -2.20 -2.61 31.72
CA PRO E 144 -2.70 -2.40 33.08
C PRO E 144 -3.82 -3.25 33.61
N THR E 145 -4.79 -3.59 32.81
CA THR E 145 -5.89 -4.41 33.31
C THR E 145 -5.42 -5.85 33.50
N GLN E 146 -4.37 -6.26 32.79
CA GLN E 146 -3.80 -7.60 33.03
C GLN E 146 -3.19 -7.65 34.45
N ALA E 147 -2.51 -6.56 34.83
CA ALA E 147 -1.91 -6.46 36.17
C ALA E 147 -2.99 -6.53 37.28
N LEU E 148 -4.11 -5.83 37.08
CA LEU E 148 -5.21 -5.91 38.04
C LEU E 148 -5.76 -7.32 38.17
N LEU E 149 -6.00 -7.99 37.04
CA LEU E 149 -6.57 -9.34 37.07
C LEU E 149 -5.58 -10.36 37.61
N ASP E 150 -4.29 -10.17 37.29
CA ASP E 150 -3.22 -10.99 37.85
C ASP E 150 -3.25 -10.92 39.39
N THR E 151 -3.37 -9.71 39.90
CA THR E 151 -3.40 -9.47 41.34
C THR E 151 -4.67 -10.03 41.99
N LEU E 152 -5.84 -9.89 41.34
CA LEU E 152 -7.05 -10.56 41.81
C LEU E 152 -6.82 -12.10 41.89
N THR E 153 -6.19 -12.67 40.87
CA THR E 153 -5.81 -14.10 40.83
C THR E 153 -4.97 -14.53 42.04
N ILE E 154 -3.86 -13.83 42.27
CA ILE E 154 -3.02 -14.07 43.43
C ILE E 154 -3.84 -14.04 44.74
N HIS E 155 -4.59 -12.96 44.92
CA HIS E 155 -5.43 -12.73 46.08
C HIS E 155 -6.42 -13.90 46.30
N SER E 156 -7.11 -14.31 45.24
CA SER E 156 -8.17 -15.28 45.39
C SER E 156 -7.60 -16.67 45.58
N GLU E 157 -6.44 -16.92 44.99
CA GLU E 157 -5.87 -18.25 45.03
C GLU E 157 -5.05 -18.45 46.30
N LEU E 158 -4.30 -17.44 46.70
CA LEU E 158 -3.38 -17.59 47.84
C LEU E 158 -3.89 -16.96 49.11
N GLY E 159 -4.79 -15.98 48.98
CA GLY E 159 -5.38 -15.34 50.13
C GLY E 159 -4.66 -14.08 50.57
N SER E 160 -3.51 -13.80 49.98
CA SER E 160 -2.68 -12.67 50.42
C SER E 160 -1.73 -12.22 49.31
N VAL E 161 -1.50 -10.92 49.18
CA VAL E 161 -0.51 -10.40 48.23
C VAL E 161 0.77 -9.92 48.93
N ASP E 162 0.61 -9.14 50.00
CA ASP E 162 1.72 -8.85 50.92
C ASP E 162 2.42 -10.15 51.32
N GLY E 163 3.75 -10.12 51.39
CA GLY E 163 4.52 -11.29 51.88
C GLY E 163 4.98 -12.27 50.83
N ILE E 164 4.41 -12.21 49.62
CA ILE E 164 4.71 -13.22 48.60
C ILE E 164 6.13 -13.11 48.05
N THR E 165 6.61 -14.26 47.61
CA THR E 165 7.77 -14.29 46.74
C THR E 165 7.25 -14.64 45.38
N ILE E 166 7.56 -13.79 44.41
CA ILE E 166 7.08 -14.03 43.05
C ILE E 166 8.22 -14.11 42.06
N ALA E 167 8.14 -15.08 41.14
CA ALA E 167 9.07 -15.13 40.01
C ALA E 167 8.39 -14.61 38.75
N LEU E 168 9.01 -13.62 38.12
CA LEU E 168 8.61 -13.15 36.82
C LEU E 168 9.57 -13.78 35.85
N ILE E 169 9.02 -14.59 34.94
CA ILE E 169 9.84 -15.44 34.07
C ILE E 169 9.55 -15.22 32.58
N GLY E 170 10.62 -15.19 31.79
CA GLY E 170 10.50 -15.17 30.33
C GLY E 170 11.18 -13.95 29.69
N ASP E 171 10.51 -13.39 28.69
CA ASP E 171 10.95 -12.17 28.01
C ASP E 171 10.46 -10.95 28.82
N LEU E 172 11.26 -10.57 29.82
CA LEU E 172 10.92 -9.46 30.71
C LEU E 172 11.17 -8.12 30.04
N LYS E 173 12.02 -8.12 29.01
CA LYS E 173 12.35 -6.89 28.31
C LYS E 173 11.14 -6.37 27.52
N MET E 174 10.55 -7.22 26.72
CA MET E 174 9.45 -6.84 25.89
C MET E 174 8.10 -7.16 26.48
N GLY E 175 8.08 -7.82 27.61
CA GLY E 175 6.83 -8.23 28.21
C GLY E 175 6.07 -7.16 28.96
N ARG E 176 5.04 -6.70 28.27
CA ARG E 176 4.17 -5.67 28.72
C ARG E 176 3.43 -6.09 30.01
N THR E 177 3.05 -7.34 30.12
CA THR E 177 2.38 -7.86 31.30
C THR E 177 3.26 -7.80 32.54
N VAL E 178 4.50 -8.29 32.46
CA VAL E 178 5.43 -8.20 33.60
C VAL E 178 5.78 -6.76 34.02
N HIS E 179 5.83 -5.84 33.07
CA HIS E 179 6.09 -4.44 33.39
C HIS E 179 4.97 -3.89 34.28
N SER E 180 3.73 -4.04 33.80
CA SER E 180 2.61 -3.61 34.59
C SER E 180 2.54 -4.31 35.95
N LEU E 181 2.74 -5.63 35.95
CA LEU E 181 2.58 -6.36 37.18
C LEU E 181 3.62 -6.00 38.24
N LEU E 182 4.89 -5.91 37.85
CA LEU E 182 5.95 -5.48 38.77
C LEU E 182 5.61 -4.11 39.36
N LYS E 183 5.24 -3.18 38.50
CA LYS E 183 4.83 -1.87 38.98
C LYS E 183 3.69 -1.94 39.99
N LEU E 184 2.62 -2.66 39.64
CA LEU E 184 1.44 -2.74 40.54
C LEU E 184 1.76 -3.41 41.88
N LEU E 185 2.51 -4.50 41.86
CA LEU E 185 2.87 -5.20 43.11
C LEU E 185 3.76 -4.35 44.04
N VAL E 186 4.84 -3.84 43.46
CA VAL E 186 5.84 -3.14 44.25
C VAL E 186 5.34 -1.82 44.82
N ARG E 187 4.55 -1.07 44.03
CA ARG E 187 4.03 0.21 44.51
C ARG E 187 3.03 0.07 45.65
N ASN E 188 2.24 -1.00 45.63
CA ASN E 188 1.04 -1.03 46.44
C ASN E 188 0.98 -2.12 47.51
N PHE E 189 1.95 -3.03 47.49
CA PHE E 189 1.98 -4.14 48.46
C PHE E 189 3.38 -4.27 49.00
N SER E 190 3.52 -5.05 50.07
CA SER E 190 4.82 -5.38 50.61
C SER E 190 5.28 -6.76 50.16
N ILE E 191 5.86 -6.82 48.98
CA ILE E 191 6.35 -8.04 48.39
C ILE E 191 7.65 -8.46 49.08
N LYS E 192 7.80 -9.75 49.38
CA LYS E 192 9.01 -10.16 50.08
C LYS E 192 10.19 -10.23 49.12
N CYS E 193 9.98 -10.90 47.99
CA CYS E 193 11.06 -11.13 47.05
C CYS E 193 10.51 -11.25 45.65
N VAL E 194 11.24 -10.68 44.69
CA VAL E 194 10.95 -10.87 43.27
C VAL E 194 12.16 -11.53 42.62
N PHE E 195 11.92 -12.65 41.94
CA PHE E 195 12.92 -13.27 41.08
C PHE E 195 12.68 -12.80 39.63
N LEU E 196 13.70 -12.24 39.01
CA LEU E 196 13.61 -11.85 37.60
C LEU E 196 14.35 -12.89 36.80
N VAL E 197 13.59 -13.74 36.11
CA VAL E 197 14.13 -14.95 35.49
C VAL E 197 14.10 -14.77 34.00
N ALA E 198 15.27 -14.49 33.43
CA ALA E 198 15.39 -14.20 32.00
C ALA E 198 16.85 -14.32 31.56
N PRO E 199 17.09 -14.67 30.27
CA PRO E 199 18.46 -14.47 29.76
C PRO E 199 18.78 -12.98 29.85
N ASP E 200 20.07 -12.68 30.00
CA ASP E 200 20.50 -11.29 30.18
C ASP E 200 19.91 -10.32 29.15
N ALA E 201 19.92 -10.74 27.89
CA ALA E 201 19.39 -9.94 26.80
C ALA E 201 17.90 -9.56 26.95
N LEU E 202 17.17 -10.30 27.78
CA LEU E 202 15.73 -10.10 27.90
C LEU E 202 15.29 -9.75 29.33
N GLN E 203 16.23 -9.21 30.11
CA GLN E 203 15.99 -8.91 31.51
C GLN E 203 15.05 -7.72 31.66
N MET E 204 14.51 -7.56 32.87
CA MET E 204 13.63 -6.42 33.19
C MET E 204 14.39 -5.10 32.92
N PRO E 205 13.76 -4.15 32.20
CA PRO E 205 14.47 -2.92 31.78
C PRO E 205 14.68 -1.95 32.93
N GLN E 206 15.74 -1.16 32.85
CA GLN E 206 16.01 -0.09 33.81
C GLN E 206 14.89 0.93 33.88
N ASP E 207 14.19 1.16 32.78
CA ASP E 207 13.11 2.15 32.82
C ASP E 207 11.86 1.68 33.60
N VAL E 208 11.85 0.40 33.98
CA VAL E 208 10.82 -0.14 34.84
C VAL E 208 11.39 -0.20 36.25
N LEU E 209 12.59 -0.75 36.41
CA LEU E 209 13.20 -0.89 37.75
C LEU E 209 13.51 0.43 38.47
N GLU E 210 14.02 1.39 37.72
CA GLU E 210 14.49 2.64 38.33
C GLU E 210 13.40 3.47 38.99
N PRO E 211 12.26 3.75 38.30
CA PRO E 211 11.20 4.45 39.02
C PRO E 211 10.63 3.69 40.23
N LEU E 212 10.90 2.38 40.35
CA LEU E 212 10.43 1.60 41.50
C LEU E 212 11.46 1.52 42.62
N GLN E 213 12.66 2.05 42.41
CA GLN E 213 13.78 1.80 43.35
C GLN E 213 13.53 2.35 44.78
N HIS E 214 12.84 3.48 44.87
CA HIS E 214 12.46 4.05 46.16
C HIS E 214 11.54 3.10 46.95
N GLU E 215 10.50 2.60 46.30
CA GLU E 215 9.57 1.66 46.91
C GLU E 215 10.27 0.33 47.26
N ILE E 216 11.07 -0.18 46.33
CA ILE E 216 11.87 -1.37 46.59
C ILE E 216 12.74 -1.20 47.87
N ALA E 217 13.48 -0.10 47.95
CA ALA E 217 14.39 0.06 49.06
C ALA E 217 13.64 0.34 50.37
N THR E 218 12.59 1.16 50.34
CA THR E 218 11.93 1.54 51.58
C THR E 218 11.03 0.42 52.14
N LYS E 219 10.54 -0.47 51.29
CA LYS E 219 9.84 -1.65 51.78
C LYS E 219 10.78 -2.86 51.98
N GLY E 220 12.03 -2.73 51.56
CA GLY E 220 13.00 -3.84 51.73
C GLY E 220 12.72 -5.06 50.88
N VAL E 221 12.17 -4.84 49.69
CA VAL E 221 11.89 -5.91 48.74
C VAL E 221 13.21 -6.50 48.26
N ILE E 222 13.35 -7.82 48.31
CA ILE E 222 14.51 -8.48 47.75
C ILE E 222 14.36 -8.61 46.22
N ILE E 223 15.37 -8.22 45.46
CA ILE E 223 15.31 -8.42 44.01
C ILE E 223 16.48 -9.29 43.60
N HIS E 224 16.22 -10.47 43.02
CA HIS E 224 17.31 -11.31 42.49
C HIS E 224 17.08 -11.63 41.03
N ARG E 225 18.12 -11.48 40.21
CA ARG E 225 18.09 -11.90 38.82
C ARG E 225 18.67 -13.30 38.69
N THR E 226 18.08 -14.13 37.84
CA THR E 226 18.68 -15.42 37.46
C THR E 226 18.48 -15.57 35.94
N HIS E 227 19.25 -16.46 35.31
CA HIS E 227 18.94 -16.78 33.90
C HIS E 227 18.28 -18.14 33.78
N ALA E 228 17.91 -18.71 34.91
CA ALA E 228 17.35 -20.06 34.93
C ALA E 228 16.41 -20.23 36.12
N LEU E 229 15.48 -21.16 35.99
CA LEU E 229 14.62 -21.53 37.11
C LEU E 229 15.39 -22.46 38.03
N THR E 230 16.29 -21.88 38.81
CA THR E 230 17.07 -22.66 39.75
C THR E 230 16.12 -23.30 40.75
N ASP E 231 16.67 -24.22 41.53
CA ASP E 231 15.94 -24.91 42.57
C ASP E 231 15.48 -23.93 43.64
N GLU E 232 16.29 -22.91 43.89
CA GLU E 232 15.98 -21.89 44.87
C GLU E 232 14.69 -21.12 44.46
N VAL E 233 14.60 -20.74 43.19
CA VAL E 233 13.39 -20.08 42.70
C VAL E 233 12.18 -21.01 42.82
N MET E 234 12.36 -22.28 42.45
CA MET E 234 11.29 -23.27 42.57
C MET E 234 10.81 -23.49 44.01
N GLN E 235 11.73 -23.51 44.94
CA GLN E 235 11.36 -23.82 46.33
C GLN E 235 10.82 -22.63 47.13
N LYS E 236 11.29 -21.42 46.83
CA LYS E 236 10.83 -20.23 47.58
C LYS E 236 9.61 -19.49 46.99
N SER E 237 9.33 -19.67 45.71
CA SER E 237 8.30 -18.87 45.05
C SER E 237 6.87 -19.28 45.42
N ASP E 238 6.07 -18.30 45.82
CA ASP E 238 4.63 -18.51 46.01
C ASP E 238 3.86 -18.37 44.71
N VAL E 239 4.40 -17.58 43.80
CA VAL E 239 3.85 -17.55 42.44
C VAL E 239 4.95 -17.58 41.38
N LEU E 240 4.76 -18.45 40.40
CA LEU E 240 5.60 -18.50 39.22
C LEU E 240 4.77 -17.92 38.08
N TYR E 241 5.18 -16.74 37.61
CA TYR E 241 4.44 -16.02 36.59
C TYR E 241 5.32 -16.04 35.37
N THR E 242 4.96 -16.89 34.41
CA THR E 242 5.80 -17.09 33.25
C THR E 242 5.15 -16.51 32.00
N THR E 243 5.98 -16.31 30.98
CA THR E 243 5.58 -15.63 29.75
C THR E 243 6.34 -16.22 28.58
N ARG E 244 5.84 -15.92 27.39
CA ARG E 244 6.36 -16.40 26.09
C ARG E 244 7.55 -15.53 25.59
N LEU E 245 8.24 -15.98 24.53
CA LEU E 245 9.22 -15.18 23.74
C LEU E 245 8.48 -14.22 22.81
N GLN E 246 8.40 -12.97 23.20
CA GLN E 246 7.79 -11.94 22.41
C GLN E 246 8.34 -11.81 20.99
N ASP E 269 17.32 -21.46 30.84
CA ASP E 269 16.58 -22.69 31.12
C ASP E 269 15.35 -22.47 32.04
N ILE E 270 14.21 -22.22 31.42
CA ILE E 270 13.08 -21.63 32.12
C ILE E 270 11.77 -22.39 31.93
N THR E 271 11.84 -23.61 31.41
CA THR E 271 10.63 -24.40 31.16
C THR E 271 10.03 -24.90 32.46
N ILE E 272 8.71 -24.69 32.60
CA ILE E 272 7.97 -25.29 33.72
C ILE E 272 7.23 -26.51 33.19
N ASP E 273 7.57 -27.69 33.71
CA ASP E 273 6.92 -28.93 33.33
C ASP E 273 6.63 -29.75 34.60
N ALA E 274 5.95 -30.89 34.44
CA ALA E 274 5.69 -31.77 35.59
C ALA E 274 6.95 -32.07 36.40
N ALA E 275 8.08 -32.37 35.73
CA ALA E 275 9.32 -32.71 36.42
C ALA E 275 9.79 -31.54 37.30
N ARG E 276 9.82 -30.35 36.72
CA ARG E 276 10.22 -29.15 37.45
C ARG E 276 9.31 -28.84 38.67
N MET E 277 8.00 -29.05 38.49
CA MET E 277 6.98 -28.77 39.54
C MET E 277 7.13 -29.61 40.82
N ARG E 278 7.81 -30.76 40.70
CA ARG E 278 8.22 -31.61 41.84
C ARG E 278 8.95 -30.79 42.91
N LEU E 279 9.63 -29.73 42.49
CA LEU E 279 10.36 -28.85 43.43
C LEU E 279 9.52 -27.73 44.07
N ALA E 280 8.32 -27.47 43.52
CA ALA E 280 7.49 -26.35 43.97
C ALA E 280 6.92 -26.53 45.38
N LYS E 281 6.64 -25.44 46.08
CA LYS E 281 5.89 -25.49 47.36
C LYS E 281 4.56 -26.21 47.15
N GLU E 282 3.95 -26.60 48.27
CA GLU E 282 2.60 -27.15 48.24
C GLU E 282 1.56 -26.07 47.94
N LYS E 283 1.69 -24.95 48.63
CA LYS E 283 0.79 -23.85 48.43
C LYS E 283 1.48 -22.80 47.58
N MET E 284 1.19 -22.83 46.27
CA MET E 284 1.66 -21.83 45.34
C MET E 284 0.83 -21.92 44.05
N ILE E 285 1.02 -20.97 43.15
CA ILE E 285 0.35 -21.02 41.85
C ILE E 285 1.30 -20.73 40.71
N VAL E 286 1.02 -21.35 39.56
CA VAL E 286 1.69 -21.03 38.34
C VAL E 286 0.72 -20.18 37.52
N MET E 287 1.21 -19.06 37.01
CA MET E 287 0.40 -18.14 36.20
C MET E 287 1.08 -17.89 34.87
N HIS E 288 0.26 -17.47 33.92
CA HIS E 288 0.71 -17.14 32.58
C HIS E 288 -0.39 -16.30 31.95
N PRO E 289 -0.07 -15.08 31.46
CA PRO E 289 -1.07 -14.25 30.79
C PRO E 289 -1.62 -14.90 29.52
N LEU E 290 -0.83 -15.75 28.87
CA LEU E 290 -1.16 -16.48 27.64
C LEU E 290 -1.11 -15.52 26.42
N PRO E 291 -0.92 -16.05 25.20
CA PRO E 291 -0.75 -17.46 24.83
C PRO E 291 0.60 -17.98 25.29
N ARG E 292 0.68 -19.30 25.49
CA ARG E 292 1.94 -19.97 25.87
C ARG E 292 2.52 -20.79 24.68
N ASN E 293 3.85 -20.93 24.64
CA ASN E 293 4.53 -21.95 23.82
C ASN E 293 5.10 -23.03 24.76
N ASP E 294 6.33 -23.48 24.48
CA ASP E 294 6.96 -24.59 25.21
C ASP E 294 7.30 -24.29 26.67
N GLU E 295 7.44 -23.01 27.02
CA GLU E 295 7.93 -22.63 28.35
C GLU E 295 7.00 -23.12 29.46
N LEU E 296 5.76 -23.43 29.11
CA LEU E 296 4.79 -23.95 30.07
C LEU E 296 4.16 -25.20 29.48
N SER E 297 4.71 -26.34 29.87
CA SER E 297 4.32 -27.62 29.31
C SER E 297 2.85 -27.99 29.63
N THR E 298 2.19 -28.71 28.74
CA THR E 298 0.81 -29.17 29.01
C THR E 298 0.75 -30.23 30.14
N THR E 299 1.90 -30.79 30.52
CA THR E 299 1.95 -31.74 31.64
C THR E 299 1.60 -31.07 32.98
N VAL E 300 1.64 -29.73 33.01
CA VAL E 300 1.38 -28.96 34.24
C VAL E 300 -0.12 -28.71 34.44
N ASP E 301 -0.89 -28.87 33.35
CA ASP E 301 -2.32 -28.46 33.29
C ASP E 301 -3.25 -29.14 34.30
N ALA E 302 -2.97 -30.37 34.69
CA ALA E 302 -3.80 -31.10 35.66
C ALA E 302 -3.44 -30.79 37.12
N ASP E 303 -2.30 -30.15 37.35
CA ASP E 303 -1.93 -29.74 38.70
C ASP E 303 -2.94 -28.74 39.32
N PRO E 304 -3.35 -28.96 40.59
CA PRO E 304 -4.19 -27.96 41.30
C PRO E 304 -3.53 -26.55 41.35
N ARG E 305 -2.19 -26.50 41.30
CA ARG E 305 -1.43 -25.22 41.34
C ARG E 305 -1.41 -24.43 40.02
N ALA E 306 -1.80 -25.10 38.94
CA ALA E 306 -1.90 -24.50 37.63
C ALA E 306 -3.11 -23.52 37.59
N ALA E 307 -2.83 -22.22 37.66
CA ALA E 307 -3.88 -21.24 37.86
C ALA E 307 -4.11 -20.42 36.60
N TYR E 308 -3.37 -20.73 35.54
CA TYR E 308 -3.41 -19.91 34.31
C TYR E 308 -4.72 -20.00 33.51
N PHE E 309 -5.58 -21.01 33.77
CA PHE E 309 -6.88 -21.04 33.08
C PHE E 309 -7.92 -20.28 33.90
N ARG E 310 -7.92 -20.51 35.21
CA ARG E 310 -8.74 -19.75 36.16
C ARG E 310 -8.44 -18.24 36.04
N GLN E 311 -7.16 -17.93 35.85
CA GLN E 311 -6.71 -16.56 35.62
C GLN E 311 -7.56 -15.83 34.56
N MET E 312 -7.89 -16.48 33.45
CA MET E 312 -8.70 -15.86 32.42
C MET E 312 -10.12 -15.52 32.91
N ARG E 313 -10.68 -16.38 33.76
CA ARG E 313 -12.02 -16.11 34.27
C ARG E 313 -11.99 -14.97 35.31
N TYR E 314 -11.06 -15.00 36.26
CA TYR E 314 -10.89 -13.82 37.15
C TYR E 314 -10.75 -12.58 36.28
N GLY E 315 -10.11 -12.71 35.11
CA GLY E 315 -9.93 -11.59 34.22
C GLY E 315 -11.24 -10.97 33.73
N MET E 316 -12.24 -11.80 33.44
CA MET E 316 -13.55 -11.27 33.02
C MET E 316 -14.21 -10.51 34.15
N PHE E 317 -14.12 -11.06 35.35
CA PHE E 317 -14.73 -10.40 36.51
C PHE E 317 -14.04 -9.10 36.89
N MET E 318 -12.71 -9.07 36.84
CA MET E 318 -12.00 -7.81 37.05
C MET E 318 -12.36 -6.78 35.96
N ARG E 319 -12.47 -7.20 34.70
CA ARG E 319 -12.83 -6.24 33.64
C ARG E 319 -14.26 -5.71 33.80
N MET E 320 -15.16 -6.54 34.34
CA MET E 320 -16.49 -6.08 34.79
C MET E 320 -16.40 -5.01 35.88
N ALA E 321 -15.60 -5.27 36.91
CA ALA E 321 -15.45 -4.30 38.01
C ALA E 321 -14.89 -2.98 37.47
N ILE E 322 -13.97 -3.10 36.51
CA ILE E 322 -13.35 -1.93 35.90
C ILE E 322 -14.36 -1.19 35.03
N LEU E 323 -15.05 -1.91 34.15
CA LEU E 323 -15.91 -1.19 33.24
C LEU E 323 -17.04 -0.48 34.01
N TRP E 324 -17.62 -1.20 34.98
CA TRP E 324 -18.67 -0.62 35.84
C TRP E 324 -18.17 0.63 36.59
N SER E 325 -16.97 0.57 37.16
CA SER E 325 -16.42 1.74 37.88
C SER E 325 -16.13 2.92 36.94
N VAL E 326 -15.61 2.63 35.75
CA VAL E 326 -15.36 3.69 34.77
C VAL E 326 -16.67 4.37 34.33
N LEU E 327 -17.72 3.59 34.13
CA LEU E 327 -18.91 4.12 33.51
C LEU E 327 -20.11 4.42 34.40
N ALA E 328 -20.08 4.00 35.68
CA ALA E 328 -21.19 4.25 36.64
C ALA E 328 -21.62 5.73 36.67
N GLY F 1 -45.47 -17.51 30.88
CA GLY F 1 -46.10 -18.74 30.30
C GLY F 1 -45.29 -19.47 29.22
N SER F 2 -43.96 -19.31 29.27
CA SER F 2 -43.08 -19.98 28.31
C SER F 2 -43.08 -21.52 28.43
N MET F 3 -43.31 -22.06 29.62
CA MET F 3 -43.38 -23.52 29.78
C MET F 3 -44.58 -24.19 29.07
N LEU F 4 -45.66 -23.43 28.84
CA LEU F 4 -46.73 -23.90 27.95
C LEU F 4 -46.30 -23.75 26.49
N GLU F 5 -45.82 -22.57 26.14
CA GLU F 5 -45.66 -22.24 24.72
C GLU F 5 -44.31 -22.66 24.16
N LEU F 6 -43.27 -22.52 24.98
CA LEU F 6 -41.90 -22.79 24.56
C LEU F 6 -41.20 -23.76 25.52
N PRO F 7 -41.74 -24.98 25.68
CA PRO F 7 -41.06 -25.84 26.64
C PRO F 7 -39.73 -26.34 26.06
N PRO F 8 -38.65 -26.17 26.81
CA PRO F 8 -37.38 -26.68 26.31
C PRO F 8 -37.41 -28.21 26.18
N VAL F 9 -36.65 -28.77 25.24
CA VAL F 9 -36.50 -30.23 25.10
C VAL F 9 -35.51 -30.73 26.18
N ALA F 10 -36.06 -31.30 27.24
CA ALA F 10 -35.25 -31.59 28.44
C ALA F 10 -34.01 -32.40 28.15
N SER F 11 -34.11 -33.37 27.23
CA SER F 11 -32.97 -34.24 26.94
C SER F 11 -31.72 -33.48 26.45
N LEU F 12 -31.89 -32.27 25.96
CA LEU F 12 -30.77 -31.51 25.37
C LEU F 12 -30.07 -30.62 26.39
N LYS F 13 -30.60 -30.56 27.61
CA LYS F 13 -30.10 -29.60 28.61
C LYS F 13 -28.64 -29.82 28.91
N GLY F 14 -27.86 -28.75 28.75
CA GLY F 14 -26.43 -28.74 29.09
C GLY F 14 -25.60 -29.70 28.28
N LYS F 15 -26.08 -30.13 27.12
CA LYS F 15 -25.36 -31.15 26.35
C LYS F 15 -24.80 -30.64 25.04
N SER F 16 -23.62 -31.14 24.72
CA SER F 16 -22.94 -30.80 23.49
C SER F 16 -23.65 -31.51 22.36
N ILE F 17 -23.65 -30.89 21.18
CA ILE F 17 -24.28 -31.50 20.01
C ILE F 17 -23.23 -31.72 18.94
N THR F 18 -22.94 -33.00 18.67
CA THR F 18 -21.84 -33.39 17.81
C THR F 18 -22.26 -34.24 16.61
N SER F 19 -23.33 -35.02 16.75
CA SER F 19 -23.70 -36.01 15.72
C SER F 19 -25.21 -36.11 15.58
N ALA F 20 -25.69 -36.44 14.38
CA ALA F 20 -27.11 -36.76 14.19
C ALA F 20 -27.49 -38.00 14.99
N GLU F 21 -26.48 -38.82 15.29
CA GLU F 21 -26.67 -40.09 15.98
C GLU F 21 -27.13 -39.92 17.41
N GLN F 22 -26.99 -38.73 17.98
CA GLN F 22 -27.35 -38.55 19.40
C GLN F 22 -28.84 -38.31 19.66
N PHE F 23 -29.62 -38.08 18.60
CA PHE F 23 -31.03 -37.74 18.76
C PHE F 23 -31.94 -38.95 18.53
N SER F 24 -32.95 -39.07 19.39
CA SER F 24 -34.05 -40.00 19.18
C SER F 24 -35.14 -39.34 18.33
N ARG F 25 -36.07 -40.16 17.82
CA ARG F 25 -37.25 -39.67 17.13
C ARG F 25 -38.02 -38.68 18.01
N ALA F 26 -38.21 -39.02 19.29
CA ALA F 26 -38.88 -38.11 20.25
C ALA F 26 -38.18 -36.72 20.37
N ASP F 27 -36.84 -36.72 20.43
CA ASP F 27 -36.04 -35.51 20.47
C ASP F 27 -36.35 -34.64 19.23
N ILE F 28 -36.23 -35.24 18.06
CA ILE F 28 -36.46 -34.52 16.83
C ILE F 28 -37.88 -33.89 16.77
N TYR F 29 -38.92 -34.66 17.09
CA TYR F 29 -40.28 -34.10 17.08
C TYR F 29 -40.48 -33.01 18.11
N ALA F 30 -39.92 -33.17 19.32
CA ALA F 30 -39.98 -32.09 20.31
C ALA F 30 -39.29 -30.80 19.75
N LEU F 31 -38.14 -30.97 19.08
CA LEU F 31 -37.43 -29.81 18.55
C LEU F 31 -38.22 -29.15 17.41
N ILE F 32 -38.84 -29.97 16.57
CA ILE F 32 -39.66 -29.48 15.49
C ILE F 32 -40.84 -28.63 15.99
N HIS F 33 -41.57 -29.14 16.98
CA HIS F 33 -42.71 -28.41 17.58
C HIS F 33 -42.25 -27.15 18.33
N LEU F 34 -41.14 -27.25 19.06
CA LEU F 34 -40.61 -26.05 19.71
C LEU F 34 -40.16 -24.98 18.65
N ALA F 35 -39.54 -25.44 17.56
CA ALA F 35 -39.16 -24.54 16.45
C ALA F 35 -40.35 -23.87 15.73
N SER F 36 -41.43 -24.61 15.50
CA SER F 36 -42.67 -24.01 14.99
C SER F 36 -43.22 -22.96 15.92
N ALA F 37 -43.24 -23.27 17.22
CA ALA F 37 -43.61 -22.32 18.28
C ALA F 37 -42.72 -21.06 18.32
N MET F 38 -41.39 -21.24 18.23
CA MET F 38 -40.51 -20.08 18.11
C MET F 38 -40.94 -19.23 16.93
N GLN F 39 -41.11 -19.87 15.77
CA GLN F 39 -41.51 -19.17 14.54
C GLN F 39 -42.81 -18.36 14.70
N ARG F 40 -43.83 -19.00 15.27
CA ARG F 40 -45.11 -18.34 15.58
C ARG F 40 -44.94 -17.06 16.41
N LYS F 41 -44.20 -17.15 17.51
CA LYS F 41 -43.98 -15.98 18.35
C LYS F 41 -43.17 -14.92 17.63
N ILE F 42 -42.06 -15.32 17.00
CA ILE F 42 -41.21 -14.34 16.33
C ILE F 42 -41.97 -13.65 15.17
N ASP F 43 -42.73 -14.41 14.38
CA ASP F 43 -43.49 -13.82 13.26
C ASP F 43 -44.64 -12.93 13.69
N ALA F 44 -45.18 -13.17 14.88
CA ALA F 44 -46.17 -12.27 15.42
C ALA F 44 -45.52 -11.02 16.02
N GLY F 45 -44.19 -10.93 15.98
CA GLY F 45 -43.47 -9.74 16.48
C GLY F 45 -43.16 -9.73 17.97
N GLU F 46 -43.40 -10.86 18.65
CA GLU F 46 -43.14 -10.94 20.09
C GLU F 46 -41.64 -11.04 20.34
N VAL F 47 -41.21 -10.42 21.43
CA VAL F 47 -39.84 -10.26 21.83
C VAL F 47 -39.60 -11.29 22.94
N LEU F 48 -38.56 -12.11 22.80
CA LEU F 48 -38.27 -13.13 23.83
C LEU F 48 -37.07 -12.75 24.67
N ASN F 49 -37.20 -12.95 25.97
CA ASN F 49 -36.10 -12.68 26.89
C ASN F 49 -35.56 -13.89 27.64
N LEU F 50 -35.66 -15.05 27.01
CA LEU F 50 -35.35 -16.32 27.66
C LEU F 50 -33.89 -16.46 28.09
N LEU F 51 -32.97 -15.81 27.36
CA LEU F 51 -31.56 -16.06 27.59
C LEU F 51 -30.76 -14.80 27.86
N GLN F 52 -31.42 -13.81 28.47
CA GLN F 52 -30.72 -12.58 28.84
C GLN F 52 -29.53 -12.97 29.73
N GLY F 53 -28.38 -12.37 29.45
CA GLY F 53 -27.19 -12.62 30.27
C GLY F 53 -26.35 -13.82 29.86
N ARG F 54 -26.79 -14.56 28.84
CA ARG F 54 -26.05 -15.73 28.36
C ARG F 54 -25.30 -15.41 27.08
N ILE F 55 -24.12 -15.98 26.96
CA ILE F 55 -23.23 -15.66 25.88
C ILE F 55 -22.98 -16.86 24.97
N MET F 56 -23.18 -16.67 23.68
CA MET F 56 -22.73 -17.64 22.69
C MET F 56 -21.44 -17.11 22.04
N THR F 57 -20.41 -17.96 21.94
CA THR F 57 -19.24 -17.60 21.15
C THR F 57 -19.08 -18.49 19.93
N PRO F 58 -19.22 -17.90 18.74
CA PRO F 58 -18.87 -18.60 17.51
C PRO F 58 -17.34 -18.78 17.38
N LEU F 59 -16.91 -19.97 17.00
CA LEU F 59 -15.52 -20.31 16.76
C LEU F 59 -15.46 -20.93 15.36
N PHE F 60 -15.35 -20.09 14.35
CA PHE F 60 -15.40 -20.55 12.94
C PHE F 60 -14.00 -20.55 12.31
N PHE F 61 -13.47 -21.74 12.07
CA PHE F 61 -12.18 -21.86 11.38
C PHE F 61 -12.39 -22.02 9.87
N GLU F 62 -13.64 -22.00 9.41
CA GLU F 62 -13.95 -22.00 7.95
C GLU F 62 -14.98 -20.90 7.70
N ASP F 63 -15.16 -20.51 6.45
CA ASP F 63 -16.19 -19.52 6.15
C ASP F 63 -17.61 -20.08 6.32
N SER F 64 -18.55 -19.18 6.56
CA SER F 64 -19.95 -19.49 6.76
C SER F 64 -20.81 -18.26 6.50
N SER F 65 -21.90 -18.41 5.75
CA SER F 65 -22.92 -17.36 5.72
C SER F 65 -24.13 -17.76 6.55
N ARG F 66 -24.71 -18.93 6.28
CA ARG F 66 -25.92 -19.41 7.00
C ARG F 66 -25.65 -19.78 8.45
N THR F 67 -24.75 -20.72 8.67
CA THR F 67 -24.62 -21.30 9.99
C THR F 67 -24.18 -20.25 11.01
N PHE F 68 -23.12 -19.50 10.70
CA PHE F 68 -22.70 -18.42 11.61
C PHE F 68 -23.86 -17.43 11.90
N SER F 69 -24.41 -16.86 10.82
CA SER F 69 -25.41 -15.79 10.97
C SER F 69 -26.70 -16.27 11.65
N SER F 70 -27.11 -17.45 11.24
CA SER F 70 -28.28 -18.15 11.79
C SER F 70 -28.19 -18.32 13.31
N PHE F 71 -27.05 -18.84 13.76
CA PHE F 71 -26.84 -19.08 15.20
C PHE F 71 -26.77 -17.76 15.94
N CYS F 72 -26.16 -16.75 15.32
CA CYS F 72 -26.11 -15.41 15.96
C CYS F 72 -27.52 -14.85 16.10
N ALA F 73 -28.26 -14.84 15.01
CA ALA F 73 -29.67 -14.38 15.02
C ALA F 73 -30.54 -15.17 16.01
N ALA F 74 -30.43 -16.51 15.99
CA ALA F 74 -31.19 -17.34 16.98
C ALA F 74 -30.90 -16.92 18.42
N MET F 75 -29.62 -16.76 18.74
CA MET F 75 -29.20 -16.34 20.07
C MET F 75 -29.80 -14.99 20.46
N ILE F 76 -29.71 -14.02 19.56
CA ILE F 76 -30.20 -12.66 19.76
C ILE F 76 -31.72 -12.67 19.97
N ARG F 77 -32.44 -13.45 19.17
CA ARG F 77 -33.89 -13.50 19.20
C ARG F 77 -34.45 -14.20 20.44
N LEU F 78 -33.57 -14.88 21.18
CA LEU F 78 -33.92 -15.50 22.46
C LEU F 78 -33.52 -14.57 23.59
N GLY F 79 -32.93 -13.43 23.28
CA GLY F 79 -32.49 -12.45 24.27
C GLY F 79 -31.06 -12.61 24.73
N GLY F 80 -30.34 -13.59 24.15
CA GLY F 80 -28.94 -13.81 24.50
C GLY F 80 -28.02 -12.85 23.76
N SER F 81 -26.73 -13.02 23.97
CA SER F 81 -25.71 -12.15 23.42
C SER F 81 -24.64 -12.98 22.73
N VAL F 82 -23.86 -12.34 21.86
CA VAL F 82 -22.84 -13.02 21.05
C VAL F 82 -21.51 -12.35 21.30
N VAL F 83 -20.47 -13.12 21.58
CA VAL F 83 -19.14 -12.49 21.64
C VAL F 83 -18.45 -12.78 20.32
N ASN F 84 -18.21 -11.75 19.50
CA ASN F 84 -17.80 -11.92 18.09
C ASN F 84 -16.32 -12.25 17.91
N PHE F 85 -15.95 -13.44 18.37
CA PHE F 85 -14.57 -13.91 18.28
C PHE F 85 -14.09 -14.19 16.82
N LYS F 86 -12.83 -13.89 16.53
CA LYS F 86 -12.27 -14.14 15.21
C LYS F 86 -11.00 -14.96 15.34
N VAL F 87 -10.93 -16.09 14.64
CA VAL F 87 -9.71 -16.89 14.64
C VAL F 87 -8.51 -16.14 13.99
N GLU F 88 -8.76 -15.37 12.92
CA GLU F 88 -7.66 -14.80 12.13
C GLU F 88 -7.16 -13.43 12.62
N ALA F 89 -7.84 -12.89 13.63
CA ALA F 89 -7.37 -11.73 14.39
C ALA F 89 -7.10 -12.15 15.86
N SER F 90 -6.64 -13.40 16.04
CA SER F 90 -6.44 -13.98 17.38
C SER F 90 -4.99 -14.40 17.70
N SER F 91 -4.80 -14.89 18.91
CA SER F 91 -3.50 -15.38 19.39
C SER F 91 -3.08 -16.73 18.80
N ILE F 92 -3.94 -17.32 17.96
CA ILE F 92 -3.60 -18.50 17.13
C ILE F 92 -2.41 -18.17 16.20
N ASN F 93 -2.33 -16.92 15.78
CA ASN F 93 -1.18 -16.39 15.00
C ASN F 93 0.15 -16.40 15.77
N LYS F 94 0.08 -16.29 17.09
CA LYS F 94 1.25 -16.34 17.97
C LYS F 94 1.54 -17.77 18.52
N GLY F 95 1.04 -18.79 17.82
CA GLY F 95 1.31 -20.19 18.16
C GLY F 95 0.39 -20.91 19.15
N GLU F 96 -0.76 -20.31 19.48
CA GLU F 96 -1.74 -20.94 20.40
C GLU F 96 -2.45 -22.17 19.80
N THR F 97 -2.58 -23.25 20.58
CA THR F 97 -3.27 -24.50 20.21
C THR F 97 -4.81 -24.45 20.33
N LEU F 98 -5.48 -25.47 19.78
CA LEU F 98 -6.95 -25.55 19.82
C LEU F 98 -7.48 -25.78 21.23
N ALA F 99 -6.88 -26.69 22.00
CA ALA F 99 -7.34 -26.90 23.37
C ALA F 99 -7.24 -25.62 24.21
N ASP F 100 -6.18 -24.83 24.01
CA ASP F 100 -6.00 -23.61 24.79
C ASP F 100 -7.04 -22.57 24.37
N THR F 101 -7.33 -22.54 23.06
CA THR F 101 -8.39 -21.69 22.49
C THR F 101 -9.73 -22.01 23.11
N ILE F 102 -10.06 -23.30 23.18
CA ILE F 102 -11.29 -23.77 23.78
C ILE F 102 -11.37 -23.36 25.25
N ARG F 103 -10.30 -23.58 26.02
CA ARG F 103 -10.29 -23.17 27.41
C ARG F 103 -10.54 -21.66 27.57
N THR F 104 -9.95 -20.87 26.69
CA THR F 104 -10.17 -19.43 26.68
C THR F 104 -11.64 -19.04 26.50
N LEU F 105 -12.24 -19.47 25.41
CA LEU F 105 -13.65 -19.11 25.15
C LEU F 105 -14.56 -19.69 26.23
N ASP F 106 -14.17 -20.83 26.77
CA ASP F 106 -14.85 -21.46 27.90
C ASP F 106 -14.88 -20.58 29.18
N SER F 107 -13.88 -19.73 29.38
CA SER F 107 -13.85 -18.85 30.56
C SER F 107 -14.93 -17.80 30.60
N TYR F 108 -15.48 -17.48 29.42
CA TYR F 108 -16.35 -16.30 29.24
C TYR F 108 -17.78 -16.68 28.89
N SER F 109 -17.94 -17.86 28.29
CA SER F 109 -19.14 -18.25 27.52
C SER F 109 -20.02 -19.24 28.20
N ASP F 110 -21.25 -19.31 27.72
CA ASP F 110 -22.24 -20.31 28.14
C ASP F 110 -22.34 -21.42 27.11
N VAL F 111 -22.04 -21.10 25.85
CA VAL F 111 -22.12 -22.09 24.75
C VAL F 111 -21.16 -21.68 23.65
N LEU F 112 -20.49 -22.69 23.08
CA LEU F 112 -19.53 -22.56 21.98
C LEU F 112 -20.14 -23.17 20.72
N VAL F 113 -19.97 -22.49 19.58
CA VAL F 113 -20.45 -23.00 18.28
C VAL F 113 -19.23 -23.09 17.35
N MET F 114 -18.86 -24.31 16.97
CA MET F 114 -17.54 -24.51 16.37
C MET F 114 -17.65 -25.16 15.00
N ARG F 115 -17.04 -24.49 14.03
CA ARG F 115 -16.84 -25.08 12.72
C ARG F 115 -15.33 -25.16 12.45
N HIS F 116 -14.87 -26.32 12.00
CA HIS F 116 -13.42 -26.59 11.87
C HIS F 116 -13.15 -27.53 10.71
N PRO F 117 -12.06 -27.31 9.94
CA PRO F 117 -11.86 -28.17 8.75
C PRO F 117 -11.45 -29.64 9.05
N ARG F 118 -11.08 -29.98 10.28
CA ARG F 118 -10.73 -31.36 10.66
C ARG F 118 -11.89 -32.04 11.40
N GLN F 119 -12.17 -33.29 11.03
CA GLN F 119 -13.27 -34.05 11.63
C GLN F 119 -13.03 -34.29 13.11
N ASP F 120 -11.77 -34.39 13.51
CA ASP F 120 -11.45 -34.82 14.86
C ASP F 120 -11.32 -33.62 15.84
N ALA F 121 -11.50 -32.42 15.30
CA ALA F 121 -11.36 -31.20 16.09
C ALA F 121 -12.44 -31.06 17.17
N ILE F 122 -13.66 -31.50 16.85
CA ILE F 122 -14.74 -31.46 17.82
C ILE F 122 -14.45 -32.35 19.07
N GLU F 123 -13.97 -33.57 18.85
CA GLU F 123 -13.63 -34.49 19.96
C GLU F 123 -12.48 -33.93 20.81
N GLU F 124 -11.51 -33.31 20.13
CA GLU F 124 -10.43 -32.63 20.82
C GLU F 124 -10.97 -31.48 21.68
N ALA F 125 -11.93 -30.71 21.15
CA ALA F 125 -12.52 -29.57 21.87
C ALA F 125 -13.33 -30.06 23.08
N LEU F 126 -14.13 -31.10 22.85
CA LEU F 126 -14.92 -31.76 23.89
C LEU F 126 -14.12 -32.24 25.10
N SER F 127 -12.91 -32.71 24.88
CA SER F 127 -12.10 -33.26 25.95
C SER F 127 -11.68 -32.18 26.95
N VAL F 128 -11.74 -30.90 26.57
CA VAL F 128 -11.40 -29.83 27.52
C VAL F 128 -12.54 -28.85 27.87
N ALA F 129 -13.67 -28.91 27.17
CA ALA F 129 -14.72 -27.91 27.33
C ALA F 129 -15.56 -28.15 28.57
N GLN F 130 -15.91 -27.08 29.28
CA GLN F 130 -16.83 -27.22 30.41
C GLN F 130 -18.24 -26.87 30.00
N HIS F 131 -18.39 -26.03 28.98
CA HIS F 131 -19.73 -25.69 28.51
C HIS F 131 -20.04 -26.47 27.23
N PRO F 132 -21.33 -26.55 26.84
CA PRO F 132 -21.65 -27.29 25.62
C PRO F 132 -21.02 -26.67 24.39
N ILE F 133 -20.56 -27.54 23.50
CA ILE F 133 -20.08 -27.17 22.16
C ILE F 133 -21.09 -27.68 21.13
N LEU F 134 -21.52 -26.80 20.24
CA LEU F 134 -22.39 -27.22 19.15
C LEU F 134 -21.60 -27.37 17.84
N ASN F 135 -21.68 -28.51 17.21
CA ASN F 135 -20.90 -28.80 16.02
C ASN F 135 -21.50 -28.11 14.79
N ALA F 136 -20.87 -27.05 14.30
CA ALA F 136 -21.38 -26.36 13.16
C ALA F 136 -20.73 -26.84 11.84
N GLY F 137 -20.02 -27.98 11.92
CA GLY F 137 -19.42 -28.67 10.76
C GLY F 137 -17.99 -29.08 11.06
N ASN F 138 -17.72 -30.38 11.01
CA ASN F 138 -16.35 -30.84 11.29
C ASN F 138 -15.76 -31.56 10.07
N GLY F 139 -15.00 -30.81 9.27
CA GLY F 139 -14.42 -31.34 8.03
C GLY F 139 -15.53 -31.92 7.20
N ALA F 140 -15.30 -33.11 6.66
CA ALA F 140 -16.30 -33.79 5.87
C ALA F 140 -17.10 -34.79 6.73
N GLY F 141 -17.11 -34.58 8.05
CA GLY F 141 -17.81 -35.43 8.99
C GLY F 141 -19.30 -35.15 9.02
N GLU F 142 -19.70 -34.28 9.92
CA GLU F 142 -21.09 -33.94 10.15
C GLU F 142 -21.49 -32.45 10.30
N HIS F 143 -22.77 -32.21 10.17
CA HIS F 143 -23.42 -30.92 10.34
C HIS F 143 -24.79 -31.25 10.96
N PRO F 144 -24.73 -31.61 12.29
CA PRO F 144 -25.99 -32.04 12.90
C PRO F 144 -27.17 -31.08 12.94
N THR F 145 -26.95 -29.81 13.22
CA THR F 145 -28.00 -28.82 13.26
C THR F 145 -28.60 -28.68 11.87
N GLN F 146 -27.79 -28.82 10.84
CA GLN F 146 -28.33 -28.83 9.47
C GLN F 146 -29.29 -29.99 9.23
N ALA F 147 -28.91 -31.16 9.64
CA ALA F 147 -29.85 -32.29 9.57
C ALA F 147 -31.20 -31.97 10.28
N LEU F 148 -31.12 -31.34 11.46
CA LEU F 148 -32.34 -30.99 12.22
C LEU F 148 -33.21 -29.99 11.49
N LEU F 149 -32.58 -28.92 10.96
CA LEU F 149 -33.37 -27.87 10.29
C LEU F 149 -33.92 -28.41 8.94
N ASP F 150 -33.18 -29.31 8.31
CA ASP F 150 -33.61 -29.95 7.06
C ASP F 150 -34.84 -30.84 7.28
N THR F 151 -34.81 -31.62 8.35
CA THR F 151 -35.95 -32.41 8.77
C THR F 151 -37.14 -31.54 9.18
N LEU F 152 -36.90 -30.46 9.93
CA LEU F 152 -37.94 -29.46 10.16
C LEU F 152 -38.56 -28.99 8.84
N THR F 153 -37.70 -28.70 7.86
CA THR F 153 -38.16 -28.24 6.54
C THR F 153 -39.07 -29.28 5.87
N ILE F 154 -38.61 -30.53 5.78
CA ILE F 154 -39.44 -31.61 5.23
C ILE F 154 -40.80 -31.70 5.93
N HIS F 155 -40.76 -31.82 7.26
CA HIS F 155 -41.95 -31.90 8.10
C HIS F 155 -42.90 -30.76 7.78
N SER F 156 -42.41 -29.52 7.79
CA SER F 156 -43.28 -28.35 7.60
C SER F 156 -43.91 -28.23 6.22
N GLU F 157 -43.12 -28.54 5.19
CA GLU F 157 -43.53 -28.35 3.80
C GLU F 157 -44.37 -29.47 3.27
N LEU F 158 -44.04 -30.71 3.62
CA LEU F 158 -44.75 -31.88 3.08
C LEU F 158 -45.74 -32.49 4.06
N GLY F 159 -45.57 -32.22 5.35
CA GLY F 159 -46.51 -32.71 6.33
C GLY F 159 -46.10 -34.02 6.98
N SER F 160 -45.16 -34.74 6.39
CA SER F 160 -44.75 -36.02 6.94
C SER F 160 -43.31 -36.28 6.54
N VAL F 161 -42.55 -37.00 7.37
CA VAL F 161 -41.21 -37.43 7.03
C VAL F 161 -41.21 -38.95 6.76
N ASP F 162 -41.88 -39.71 7.62
CA ASP F 162 -42.10 -41.15 7.35
C ASP F 162 -42.71 -41.31 5.98
N GLY F 163 -42.23 -42.30 5.22
CA GLY F 163 -42.88 -42.66 3.94
C GLY F 163 -42.34 -41.89 2.74
N ILE F 164 -41.42 -40.97 2.98
CA ILE F 164 -40.91 -40.21 1.85
C ILE F 164 -39.87 -40.97 1.03
N THR F 165 -39.76 -40.53 -0.22
CA THR F 165 -38.67 -40.95 -1.09
C THR F 165 -37.80 -39.72 -1.26
N ILE F 166 -36.53 -39.83 -0.87
CA ILE F 166 -35.62 -38.70 -0.96
C ILE F 166 -34.39 -39.01 -1.85
N ALA F 167 -34.04 -38.06 -2.70
CA ALA F 167 -32.74 -38.13 -3.38
C ALA F 167 -31.71 -37.21 -2.69
N LEU F 168 -30.53 -37.76 -2.45
CA LEU F 168 -29.37 -37.01 -1.97
C LEU F 168 -28.43 -36.94 -3.17
N ILE F 169 -28.13 -35.70 -3.60
CA ILE F 169 -27.54 -35.42 -4.91
C ILE F 169 -26.29 -34.58 -4.73
N GLY F 170 -25.24 -34.94 -5.47
CA GLY F 170 -24.05 -34.10 -5.54
C GLY F 170 -22.84 -34.77 -4.93
N ASP F 171 -22.10 -34.04 -4.11
CA ASP F 171 -20.85 -34.57 -3.58
C ASP F 171 -21.17 -35.21 -2.22
N LEU F 172 -21.65 -36.44 -2.29
CA LEU F 172 -22.03 -37.22 -1.14
C LEU F 172 -20.81 -37.66 -0.32
N LYS F 173 -19.64 -37.74 -0.97
CA LYS F 173 -18.42 -38.16 -0.27
C LYS F 173 -18.00 -37.12 0.76
N MET F 174 -17.92 -35.86 0.35
CA MET F 174 -17.40 -34.80 1.21
C MET F 174 -18.49 -33.99 1.93
N GLY F 175 -19.75 -34.19 1.54
CA GLY F 175 -20.86 -33.36 2.04
C GLY F 175 -21.27 -33.78 3.43
N ARG F 176 -20.82 -33.00 4.43
CA ARG F 176 -21.14 -33.30 5.81
C ARG F 176 -22.63 -33.19 6.06
N THR F 177 -23.34 -32.35 5.29
CA THR F 177 -24.80 -32.22 5.46
C THR F 177 -25.58 -33.49 5.06
N VAL F 178 -25.20 -34.16 3.97
CA VAL F 178 -25.89 -35.36 3.56
C VAL F 178 -25.50 -36.53 4.46
N HIS F 179 -24.31 -36.48 5.06
CA HIS F 179 -23.94 -37.51 6.00
C HIS F 179 -24.86 -37.44 7.20
N SER F 180 -25.06 -36.23 7.76
CA SER F 180 -25.90 -36.06 8.93
C SER F 180 -27.38 -36.32 8.63
N LEU F 181 -27.84 -35.82 7.48
CA LEU F 181 -29.24 -36.01 7.08
C LEU F 181 -29.56 -37.52 6.88
N LEU F 182 -28.71 -38.24 6.16
CA LEU F 182 -28.98 -39.67 5.96
C LEU F 182 -29.11 -40.40 7.30
N LYS F 183 -28.19 -40.12 8.23
CA LYS F 183 -28.22 -40.73 9.56
C LYS F 183 -29.50 -40.45 10.33
N LEU F 184 -29.89 -39.18 10.35
CA LEU F 184 -31.02 -38.71 11.11
C LEU F 184 -32.36 -39.28 10.57
N LEU F 185 -32.49 -39.32 9.24
CA LEU F 185 -33.69 -39.84 8.60
C LEU F 185 -33.78 -41.37 8.74
N VAL F 186 -32.67 -42.07 8.45
CA VAL F 186 -32.71 -43.53 8.51
C VAL F 186 -32.86 -44.04 9.94
N ARG F 187 -32.16 -43.40 10.89
CA ARG F 187 -32.27 -43.84 12.27
C ARG F 187 -33.64 -43.64 12.89
N ASN F 188 -34.36 -42.58 12.49
CA ASN F 188 -35.51 -42.15 13.30
C ASN F 188 -36.88 -42.10 12.62
N PHE F 189 -36.90 -42.41 11.33
CA PHE F 189 -38.10 -42.35 10.51
C PHE F 189 -38.15 -43.56 9.60
N SER F 190 -39.32 -43.84 9.05
CA SER F 190 -39.50 -44.89 8.07
C SER F 190 -39.43 -44.32 6.68
N ILE F 191 -38.23 -44.20 6.15
CA ILE F 191 -38.05 -43.64 4.82
C ILE F 191 -38.36 -44.74 3.85
N LYS F 192 -39.16 -44.43 2.84
CA LYS F 192 -39.49 -45.42 1.81
C LYS F 192 -38.26 -45.79 0.95
N CYS F 193 -37.59 -44.78 0.41
CA CYS F 193 -36.54 -44.97 -0.58
C CYS F 193 -35.59 -43.77 -0.54
N VAL F 194 -34.28 -44.07 -0.59
CA VAL F 194 -33.24 -43.06 -0.79
C VAL F 194 -32.52 -43.32 -2.13
N PHE F 195 -32.54 -42.32 -3.02
CA PHE F 195 -31.64 -42.28 -4.18
C PHE F 195 -30.35 -41.54 -3.83
N LEU F 196 -29.21 -42.19 -4.08
CA LEU F 196 -27.91 -41.59 -3.87
C LEU F 196 -27.39 -41.23 -5.27
N VAL F 197 -27.51 -39.96 -5.64
CA VAL F 197 -27.24 -39.46 -6.99
C VAL F 197 -25.91 -38.72 -6.97
N ALA F 198 -24.87 -39.38 -7.50
CA ALA F 198 -23.52 -38.84 -7.45
C ALA F 198 -22.68 -39.55 -8.49
N PRO F 199 -21.65 -38.88 -9.01
CA PRO F 199 -20.64 -39.66 -9.70
C PRO F 199 -20.02 -40.68 -8.73
N ASP F 200 -19.65 -41.85 -9.25
CA ASP F 200 -19.00 -42.92 -8.47
C ASP F 200 -17.97 -42.43 -7.43
N ALA F 201 -17.02 -41.59 -7.88
CA ALA F 201 -15.92 -41.11 -7.01
C ALA F 201 -16.40 -40.28 -5.82
N LEU F 202 -17.62 -39.74 -5.93
CA LEU F 202 -18.20 -38.90 -4.88
C LEU F 202 -19.47 -39.51 -4.23
N GLN F 203 -19.60 -40.85 -4.30
CA GLN F 203 -20.75 -41.56 -3.71
C GLN F 203 -20.73 -41.48 -2.19
N MET F 204 -21.88 -41.78 -1.56
CA MET F 204 -22.00 -41.78 -0.09
C MET F 204 -20.93 -42.72 0.56
N PRO F 205 -20.14 -42.24 1.55
CA PRO F 205 -19.06 -43.13 2.02
C PRO F 205 -19.61 -44.37 2.70
N GLN F 206 -18.87 -45.46 2.55
CA GLN F 206 -19.15 -46.70 3.25
C GLN F 206 -19.12 -46.55 4.80
N ASP F 207 -18.31 -45.61 5.32
CA ASP F 207 -18.30 -45.32 6.77
C ASP F 207 -19.60 -44.66 7.29
N VAL F 208 -20.45 -44.19 6.37
CA VAL F 208 -21.77 -43.68 6.71
C VAL F 208 -22.81 -44.79 6.49
N LEU F 209 -22.75 -45.47 5.34
CA LEU F 209 -23.77 -46.47 4.97
C LEU F 209 -23.75 -47.75 5.83
N GLU F 210 -22.55 -48.21 6.18
CA GLU F 210 -22.37 -49.46 6.90
C GLU F 210 -23.01 -49.47 8.32
N PRO F 211 -22.77 -48.44 9.15
CA PRO F 211 -23.50 -48.44 10.43
C PRO F 211 -25.03 -48.35 10.31
N LEU F 212 -25.56 -47.91 9.16
CA LEU F 212 -27.00 -47.77 8.97
C LEU F 212 -27.66 -49.03 8.43
N GLN F 213 -26.82 -50.01 8.07
CA GLN F 213 -27.26 -51.22 7.34
C GLN F 213 -28.35 -51.93 8.09
N HIS F 214 -28.22 -51.97 9.41
CA HIS F 214 -29.25 -52.56 10.25
C HIS F 214 -30.59 -51.83 10.23
N GLU F 215 -30.59 -50.51 10.38
CA GLU F 215 -31.86 -49.78 10.30
C GLU F 215 -32.47 -49.89 8.89
N ILE F 216 -31.62 -49.84 7.85
CA ILE F 216 -32.07 -50.02 6.46
C ILE F 216 -32.83 -51.36 6.34
N ALA F 217 -32.20 -52.44 6.80
CA ALA F 217 -32.82 -53.79 6.73
C ALA F 217 -34.12 -53.86 7.58
N THR F 218 -34.04 -53.38 8.81
CA THR F 218 -35.15 -53.41 9.81
C THR F 218 -36.39 -52.66 9.31
N LYS F 219 -36.17 -51.51 8.67
CA LYS F 219 -37.27 -50.68 8.19
C LYS F 219 -37.62 -50.95 6.73
N GLY F 220 -36.84 -51.81 6.07
CA GLY F 220 -37.05 -52.12 4.66
C GLY F 220 -36.80 -50.94 3.72
N VAL F 221 -35.84 -50.08 4.06
CA VAL F 221 -35.61 -48.89 3.24
C VAL F 221 -34.98 -49.34 1.91
N ILE F 222 -35.46 -48.81 0.81
CA ILE F 222 -34.86 -49.07 -0.50
C ILE F 222 -33.71 -48.05 -0.75
N ILE F 223 -32.51 -48.55 -1.04
CA ILE F 223 -31.39 -47.68 -1.43
C ILE F 223 -31.01 -47.93 -2.89
N HIS F 224 -31.08 -46.92 -3.75
CA HIS F 224 -30.54 -47.00 -5.11
C HIS F 224 -29.46 -45.94 -5.35
N ARG F 225 -28.34 -46.37 -5.93
CA ARG F 225 -27.33 -45.43 -6.42
C ARG F 225 -27.61 -45.12 -7.89
N THR F 226 -27.44 -43.87 -8.28
CA THR F 226 -27.51 -43.48 -9.69
C THR F 226 -26.39 -42.49 -9.92
N HIS F 227 -26.11 -42.21 -11.19
CA HIS F 227 -25.17 -41.13 -11.51
C HIS F 227 -25.89 -40.00 -12.28
N ALA F 228 -27.22 -39.98 -12.18
CA ALA F 228 -28.06 -39.04 -12.93
C ALA F 228 -29.41 -38.87 -12.25
N LEU F 229 -29.96 -37.67 -12.38
CA LEU F 229 -31.37 -37.44 -12.14
C LEU F 229 -32.25 -38.09 -13.24
N THR F 230 -32.44 -39.41 -13.15
CA THR F 230 -33.22 -40.14 -14.19
C THR F 230 -34.68 -39.75 -14.10
N ASP F 231 -35.45 -40.14 -15.11
CA ASP F 231 -36.91 -39.92 -15.08
C ASP F 231 -37.48 -40.50 -13.82
N GLU F 232 -36.94 -41.64 -13.40
CA GLU F 232 -37.46 -42.32 -12.24
C GLU F 232 -37.15 -41.57 -10.95
N VAL F 233 -35.91 -41.12 -10.75
CA VAL F 233 -35.61 -40.28 -9.60
C VAL F 233 -36.56 -39.06 -9.55
N MET F 234 -36.77 -38.41 -10.70
CA MET F 234 -37.63 -37.21 -10.76
C MET F 234 -39.11 -37.52 -10.47
N GLN F 235 -39.57 -38.68 -10.92
CA GLN F 235 -40.99 -39.02 -10.80
C GLN F 235 -41.34 -39.51 -9.43
N LYS F 236 -40.39 -40.14 -8.73
CA LYS F 236 -40.72 -40.78 -7.46
C LYS F 236 -40.33 -39.99 -6.21
N SER F 237 -39.42 -39.01 -6.36
CA SER F 237 -38.92 -38.29 -5.18
C SER F 237 -39.89 -37.23 -4.66
N ASP F 238 -40.13 -37.30 -3.36
CA ASP F 238 -40.80 -36.24 -2.63
C ASP F 238 -39.85 -35.09 -2.27
N VAL F 239 -38.57 -35.40 -2.13
CA VAL F 239 -37.57 -34.40 -1.81
C VAL F 239 -36.35 -34.64 -2.71
N LEU F 240 -35.92 -33.58 -3.42
CA LEU F 240 -34.64 -33.57 -4.13
C LEU F 240 -33.73 -32.68 -3.27
N TYR F 241 -32.77 -33.32 -2.62
CA TYR F 241 -31.86 -32.59 -1.74
C TYR F 241 -30.53 -32.53 -2.43
N THR F 242 -30.21 -31.36 -2.98
CA THR F 242 -29.00 -31.28 -3.75
C THR F 242 -27.90 -30.45 -3.07
N THR F 243 -26.69 -30.71 -3.47
CA THR F 243 -25.52 -30.09 -2.93
C THR F 243 -24.53 -29.67 -3.99
N ARG F 244 -23.61 -28.85 -3.59
CA ARG F 244 -22.55 -28.30 -4.36
C ARG F 244 -21.37 -29.26 -4.50
N LEU F 245 -20.77 -29.34 -5.66
CA LEU F 245 -19.59 -30.17 -5.83
C LEU F 245 -18.41 -29.40 -5.19
N GLN F 246 -17.66 -30.02 -4.27
CA GLN F 246 -16.55 -29.30 -3.63
C GLN F 246 -15.13 -29.76 -3.90
N ASP F 257 -7.85 -36.89 -9.70
CA ASP F 257 -8.31 -36.67 -11.08
C ASP F 257 -9.66 -37.34 -11.41
N ALA F 258 -9.84 -38.59 -11.00
CA ALA F 258 -11.10 -39.30 -11.15
C ALA F 258 -12.33 -38.45 -10.76
N ALA F 259 -12.30 -37.87 -9.56
CA ALA F 259 -13.39 -37.03 -9.08
C ALA F 259 -13.74 -35.87 -10.02
N ALA F 260 -12.72 -35.11 -10.42
CA ALA F 260 -12.88 -33.99 -11.36
C ALA F 260 -13.53 -34.44 -12.67
N LEU F 261 -13.03 -35.52 -13.24
CA LEU F 261 -13.48 -35.94 -14.55
C LEU F 261 -14.88 -36.53 -14.52
N GLN F 262 -15.19 -37.31 -13.48
CA GLN F 262 -16.51 -37.90 -13.32
C GLN F 262 -17.55 -36.83 -12.98
N SER F 263 -17.17 -35.88 -12.13
CA SER F 263 -18.01 -34.71 -11.82
C SER F 263 -18.37 -33.97 -13.10
N PHE F 264 -17.35 -33.57 -13.87
CA PHE F 264 -17.63 -32.92 -15.13
C PHE F 264 -18.60 -33.79 -15.97
N ALA F 265 -18.33 -35.08 -16.09
CA ALA F 265 -19.15 -35.93 -16.95
C ALA F 265 -20.62 -35.99 -16.48
N ALA F 266 -20.85 -35.96 -15.17
CA ALA F 266 -22.21 -36.09 -14.61
C ALA F 266 -22.94 -34.75 -14.45
N LYS F 267 -22.22 -33.64 -14.68
CA LYS F 267 -22.68 -32.33 -14.25
C LYS F 267 -24.11 -31.98 -14.73
N ALA F 268 -24.32 -32.04 -16.04
CA ALA F 268 -25.60 -31.73 -16.63
C ALA F 268 -26.69 -32.69 -16.14
N ASP F 269 -26.38 -33.98 -16.03
CA ASP F 269 -27.31 -35.01 -15.51
C ASP F 269 -27.78 -34.82 -14.06
N ILE F 270 -26.99 -34.12 -13.24
CA ILE F 270 -27.38 -33.97 -11.84
C ILE F 270 -27.77 -32.51 -11.55
N THR F 271 -27.92 -31.72 -12.60
CA THR F 271 -28.34 -30.32 -12.48
C THR F 271 -29.87 -30.25 -12.40
N ILE F 272 -30.39 -29.47 -11.46
CA ILE F 272 -31.84 -29.26 -11.41
C ILE F 272 -32.16 -27.90 -12.04
N ASP F 273 -32.96 -27.90 -13.10
CA ASP F 273 -33.37 -26.63 -13.70
C ASP F 273 -34.89 -26.71 -13.99
N ALA F 274 -35.47 -25.61 -14.50
CA ALA F 274 -36.90 -25.60 -14.81
C ALA F 274 -37.27 -26.75 -15.79
N ALA F 275 -36.42 -27.01 -16.77
CA ALA F 275 -36.67 -28.10 -17.72
C ALA F 275 -36.70 -29.47 -17.03
N ARG F 276 -35.74 -29.75 -16.16
CA ARG F 276 -35.80 -31.01 -15.40
C ARG F 276 -37.03 -31.07 -14.45
N MET F 277 -37.38 -29.94 -13.84
CA MET F 277 -38.55 -29.89 -12.92
C MET F 277 -39.90 -30.27 -13.59
N ARG F 278 -39.94 -30.27 -14.93
CA ARG F 278 -41.15 -30.65 -15.67
C ARG F 278 -41.48 -32.12 -15.42
N LEU F 279 -40.48 -32.90 -15.04
CA LEU F 279 -40.66 -34.31 -14.68
C LEU F 279 -41.01 -34.58 -13.20
N ALA F 280 -40.89 -33.57 -12.34
CA ALA F 280 -41.10 -33.72 -10.89
C ALA F 280 -42.58 -33.84 -10.53
N LYS F 281 -42.86 -34.49 -9.39
CA LYS F 281 -44.21 -34.55 -8.83
C LYS F 281 -44.76 -33.14 -8.65
N GLU F 282 -46.09 -33.02 -8.68
CA GLU F 282 -46.75 -31.73 -8.49
C GLU F 282 -46.51 -31.26 -7.06
N LYS F 283 -46.45 -32.19 -6.13
CA LYS F 283 -46.20 -31.81 -4.75
C LYS F 283 -44.96 -32.51 -4.23
N MET F 284 -43.88 -31.73 -4.06
CA MET F 284 -42.56 -32.27 -3.68
C MET F 284 -41.77 -31.03 -3.32
N ILE F 285 -40.55 -31.16 -2.77
CA ILE F 285 -39.69 -29.99 -2.55
C ILE F 285 -38.26 -30.24 -3.02
N VAL F 286 -37.66 -29.18 -3.55
CA VAL F 286 -36.24 -29.11 -3.83
C VAL F 286 -35.57 -28.40 -2.63
N MET F 287 -34.51 -29.02 -2.10
CA MET F 287 -33.76 -28.49 -0.98
C MET F 287 -32.31 -28.39 -1.37
N HIS F 288 -31.60 -27.48 -0.70
CA HIS F 288 -30.15 -27.34 -0.92
C HIS F 288 -29.66 -26.69 0.41
N PRO F 289 -28.68 -27.29 1.10
CA PRO F 289 -28.24 -26.60 2.33
C PRO F 289 -27.57 -25.25 2.03
N LEU F 290 -27.11 -25.05 0.79
CA LEU F 290 -26.41 -23.83 0.35
C LEU F 290 -24.99 -23.65 0.97
N PRO F 291 -24.10 -22.90 0.31
CA PRO F 291 -24.26 -22.15 -0.94
C PRO F 291 -24.35 -23.09 -2.15
N ARG F 292 -25.06 -22.63 -3.16
CA ARG F 292 -25.20 -23.36 -4.42
C ARG F 292 -24.27 -22.76 -5.45
N ASN F 293 -23.86 -23.56 -6.42
CA ASN F 293 -23.31 -23.04 -7.65
C ASN F 293 -24.29 -23.44 -8.76
N ASP F 294 -23.80 -23.85 -9.93
CA ASP F 294 -24.66 -24.10 -11.11
C ASP F 294 -25.47 -25.38 -11.09
N GLU F 295 -25.28 -26.23 -10.07
CA GLU F 295 -26.06 -27.48 -9.94
C GLU F 295 -27.55 -27.20 -9.65
N LEU F 296 -27.86 -26.01 -9.17
CA LEU F 296 -29.25 -25.64 -8.89
C LEU F 296 -29.52 -24.31 -9.57
N SER F 297 -30.13 -24.40 -10.74
CA SER F 297 -30.35 -23.23 -11.59
C SER F 297 -31.31 -22.21 -10.95
N THR F 298 -31.02 -20.95 -11.17
CA THR F 298 -31.88 -19.85 -10.72
C THR F 298 -33.26 -19.89 -11.40
N THR F 299 -33.37 -20.63 -12.50
CA THR F 299 -34.68 -20.79 -13.17
C THR F 299 -35.71 -21.55 -12.30
N VAL F 300 -35.26 -22.16 -11.20
CA VAL F 300 -36.12 -22.95 -10.31
C VAL F 300 -36.65 -22.06 -9.17
N ASP F 301 -35.98 -20.93 -8.96
CA ASP F 301 -36.20 -20.10 -7.77
C ASP F 301 -37.66 -19.64 -7.62
N ALA F 302 -38.36 -19.47 -8.74
CA ALA F 302 -39.73 -19.02 -8.66
C ALA F 302 -40.76 -20.17 -8.54
N ASP F 303 -40.33 -21.42 -8.61
CA ASP F 303 -41.24 -22.54 -8.49
C ASP F 303 -41.70 -22.69 -7.02
N PRO F 304 -43.01 -22.88 -6.76
CA PRO F 304 -43.46 -23.10 -5.38
C PRO F 304 -42.72 -24.30 -4.69
N ARG F 305 -42.19 -25.22 -5.48
CA ARG F 305 -41.46 -26.38 -4.92
C ARG F 305 -40.04 -26.08 -4.44
N ALA F 306 -39.50 -24.95 -4.87
CA ALA F 306 -38.20 -24.45 -4.39
C ALA F 306 -38.28 -24.03 -2.91
N ALA F 307 -37.80 -24.88 -2.02
CA ALA F 307 -37.93 -24.66 -0.57
C ALA F 307 -36.59 -24.25 0.07
N TYR F 308 -35.56 -24.13 -0.75
CA TYR F 308 -34.19 -23.86 -0.24
C TYR F 308 -33.97 -22.44 0.36
N PHE F 309 -34.86 -21.47 0.07
CA PHE F 309 -34.79 -20.18 0.76
C PHE F 309 -35.51 -20.26 2.10
N ARG F 310 -36.69 -20.87 2.12
CA ARG F 310 -37.48 -21.07 3.36
C ARG F 310 -36.69 -21.91 4.34
N GLN F 311 -35.96 -22.88 3.79
CA GLN F 311 -35.07 -23.75 4.53
C GLN F 311 -34.12 -22.97 5.42
N MET F 312 -33.61 -21.85 4.93
CA MET F 312 -32.71 -21.03 5.75
C MET F 312 -33.43 -20.45 6.96
N ARG F 313 -34.67 -20.00 6.73
CA ARG F 313 -35.47 -19.40 7.78
C ARG F 313 -35.88 -20.45 8.85
N TYR F 314 -36.36 -21.62 8.41
CA TYR F 314 -36.45 -22.81 9.30
C TYR F 314 -35.16 -23.08 10.11
N GLY F 315 -33.99 -22.82 9.50
CA GLY F 315 -32.73 -22.97 10.21
C GLY F 315 -32.63 -22.11 11.45
N MET F 316 -33.06 -20.86 11.35
CA MET F 316 -33.02 -19.95 12.49
C MET F 316 -33.92 -20.44 13.64
N PHE F 317 -35.14 -20.87 13.29
CA PHE F 317 -36.08 -21.30 14.30
C PHE F 317 -35.66 -22.59 14.96
N MET F 318 -35.11 -23.53 14.18
CA MET F 318 -34.55 -24.75 14.73
C MET F 318 -33.36 -24.41 15.65
N ARG F 319 -32.57 -23.41 15.27
CA ARG F 319 -31.44 -23.03 16.12
C ARG F 319 -31.88 -22.30 17.41
N MET F 320 -32.99 -21.58 17.34
CA MET F 320 -33.67 -21.06 18.56
C MET F 320 -34.09 -22.22 19.49
N ALA F 321 -34.72 -23.24 18.92
CA ALA F 321 -35.20 -24.39 19.70
C ALA F 321 -34.02 -25.10 20.38
N ILE F 322 -32.96 -25.32 19.60
CA ILE F 322 -31.72 -25.94 20.07
C ILE F 322 -31.05 -25.19 21.21
N LEU F 323 -30.84 -23.87 21.02
CA LEU F 323 -30.11 -23.10 22.01
C LEU F 323 -30.88 -23.00 23.31
N TRP F 324 -32.19 -22.83 23.20
CA TRP F 324 -33.03 -22.67 24.38
C TRP F 324 -33.05 -24.01 25.11
N SER F 325 -33.19 -25.10 24.38
CA SER F 325 -33.14 -26.43 24.98
C SER F 325 -31.80 -26.69 25.70
N VAL F 326 -30.68 -26.30 25.07
CA VAL F 326 -29.34 -26.56 25.66
C VAL F 326 -29.13 -25.75 26.94
N LEU F 327 -29.63 -24.51 26.92
CA LEU F 327 -29.31 -23.54 27.96
C LEU F 327 -30.41 -23.28 29.02
N ALA F 328 -31.61 -23.85 28.86
CA ALA F 328 -32.74 -23.59 29.76
C ALA F 328 -32.48 -24.05 31.19
#